data_2WYA
#
_entry.id   2WYA
#
_cell.length_a   66.410
_cell.length_b   83.514
_cell.length_c   101.442
_cell.angle_alpha   100.00
_cell.angle_beta   108.08
_cell.angle_gamma   96.30
#
_symmetry.space_group_name_H-M   'P 1'
#
loop_
_entity.id
_entity.type
_entity.pdbx_description
1 polymer 'HYDROXYMETHYLGLUTARYL-COA SYNTHASE, MITOCHONDRIAL'
2 non-polymer '3-HYDROXY-3-METHYLGLUTARYL-COENZYME A'
3 non-polymer GLYCEROL
4 water water
#
_entity_poly.entity_id   1
_entity_poly.type   'polypeptide(L)'
_entity_poly.pdbx_seq_one_letter_code
;SMPKDVGILALEVYFPAQYVDQTDLEKYNNVEAGKYTVGLGQTRMGFCSVQEDINSLCLTVVQRLMERIQLPWDSVGRLE
VGTETIIDKSKAVKTVLMELFQDSGNTDIEGIDTTNACYGGTASLFNAANWMESSSWDGRYAMVVCGDIAVYPSGNARPT
GGAGAVAMLIGPKAPLALERGLRGTHMENVYDFYKPNLASEYPIVDGKLSIQCYLRALDRCYTSYRKKIQNQWKQAGSDR
PFTLDDLQYMIFHTPFCKMVQKSLARLMFNDFLSASSDTQTSLYKGLEAFGGLKLEDTYTNKDLDKALLKASQDMFDKKT
KASLYLSTHNGNMYTSSLYGCLASLLSHHSAQELAGSRIGAFSYGSGLAASFFSFRVSQDAAPGSPLDKLVSSTSDLPKR
LASRKCVSPEEFTEIMNQREQFYHKVNFSPPGDTNSLFPGTWYLERVDEQHRRKYARRPV
;
_entity_poly.pdbx_strand_id   A,B,C,D
#
# COMPACT_ATOMS: atom_id res chain seq x y z
N SER A 1 -9.36 39.39 12.68
CA SER A 1 -9.24 38.50 11.53
C SER A 1 -8.90 37.08 11.96
N MET A 2 -9.94 36.26 12.09
CA MET A 2 -9.76 34.86 12.43
C MET A 2 -9.08 34.13 11.27
N PRO A 3 -8.08 33.29 11.57
CA PRO A 3 -7.37 32.57 10.50
C PRO A 3 -8.33 31.67 9.73
N LYS A 4 -8.08 31.51 8.43
CA LYS A 4 -8.96 30.76 7.56
C LYS A 4 -8.56 29.29 7.45
N ASP A 5 -9.56 28.44 7.26
CA ASP A 5 -9.35 27.02 6.98
C ASP A 5 -8.46 26.34 8.00
N VAL A 6 -8.74 26.58 9.28
CA VAL A 6 -8.01 25.89 10.34
C VAL A 6 -8.25 24.39 10.23
N GLY A 7 -7.19 23.60 10.30
CA GLY A 7 -7.33 22.16 10.19
C GLY A 7 -6.02 21.43 10.16
N ILE A 8 -6.05 20.21 9.63
CA ILE A 8 -4.90 19.32 9.65
C ILE A 8 -3.98 19.59 8.45
N LEU A 9 -2.73 19.94 8.75
CA LEU A 9 -1.70 20.16 7.72
C LEU A 9 -0.82 18.93 7.52
N ALA A 10 -0.64 18.17 8.59
CA ALA A 10 0.23 17.01 8.53
C ALA A 10 -0.23 16.00 9.55
N LEU A 11 -0.01 14.72 9.26
CA LEU A 11 -0.47 13.65 10.13
C LEU A 11 0.58 12.55 10.16
N GLU A 12 0.89 12.06 11.35
CA GLU A 12 1.86 10.98 11.51
C GLU A 12 1.22 9.89 12.33
N VAL A 13 1.42 8.63 11.93
CA VAL A 13 0.89 7.51 12.71
C VAL A 13 2.04 6.62 13.16
N TYR A 14 1.93 6.10 14.38
CA TYR A 14 2.87 5.10 14.89
C TYR A 14 2.10 3.87 15.38
N PHE A 15 2.63 2.69 15.06
CA PHE A 15 2.09 1.43 15.60
C PHE A 15 3.26 0.49 15.86
N PRO A 16 3.09 -0.43 16.81
CA PRO A 16 4.22 -1.27 17.19
C PRO A 16 4.65 -2.25 16.08
N ALA A 17 5.83 -2.83 16.26
CA ALA A 17 6.48 -3.62 15.24
C ALA A 17 6.10 -5.11 15.26
N GLN A 18 5.08 -5.46 16.03
CA GLN A 18 4.63 -6.84 16.06
C GLN A 18 3.12 -6.91 16.22
N TYR A 19 2.53 -8.01 15.75
CA TYR A 19 1.10 -8.22 15.86
C TYR A 19 0.85 -9.69 16.09
N VAL A 20 -0.36 -10.01 16.57
CA VAL A 20 -0.81 -11.40 16.59
C VAL A 20 -1.87 -11.58 15.49
N ASP A 21 -1.82 -12.70 14.79
CA ASP A 21 -2.75 -12.98 13.70
C ASP A 21 -4.10 -13.47 14.24
N GLN A 22 -5.18 -12.90 13.74
CA GLN A 22 -6.51 -13.23 14.29
C GLN A 22 -6.95 -14.67 14.00
N THR A 23 -6.60 -15.19 12.83
CA THR A 23 -6.91 -16.59 12.55
C THR A 23 -6.18 -17.49 13.54
N ASP A 24 -4.92 -17.18 13.80
CA ASP A 24 -4.15 -17.93 14.80
C ASP A 24 -4.80 -17.82 16.17
N LEU A 25 -5.22 -16.59 16.52
CA LEU A 25 -5.82 -16.31 17.81
C LEU A 25 -7.13 -17.09 17.99
N GLU A 26 -7.89 -17.23 16.91
CA GLU A 26 -9.10 -18.05 16.93
C GLU A 26 -8.78 -19.47 17.37
N LYS A 27 -7.76 -20.06 16.75
CA LYS A 27 -7.40 -21.44 17.03
C LYS A 27 -6.87 -21.56 18.45
N TYR A 28 -6.06 -20.59 18.86
CA TYR A 28 -5.52 -20.58 20.21
C TYR A 28 -6.63 -20.49 21.26
N ASN A 29 -7.65 -19.68 20.99
CA ASN A 29 -8.75 -19.48 21.93
C ASN A 29 -9.82 -20.54 21.79
N ASN A 30 -9.59 -21.48 20.88
CA ASN A 30 -10.54 -22.56 20.62
C ASN A 30 -11.93 -22.05 20.26
N VAL A 31 -12.00 -21.01 19.45
CA VAL A 31 -13.29 -20.55 18.96
C VAL A 31 -13.51 -20.98 17.52
N GLU A 32 -14.75 -20.84 17.05
CA GLU A 32 -15.10 -21.19 15.68
C GLU A 32 -14.29 -20.39 14.69
N ALA A 33 -13.89 -21.03 13.59
CA ALA A 33 -13.15 -20.34 12.55
C ALA A 33 -13.97 -19.17 12.03
N GLY A 34 -13.35 -18.01 11.91
CA GLY A 34 -14.01 -16.83 11.39
C GLY A 34 -14.68 -15.94 12.43
N LYS A 35 -14.75 -16.39 13.68
CA LYS A 35 -15.38 -15.56 14.72
C LYS A 35 -14.72 -14.18 14.81
N TYR A 36 -13.39 -14.14 14.71
CA TYR A 36 -12.70 -12.85 14.78
C TYR A 36 -12.53 -12.21 13.40
N THR A 37 -12.13 -13.00 12.41
CA THR A 37 -11.84 -12.43 11.10
C THR A 37 -13.10 -12.01 10.34
N VAL A 38 -14.20 -12.72 10.57
CA VAL A 38 -15.48 -12.37 9.96
C VAL A 38 -16.43 -11.72 10.95
N GLY A 39 -16.60 -12.34 12.12
CA GLY A 39 -17.51 -11.84 13.13
C GLY A 39 -17.17 -10.44 13.58
N LEU A 40 -15.90 -10.22 13.92
CA LEU A 40 -15.44 -8.90 14.33
C LEU A 40 -14.88 -8.12 13.16
N GLY A 41 -14.47 -8.83 12.11
CA GLY A 41 -13.90 -8.18 10.94
C GLY A 41 -12.45 -7.78 11.12
N GLN A 42 -11.75 -8.51 12.00
CA GLN A 42 -10.35 -8.16 12.36
C GLN A 42 -9.32 -9.14 11.79
N THR A 43 -8.18 -8.63 11.36
CA THR A 43 -7.19 -9.46 10.67
C THR A 43 -5.93 -9.68 11.51
N ARG A 44 -5.38 -8.59 12.02
CA ARG A 44 -4.19 -8.63 12.87
C ARG A 44 -4.32 -7.62 13.99
N MET A 45 -3.74 -7.94 15.14
CA MET A 45 -3.82 -7.03 16.30
C MET A 45 -2.43 -6.65 16.79
N GLY A 46 -2.13 -5.36 16.74
CA GLY A 46 -0.87 -4.84 17.26
C GLY A 46 -0.86 -4.84 18.78
N PHE A 47 0.32 -5.01 19.36
CA PHE A 47 0.47 -4.98 20.81
C PHE A 47 1.88 -4.53 21.18
N CYS A 48 2.02 -4.07 22.42
CA CYS A 48 3.30 -3.60 22.94
C CYS A 48 3.74 -4.41 24.14
N SER A 49 5.04 -4.68 24.24
CA SER A 49 5.60 -5.23 25.47
C SER A 49 5.75 -4.09 26.48
N VAL A 50 6.24 -4.42 27.67
CA VAL A 50 6.48 -3.40 28.70
C VAL A 50 7.58 -2.40 28.30
N GLN A 51 8.30 -2.70 27.21
CA GLN A 51 9.33 -1.82 26.71
C GLN A 51 8.75 -0.52 26.09
N GLU A 52 7.46 -0.53 25.82
CA GLU A 52 6.82 0.67 25.29
C GLU A 52 5.69 1.09 26.22
N ASP A 53 5.50 2.38 26.39
CA ASP A 53 4.43 2.89 27.22
C ASP A 53 3.82 4.12 26.57
N ILE A 54 2.83 4.73 27.22
CA ILE A 54 2.13 5.85 26.57
C ILE A 54 3.10 7.01 26.26
N ASN A 55 4.07 7.25 27.15
CA ASN A 55 5.07 8.29 26.90
C ASN A 55 5.92 7.99 25.67
N SER A 56 6.40 6.75 25.57
CA SER A 56 7.30 6.41 24.48
C SER A 56 6.56 6.40 23.14
N LEU A 57 5.29 5.99 23.16
CA LEU A 57 4.48 6.03 21.95
C LEU A 57 4.35 7.47 21.45
N CYS A 58 4.05 8.39 22.38
CA CYS A 58 3.83 9.78 22.01
C CYS A 58 5.15 10.46 21.61
N LEU A 59 6.22 10.19 22.33
CA LEU A 59 7.54 10.72 21.91
C LEU A 59 7.88 10.28 20.49
N THR A 60 7.62 9.01 20.21
CA THR A 60 7.97 8.44 18.91
C THR A 60 7.21 9.15 17.80
N VAL A 61 5.90 9.27 17.96
CA VAL A 61 5.10 9.80 16.85
C VAL A 61 5.37 11.30 16.66
N VAL A 62 5.57 12.02 17.75
CA VAL A 62 5.85 13.45 17.67
C VAL A 62 7.20 13.72 17.02
N GLN A 63 8.23 13.02 17.47
CA GLN A 63 9.56 13.29 16.91
C GLN A 63 9.61 12.87 15.43
N ARG A 64 8.93 11.78 15.09
CA ARG A 64 8.89 11.32 13.70
C ARG A 64 8.23 12.39 12.81
N LEU A 65 7.12 12.95 13.28
CA LEU A 65 6.45 14.00 12.54
C LEU A 65 7.37 15.20 12.33
N MET A 66 7.98 15.65 13.42
CA MET A 66 8.82 16.85 13.35
C MET A 66 10.00 16.65 12.41
N GLU A 67 10.61 15.48 12.47
CA GLU A 67 11.76 15.20 11.61
C GLU A 67 11.35 15.11 10.15
N ARG A 68 10.21 14.50 9.87
CA ARG A 68 9.79 14.33 8.48
C ARG A 68 9.53 15.66 7.81
N ILE A 69 8.85 16.57 8.51
CA ILE A 69 8.49 17.84 7.90
C ILE A 69 9.45 18.96 8.29
N GLN A 70 10.52 18.59 9.00
CA GLN A 70 11.51 19.57 9.46
C GLN A 70 10.87 20.74 10.20
N LEU A 71 10.01 20.43 11.16
CA LEU A 71 9.29 21.44 11.91
C LEU A 71 10.22 22.10 12.92
N PRO A 72 10.35 23.44 12.84
CA PRO A 72 11.15 24.15 13.85
C PRO A 72 10.53 24.03 15.23
N TRP A 73 11.36 23.87 16.26
CA TRP A 73 10.88 23.79 17.63
C TRP A 73 10.07 25.00 18.02
N ASP A 74 10.43 26.17 17.49
CA ASP A 74 9.79 27.41 17.89
C ASP A 74 8.48 27.68 17.16
N SER A 75 8.06 26.73 16.32
CA SER A 75 6.88 26.94 15.49
C SER A 75 5.61 26.38 16.12
N VAL A 76 5.73 25.74 17.29
CA VAL A 76 4.59 25.13 17.97
C VAL A 76 4.19 25.91 19.21
N GLY A 77 2.95 26.41 19.22
CA GLY A 77 2.46 27.23 20.33
C GLY A 77 1.48 26.51 21.24
N ARG A 78 1.01 25.34 20.82
CA ARG A 78 0.12 24.54 21.64
C ARG A 78 0.42 23.06 21.36
N LEU A 79 0.44 22.26 22.41
CA LEU A 79 0.73 20.83 22.29
C LEU A 79 -0.07 20.15 23.39
N GLU A 80 -0.90 19.19 23.01
CA GLU A 80 -1.82 18.59 23.97
C GLU A 80 -2.09 17.14 23.64
N VAL A 81 -2.16 16.31 24.68
CA VAL A 81 -2.24 14.87 24.51
C VAL A 81 -3.61 14.37 24.95
N GLY A 82 -4.26 13.64 24.05
CA GLY A 82 -5.47 12.91 24.42
C GLY A 82 -5.10 11.44 24.58
N THR A 83 -5.52 10.84 25.68
CA THR A 83 -5.21 9.43 25.96
C THR A 83 -6.12 8.93 27.05
N GLU A 84 -6.20 7.61 27.18
CA GLU A 84 -6.81 7.01 28.38
C GLU A 84 -5.86 5.99 29.01
N THR A 85 -4.59 6.04 28.59
CA THR A 85 -3.59 5.13 29.13
C THR A 85 -2.81 5.93 30.19
N ILE A 86 -3.16 5.71 31.45
CA ILE A 86 -2.68 6.56 32.55
C ILE A 86 -1.60 5.85 33.36
N ILE A 87 -0.39 6.40 33.38
CA ILE A 87 0.66 5.79 34.19
C ILE A 87 1.13 6.72 35.29
N ASP A 88 0.55 7.91 35.34
CA ASP A 88 0.77 8.82 36.44
C ASP A 88 -0.49 9.63 36.61
N LYS A 89 -0.99 9.73 37.84
CA LYS A 89 -2.27 10.41 38.05
C LYS A 89 -2.16 11.93 38.07
N SER A 90 -0.94 12.46 38.12
CA SER A 90 -0.74 13.90 38.20
CA SER A 90 -0.79 13.91 38.16
C SER A 90 0.08 14.45 37.04
N LYS A 91 1.11 13.72 36.65
CA LYS A 91 2.07 14.22 35.68
C LYS A 91 1.63 13.89 34.26
N ALA A 92 1.37 14.92 33.47
CA ALA A 92 0.85 14.74 32.11
C ALA A 92 1.90 14.26 31.12
N VAL A 93 1.47 13.46 30.15
CA VAL A 93 2.34 13.07 29.05
C VAL A 93 2.93 14.32 28.38
N LYS A 94 2.13 15.37 28.27
CA LYS A 94 2.65 16.64 27.71
C LYS A 94 3.96 17.06 28.36
N THR A 95 4.10 16.90 29.67
CA THR A 95 5.33 17.33 30.33
C THR A 95 6.53 16.51 29.88
N VAL A 96 6.31 15.21 29.65
CA VAL A 96 7.37 14.35 29.17
C VAL A 96 7.74 14.73 27.72
N LEU A 97 6.74 15.08 26.92
CA LEU A 97 6.98 15.49 25.55
C LEU A 97 7.83 16.76 25.49
N MET A 98 7.85 17.53 26.58
CA MET A 98 8.68 18.73 26.59
C MET A 98 10.17 18.39 26.45
N GLU A 99 10.53 17.13 26.72
CA GLU A 99 11.91 16.67 26.41
C GLU A 99 12.30 17.01 24.98
N LEU A 100 11.32 17.05 24.09
CA LEU A 100 11.61 17.32 22.68
C LEU A 100 11.76 18.82 22.38
N PHE A 101 11.33 19.68 23.30
CA PHE A 101 11.25 21.11 23.04
C PHE A 101 12.09 21.98 23.96
N GLN A 102 12.25 21.57 25.20
CA GLN A 102 12.76 22.49 26.21
C GLN A 102 14.22 22.91 26.01
N ASP A 103 15.07 22.01 25.54
CA ASP A 103 16.50 22.36 25.38
C ASP A 103 16.70 23.45 24.33
N SER A 104 15.80 23.51 23.35
CA SER A 104 15.87 24.52 22.31
C SER A 104 15.38 25.89 22.79
N GLY A 105 14.80 25.93 23.99
CA GLY A 105 14.34 27.17 24.57
C GLY A 105 12.88 27.51 24.30
N ASN A 106 12.12 26.60 23.70
CA ASN A 106 10.71 26.87 23.45
CA ASN A 106 10.68 26.88 23.46
C ASN A 106 9.83 26.14 24.46
N THR A 107 9.50 26.84 25.55
CA THR A 107 8.71 26.20 26.59
C THR A 107 7.38 26.90 26.78
N ASP A 108 7.13 27.94 25.98
CA ASP A 108 5.86 28.67 26.06
C ASP A 108 4.83 27.99 25.16
N ILE A 109 4.39 26.81 25.58
CA ILE A 109 3.54 25.96 24.76
C ILE A 109 2.30 25.55 25.57
N GLU A 110 1.16 26.12 25.21
CA GLU A 110 -0.08 25.88 25.95
C GLU A 110 -0.53 24.44 25.75
N GLY A 111 -1.37 23.95 26.65
CA GLY A 111 -1.94 22.61 26.53
C GLY A 111 -1.35 21.63 27.54
N ILE A 112 -2.14 20.64 27.94
CA ILE A 112 -1.63 19.58 28.83
C ILE A 112 -2.16 18.24 28.33
N ASP A 113 -2.78 17.43 29.19
CA ASP A 113 -3.42 16.18 28.74
C ASP A 113 -4.92 16.31 28.94
N THR A 114 -5.70 15.56 28.18
CA THR A 114 -7.16 15.58 28.34
C THR A 114 -7.72 14.19 28.13
N THR A 115 -8.61 13.75 29.02
CA THR A 115 -9.02 12.34 29.02
C THR A 115 -10.52 12.13 29.21
N ASN A 116 -11.10 11.35 28.31
CA ASN A 116 -12.28 10.55 28.59
C ASN A 116 -12.27 9.41 27.59
N ALA A 117 -11.88 8.25 28.06
CA ALA A 117 -11.92 7.04 27.23
C ALA A 117 -11.35 7.33 25.83
N CYS A 118 -12.03 6.88 24.77
CA CYS A 118 -11.48 7.04 23.42
C CYS A 118 -11.71 8.41 22.78
N TYR A 119 -12.21 9.37 23.55
CA TYR A 119 -12.60 10.67 23.01
C TYR A 119 -11.53 11.76 23.14
N GLY A 120 -10.50 11.52 23.95
CA GLY A 120 -9.52 12.55 24.26
C GLY A 120 -8.77 13.16 23.08
N GLY A 121 -8.52 12.37 22.04
CA GLY A 121 -7.84 12.89 20.87
C GLY A 121 -8.70 13.96 20.21
N THR A 122 -9.98 13.68 20.07
CA THR A 122 -10.90 14.64 19.50
C THR A 122 -11.02 15.88 20.39
N ALA A 123 -11.04 15.70 21.71
CA ALA A 123 -11.08 16.85 22.61
C ALA A 123 -9.87 17.74 22.35
N SER A 124 -8.71 17.12 22.21
CA SER A 124 -7.49 17.88 21.94
C SER A 124 -7.56 18.59 20.58
N LEU A 125 -8.09 17.91 19.57
CA LEU A 125 -8.25 18.53 18.25
C LEU A 125 -9.17 19.76 18.34
N PHE A 126 -10.32 19.61 19.00
CA PHE A 126 -11.24 20.73 19.16
C PHE A 126 -10.58 21.88 19.93
N ASN A 127 -9.87 21.54 21.01
CA ASN A 127 -9.18 22.55 21.80
C ASN A 127 -8.15 23.31 20.95
N ALA A 128 -7.47 22.58 20.07
CA ALA A 128 -6.45 23.19 19.20
C ALA A 128 -7.09 24.18 18.23
N ALA A 129 -8.18 23.78 17.59
CA ALA A 129 -8.90 24.69 16.69
C ALA A 129 -9.45 25.89 17.45
N ASN A 130 -10.04 25.65 18.61
CA ASN A 130 -10.55 26.74 19.44
C ASN A 130 -9.45 27.76 19.77
N TRP A 131 -8.31 27.26 20.21
CA TRP A 131 -7.17 28.11 20.54
C TRP A 131 -6.74 28.93 19.33
N MET A 132 -6.60 28.25 18.19
CA MET A 132 -6.10 28.92 16.98
C MET A 132 -7.03 30.03 16.51
N GLU A 133 -8.31 29.91 16.82
CA GLU A 133 -9.30 30.90 16.37
C GLU A 133 -9.55 31.99 17.41
N SER A 134 -8.88 31.90 18.54
CA SER A 134 -9.15 32.78 19.67
C SER A 134 -8.18 33.96 19.74
N SER A 135 -8.40 34.84 20.71
CA SER A 135 -7.49 35.98 20.90
C SER A 135 -6.14 35.53 21.45
N SER A 136 -6.04 34.28 21.86
CA SER A 136 -4.79 33.78 22.42
C SER A 136 -3.87 33.17 21.37
N TRP A 137 -4.34 33.01 20.15
CA TRP A 137 -3.47 32.50 19.09
C TRP A 137 -2.30 33.45 18.88
N ASP A 138 -1.10 32.88 18.80
CA ASP A 138 0.09 33.72 18.57
C ASP A 138 0.75 33.44 17.23
N GLY A 139 -0.01 32.86 16.31
CA GLY A 139 0.48 32.64 14.96
C GLY A 139 1.16 31.30 14.74
N ARG A 140 1.39 30.56 15.81
CA ARG A 140 2.11 29.28 15.76
CA ARG A 140 2.12 29.30 15.68
C ARG A 140 1.18 28.09 15.49
N TYR A 141 1.76 26.97 15.11
CA TYR A 141 0.98 25.74 14.91
C TYR A 141 0.50 25.17 16.25
N ALA A 142 -0.56 24.38 16.19
CA ALA A 142 -0.89 23.52 17.32
C ALA A 142 -0.52 22.09 16.95
N MET A 143 -0.11 21.31 17.92
CA MET A 143 0.10 19.90 17.67
CA MET A 143 0.16 19.89 17.71
C MET A 143 -0.79 19.06 18.57
N VAL A 144 -1.57 18.19 17.94
CA VAL A 144 -2.54 17.35 18.64
C VAL A 144 -1.96 15.95 18.67
N VAL A 145 -1.83 15.38 19.86
CA VAL A 145 -1.24 14.06 19.97
C VAL A 145 -2.23 13.16 20.68
N CYS A 146 -2.38 11.94 20.19
CA CYS A 146 -3.18 10.98 20.93
C CYS A 146 -2.62 9.60 20.74
N GLY A 147 -2.89 8.72 21.68
CA GLY A 147 -2.37 7.37 21.57
C GLY A 147 -2.81 6.59 22.78
N ASP A 148 -2.61 5.28 22.72
CA ASP A 148 -3.10 4.39 23.75
C ASP A 148 -2.57 3.00 23.56
N ILE A 149 -2.53 2.25 24.66
CA ILE A 149 -2.30 0.82 24.60
C ILE A 149 -3.56 0.14 25.09
N ALA A 150 -4.28 -0.50 24.18
CA ALA A 150 -5.57 -1.10 24.50
C ALA A 150 -5.39 -2.60 24.77
N VAL A 151 -5.58 -2.99 26.02
CA VAL A 151 -5.43 -4.37 26.42
C VAL A 151 -6.59 -4.84 27.28
N TYR A 152 -6.98 -6.10 27.10
CA TYR A 152 -8.03 -6.71 27.90
C TYR A 152 -7.51 -8.01 28.49
N PRO A 153 -8.15 -8.49 29.57
CA PRO A 153 -7.76 -9.83 30.06
C PRO A 153 -8.17 -10.90 29.07
N SER A 154 -7.66 -12.11 29.24
CA SER A 154 -8.08 -13.22 28.41
C SER A 154 -9.61 -13.33 28.46
N GLY A 155 -10.24 -13.49 27.30
CA GLY A 155 -11.70 -13.47 27.22
C GLY A 155 -12.18 -12.82 25.94
N ASN A 156 -13.47 -12.56 25.84
CA ASN A 156 -14.07 -12.14 24.58
C ASN A 156 -13.69 -10.75 24.08
N ALA A 157 -13.10 -9.93 24.96
CA ALA A 157 -12.69 -8.59 24.55
C ALA A 157 -11.24 -8.53 24.07
N ARG A 158 -10.42 -9.50 24.48
CA ARG A 158 -9.00 -9.46 24.15
C ARG A 158 -8.70 -9.30 22.65
N PRO A 159 -9.46 -9.98 21.77
CA PRO A 159 -9.19 -9.79 20.34
C PRO A 159 -9.53 -8.40 19.81
N THR A 160 -10.09 -7.52 20.64
CA THR A 160 -10.44 -6.16 20.17
C THR A 160 -9.55 -5.08 20.77
N GLY A 161 -8.36 -5.48 21.22
CA GLY A 161 -7.34 -4.54 21.66
C GLY A 161 -6.51 -4.00 20.51
N GLY A 162 -5.40 -3.36 20.84
CA GLY A 162 -4.56 -2.73 19.82
C GLY A 162 -3.67 -1.71 20.47
N ALA A 163 -2.89 -1.00 19.67
CA ALA A 163 -1.99 0.01 20.24
C ALA A 163 -1.46 0.92 19.15
N GLY A 164 -1.21 2.17 19.50
CA GLY A 164 -0.57 3.09 18.56
C GLY A 164 -0.78 4.53 18.96
N ALA A 165 -0.33 5.45 18.11
CA ALA A 165 -0.49 6.86 18.41
C ALA A 165 -0.51 7.66 17.12
N VAL A 166 -1.01 8.88 17.20
CA VAL A 166 -1.11 9.75 16.03
C VAL A 166 -0.73 11.16 16.49
N ALA A 167 0.03 11.87 15.66
CA ALA A 167 0.28 13.29 15.88
C ALA A 167 -0.23 14.05 14.67
N MET A 168 -0.91 15.15 14.91
CA MET A 168 -1.44 15.98 13.83
C MET A 168 -0.98 17.41 14.01
N LEU A 169 -0.45 18.00 12.94
CA LEU A 169 -0.09 19.40 12.94
C LEU A 169 -1.30 20.21 12.49
N ILE A 170 -1.73 21.15 13.32
CA ILE A 170 -2.89 21.99 13.04
C ILE A 170 -2.44 23.41 12.70
N GLY A 171 -3.00 23.97 11.64
CA GLY A 171 -2.69 25.33 11.27
C GLY A 171 -3.73 25.91 10.34
N PRO A 172 -3.60 27.20 10.02
CA PRO A 172 -4.45 27.86 9.01
C PRO A 172 -4.16 27.30 7.62
N LYS A 173 -5.08 27.55 6.70
CA LYS A 173 -4.90 27.16 5.29
C LYS A 173 -4.63 25.67 5.15
N ALA A 174 -5.33 24.87 5.93
CA ALA A 174 -5.10 23.44 5.92
C ALA A 174 -5.89 22.75 4.82
N PRO A 175 -5.33 21.69 4.23
CA PRO A 175 -6.02 20.92 3.19
C PRO A 175 -7.20 20.11 3.73
N LEU A 176 -7.19 19.75 5.02
CA LEU A 176 -8.38 19.18 5.67
C LEU A 176 -8.89 20.18 6.69
N ALA A 177 -9.82 21.02 6.29
CA ALA A 177 -10.29 22.10 7.17
C ALA A 177 -11.49 21.65 7.98
N LEU A 178 -11.45 21.87 9.29
CA LEU A 178 -12.63 21.58 10.11
C LEU A 178 -13.79 22.45 9.64
N GLU A 179 -14.96 21.84 9.48
CA GLU A 179 -16.10 22.63 9.02
C GLU A 179 -16.71 23.39 10.19
N ARG A 180 -16.65 24.71 10.10
CA ARG A 180 -16.93 25.56 11.25
C ARG A 180 -18.38 25.48 11.72
N GLY A 181 -18.54 25.43 13.04
CA GLY A 181 -19.85 25.41 13.67
C GLY A 181 -20.55 24.07 13.61
N LEU A 182 -19.90 23.05 13.07
CA LEU A 182 -20.56 21.75 12.86
C LEU A 182 -20.04 20.66 13.78
N ARG A 183 -20.32 20.80 15.08
CA ARG A 183 -19.93 19.77 16.05
C ARG A 183 -21.21 19.29 16.73
N GLY A 184 -21.63 18.08 16.40
CA GLY A 184 -22.82 17.51 17.03
C GLY A 184 -22.33 16.69 18.21
N THR A 185 -22.51 17.22 19.41
CA THR A 185 -21.90 16.61 20.59
C THR A 185 -22.96 16.06 21.55
N HIS A 186 -22.64 14.95 22.20
CA HIS A 186 -23.53 14.35 23.17
C HIS A 186 -22.71 13.71 24.28
N MET A 187 -23.00 14.09 25.52
CA MET A 187 -22.36 13.48 26.67
C MET A 187 -23.43 13.09 27.67
N GLU A 188 -23.20 12.00 28.39
CA GLU A 188 -24.15 11.55 29.41
C GLU A 188 -23.42 10.61 30.36
N ASN A 189 -24.04 10.34 31.51
CA ASN A 189 -23.37 9.54 32.53
C ASN A 189 -23.70 8.06 32.41
N VAL A 190 -22.75 7.27 31.95
CA VAL A 190 -22.97 5.82 31.82
C VAL A 190 -21.79 5.02 32.34
N TYR A 191 -22.01 3.71 32.49
CA TYR A 191 -20.96 2.80 32.94
C TYR A 191 -20.79 1.65 31.98
N ASP A 192 -20.67 1.96 30.69
CA ASP A 192 -20.47 0.91 29.67
C ASP A 192 -19.05 0.34 29.70
N PHE A 193 -18.07 1.21 29.94
CA PHE A 193 -16.65 0.84 29.94
C PHE A 193 -15.99 1.89 30.80
N TYR A 194 -15.17 1.45 31.76
CA TYR A 194 -14.54 2.38 32.68
C TYR A 194 -13.35 1.67 33.34
N LYS A 195 -12.50 2.44 34.02
CA LYS A 195 -11.25 1.90 34.56
C LYS A 195 -11.09 2.31 36.01
N PRO A 196 -11.87 1.70 36.91
CA PRO A 196 -11.93 2.08 38.31
C PRO A 196 -10.95 1.29 39.18
N ASN A 197 -10.35 0.26 38.59
CA ASN A 197 -9.31 -0.51 39.31
C ASN A 197 -7.97 0.11 38.99
N LEU A 198 -7.54 1.03 39.85
CA LEU A 198 -6.46 1.94 39.46
C LEU A 198 -5.16 1.21 39.20
N ALA A 199 -4.98 0.06 39.86
CA ALA A 199 -3.75 -0.71 39.74
C ALA A 199 -3.81 -1.77 38.65
N SER A 200 -4.91 -1.81 37.89
CA SER A 200 -5.02 -2.74 36.77
C SER A 200 -5.07 -1.99 35.46
N GLU A 201 -4.42 -2.53 34.43
CA GLU A 201 -4.54 -1.94 33.11
C GLU A 201 -5.91 -2.16 32.50
N TYR A 202 -6.63 -3.13 33.04
CA TYR A 202 -7.86 -3.58 32.41
C TYR A 202 -9.09 -2.78 32.81
N PRO A 203 -9.95 -2.51 31.83
CA PRO A 203 -11.22 -1.85 32.14
C PRO A 203 -12.26 -2.85 32.63
N ILE A 204 -13.29 -2.35 33.29
CA ILE A 204 -14.51 -3.11 33.44
C ILE A 204 -15.35 -2.76 32.22
N VAL A 205 -15.83 -3.76 31.50
CA VAL A 205 -16.60 -3.47 30.31
C VAL A 205 -17.84 -4.37 30.24
N ASP A 206 -18.96 -3.76 29.93
CA ASP A 206 -20.19 -4.48 29.59
C ASP A 206 -20.32 -4.39 28.09
N GLY A 207 -19.94 -5.47 27.40
CA GLY A 207 -19.81 -5.42 25.95
C GLY A 207 -21.07 -4.96 25.24
N LYS A 208 -22.18 -5.62 25.55
CA LYS A 208 -23.45 -5.26 24.93
C LYS A 208 -23.85 -3.81 25.19
N LEU A 209 -23.68 -3.38 26.42
CA LEU A 209 -24.03 -2.02 26.81
C LEU A 209 -23.14 -1.01 26.07
N SER A 210 -21.86 -1.33 25.92
CA SER A 210 -20.93 -0.44 25.23
C SER A 210 -21.33 -0.25 23.76
N ILE A 211 -21.80 -1.31 23.14
CA ILE A 211 -22.28 -1.23 21.76
C ILE A 211 -23.55 -0.38 21.66
N GLN A 212 -24.48 -0.61 22.58
CA GLN A 212 -25.70 0.21 22.64
C GLN A 212 -25.40 1.68 22.89
N CYS A 213 -24.45 1.97 23.78
CA CYS A 213 -24.12 3.36 24.11
C CYS A 213 -23.42 4.05 22.95
N TYR A 214 -22.51 3.34 22.28
CA TYR A 214 -21.88 3.87 21.06
C TYR A 214 -22.95 4.26 20.04
N LEU A 215 -23.89 3.36 19.80
CA LEU A 215 -24.91 3.61 18.78
C LEU A 215 -25.90 4.70 19.19
N ARG A 216 -26.25 4.77 20.47
CA ARG A 216 -27.13 5.86 20.93
C ARG A 216 -26.43 7.20 20.80
N ALA A 217 -25.15 7.24 21.18
CA ALA A 217 -24.38 8.47 21.03
C ALA A 217 -24.29 8.86 19.55
N LEU A 218 -24.12 7.87 18.68
CA LEU A 218 -24.10 8.14 17.24
C LEU A 218 -25.41 8.78 16.78
N ASP A 219 -26.54 8.21 17.21
CA ASP A 219 -27.84 8.80 16.86
C ASP A 219 -27.89 10.26 17.29
N ARG A 220 -27.53 10.51 18.55
CA ARG A 220 -27.66 11.85 19.15
C ARG A 220 -26.74 12.85 18.45
N CYS A 221 -25.50 12.42 18.20
CA CYS A 221 -24.53 13.29 17.55
C CYS A 221 -24.89 13.60 16.09
N TYR A 222 -25.36 12.59 15.39
CA TYR A 222 -25.77 12.79 14.00
C TYR A 222 -26.97 13.72 13.91
N THR A 223 -27.90 13.57 14.83
CA THR A 223 -29.05 14.49 14.86
C THR A 223 -28.63 15.92 15.15
N SER A 224 -27.72 16.09 16.10
CA SER A 224 -27.22 17.42 16.44
C SER A 224 -26.47 18.04 15.27
N TYR A 225 -25.61 17.24 14.63
CA TYR A 225 -24.86 17.70 13.47
C TYR A 225 -25.79 18.11 12.33
N ARG A 226 -26.78 17.26 12.02
CA ARG A 226 -27.73 17.57 10.96
C ARG A 226 -28.48 18.86 11.24
N LYS A 227 -28.89 19.05 12.48
CA LYS A 227 -29.61 20.27 12.85
C LYS A 227 -28.73 21.49 12.56
N LYS A 228 -27.47 21.40 12.94
CA LYS A 228 -26.56 22.52 12.80
C LYS A 228 -26.24 22.86 11.36
N ILE A 229 -25.99 21.84 10.53
CA ILE A 229 -25.67 22.13 9.14
C ILE A 229 -26.92 22.58 8.38
N GLN A 230 -28.08 22.02 8.75
CA GLN A 230 -29.32 22.45 8.12
C GLN A 230 -29.63 23.90 8.45
N ASN A 231 -29.29 24.32 9.66
CA ASN A 231 -29.47 25.72 10.04
C ASN A 231 -28.56 26.64 9.24
N GLN A 232 -27.32 26.19 9.02
CA GLN A 232 -26.42 26.95 8.14
C GLN A 232 -26.97 27.02 6.72
N TRP A 233 -27.45 25.89 6.21
CA TRP A 233 -28.01 25.84 4.87
C TRP A 233 -29.23 26.75 4.73
N LYS A 234 -30.10 26.72 5.74
CA LYS A 234 -31.29 27.58 5.72
C LYS A 234 -30.92 29.05 5.65
N GLN A 235 -29.91 29.44 6.43
CA GLN A 235 -29.43 30.82 6.41
C GLN A 235 -28.89 31.20 5.04
N ALA A 236 -28.39 30.20 4.31
CA ALA A 236 -27.86 30.41 2.96
C ALA A 236 -28.96 30.22 1.91
N GLY A 237 -30.20 30.04 2.38
CA GLY A 237 -31.35 29.95 1.48
C GLY A 237 -31.66 28.56 0.94
N SER A 238 -31.30 27.52 1.67
CA SER A 238 -31.61 26.15 1.27
C SER A 238 -32.31 25.37 2.38
N ASP A 239 -33.46 24.78 2.07
CA ASP A 239 -34.24 24.02 3.05
C ASP A 239 -34.03 22.50 2.99
N ARG A 240 -33.11 22.04 2.14
CA ARG A 240 -32.90 20.61 1.96
CA ARG A 240 -32.91 20.60 1.97
C ARG A 240 -32.34 19.93 3.22
N PRO A 241 -32.72 18.66 3.43
CA PRO A 241 -32.20 17.92 4.58
C PRO A 241 -30.82 17.36 4.28
N PHE A 242 -30.01 17.22 5.32
CA PHE A 242 -28.71 16.59 5.21
C PHE A 242 -28.91 15.09 5.32
N THR A 243 -28.28 14.33 4.43
CA THR A 243 -28.25 12.87 4.54
C THR A 243 -26.84 12.35 4.25
N LEU A 244 -26.65 11.05 4.33
CA LEU A 244 -25.37 10.44 3.97
C LEU A 244 -24.92 10.80 2.55
N ASP A 245 -25.85 11.21 1.69
CA ASP A 245 -25.50 11.59 0.31
C ASP A 245 -24.62 12.84 0.30
N ASP A 246 -24.66 13.58 1.41
CA ASP A 246 -23.90 14.82 1.54
C ASP A 246 -22.50 14.61 2.10
N LEU A 247 -22.16 13.36 2.37
CA LEU A 247 -20.82 13.00 2.85
C LEU A 247 -20.17 12.17 1.75
N GLN A 248 -18.94 12.50 1.34
CA GLN A 248 -18.25 11.66 0.38
C GLN A 248 -17.51 10.51 1.08
N TYR A 249 -17.09 10.75 2.32
CA TYR A 249 -16.43 9.74 3.12
C TYR A 249 -16.94 9.87 4.54
N MET A 250 -16.89 8.77 5.29
CA MET A 250 -17.42 8.77 6.64
C MET A 250 -16.55 7.84 7.47
N ILE A 251 -15.86 8.41 8.46
CA ILE A 251 -14.93 7.63 9.27
C ILE A 251 -15.35 7.65 10.74
N PHE A 252 -14.96 6.61 11.47
CA PHE A 252 -15.51 6.35 12.80
C PHE A 252 -14.43 5.90 13.76
N HIS A 253 -14.60 6.20 15.04
CA HIS A 253 -13.89 5.43 16.04
C HIS A 253 -14.21 3.95 15.80
N THR A 254 -13.18 3.11 15.75
CA THR A 254 -13.33 1.73 15.31
C THR A 254 -12.83 0.74 16.36
N PRO A 255 -13.74 0.27 17.22
CA PRO A 255 -13.34 -0.73 18.23
C PRO A 255 -13.10 -2.08 17.58
N PHE A 256 -13.81 -2.31 16.47
CA PHE A 256 -13.59 -3.45 15.57
C PHE A 256 -14.38 -3.15 14.29
N CYS A 257 -14.00 -3.76 13.18
CA CYS A 257 -14.52 -3.32 11.89
C CYS A 257 -16.02 -3.57 11.70
N LYS A 258 -16.51 -4.70 12.21
CA LYS A 258 -17.93 -5.00 12.08
C LYS A 258 -18.79 -3.92 12.72
N MET A 259 -18.31 -3.37 13.86
CA MET A 259 -19.01 -2.32 14.56
C MET A 259 -19.27 -1.15 13.61
N VAL A 260 -18.26 -0.83 12.81
CA VAL A 260 -18.35 0.32 11.92
C VAL A 260 -19.30 0.07 10.75
N GLN A 261 -19.28 -1.13 10.20
CA GLN A 261 -20.23 -1.45 9.14
C GLN A 261 -21.65 -1.31 9.66
N LYS A 262 -21.88 -1.77 10.89
CA LYS A 262 -23.19 -1.62 11.51
C LYS A 262 -23.52 -0.16 11.82
N SER A 263 -22.50 0.63 12.09
CA SER A 263 -22.71 2.04 12.42
C SER A 263 -23.12 2.84 11.19
N LEU A 264 -22.50 2.57 10.06
CA LEU A 264 -22.90 3.25 8.83
C LEU A 264 -24.34 2.86 8.50
N ALA A 265 -24.68 1.59 8.71
CA ALA A 265 -26.06 1.14 8.52
C ALA A 265 -27.03 1.90 9.44
N ARG A 266 -26.60 2.14 10.67
CA ARG A 266 -27.42 2.85 11.66
C ARG A 266 -27.66 4.30 11.19
N LEU A 267 -26.64 4.90 10.59
CA LEU A 267 -26.80 6.25 10.05
C LEU A 267 -27.81 6.25 8.91
N MET A 268 -27.76 5.22 8.07
CA MET A 268 -28.71 5.16 6.98
C MET A 268 -30.15 5.01 7.53
N PHE A 269 -30.31 4.24 8.61
CA PHE A 269 -31.62 4.07 9.19
C PHE A 269 -32.11 5.42 9.73
N ASN A 270 -31.17 6.21 10.26
CA ASN A 270 -31.45 7.57 10.71
CA ASN A 270 -31.55 7.53 10.74
C ASN A 270 -32.03 8.40 9.57
N ASP A 271 -31.32 8.36 8.44
CA ASP A 271 -31.74 9.10 7.25
C ASP A 271 -33.15 8.68 6.86
N PHE A 272 -33.38 7.37 6.83
CA PHE A 272 -34.67 6.79 6.46
C PHE A 272 -35.80 7.26 7.36
N LEU A 273 -35.61 7.14 8.67
CA LEU A 273 -36.68 7.50 9.60
C LEU A 273 -36.93 9.01 9.59
N SER A 274 -35.92 9.79 9.23
CA SER A 274 -36.04 11.24 9.17
C SER A 274 -36.62 11.72 7.85
N ALA A 275 -36.71 10.84 6.86
CA ALA A 275 -37.09 11.23 5.51
C ALA A 275 -38.61 11.34 5.37
N SER A 276 -39.03 12.13 4.38
CA SER A 276 -40.45 12.26 4.06
C SER A 276 -41.01 10.93 3.56
N SER A 277 -42.32 10.76 3.68
CA SER A 277 -42.97 9.57 3.17
C SER A 277 -42.58 9.32 1.72
N ASP A 278 -42.58 10.39 0.92
CA ASP A 278 -42.23 10.29 -0.49
C ASP A 278 -40.80 9.79 -0.68
N THR A 279 -39.87 10.40 0.05
CA THR A 279 -38.47 10.02 -0.06
C THR A 279 -38.27 8.56 0.36
N GLN A 280 -38.99 8.15 1.40
CA GLN A 280 -38.91 6.78 1.88
C GLN A 280 -39.25 5.80 0.77
N THR A 281 -40.38 6.03 0.11
CA THR A 281 -40.82 5.14 -0.96
C THR A 281 -39.87 5.16 -2.16
N SER A 282 -39.33 6.33 -2.48
CA SER A 282 -38.45 6.46 -3.64
C SER A 282 -37.05 5.88 -3.44
N LEU A 283 -36.42 6.17 -2.31
CA LEU A 283 -35.01 5.85 -2.12
C LEU A 283 -34.72 4.68 -1.18
N TYR A 284 -35.71 4.28 -0.40
CA TYR A 284 -35.49 3.29 0.64
C TYR A 284 -36.49 2.14 0.57
N LYS A 285 -36.77 1.65 -0.63
CA LYS A 285 -37.78 0.61 -0.81
C LYS A 285 -37.56 -0.59 0.11
N GLY A 286 -36.30 -1.00 0.26
CA GLY A 286 -35.98 -2.15 1.10
C GLY A 286 -36.16 -1.94 2.59
N LEU A 287 -36.42 -0.70 3.00
CA LEU A 287 -36.57 -0.39 4.42
C LEU A 287 -38.02 -0.08 4.82
N GLU A 288 -38.91 0.02 3.83
CA GLU A 288 -40.29 0.43 4.12
C GLU A 288 -40.99 -0.50 5.10
N ALA A 289 -40.62 -1.77 5.09
CA ALA A 289 -41.20 -2.76 5.99
C ALA A 289 -40.91 -2.43 7.46
N PHE A 290 -39.97 -1.50 7.69
CA PHE A 290 -39.49 -1.19 9.03
C PHE A 290 -39.72 0.27 9.41
N GLY A 291 -40.59 0.95 8.67
CA GLY A 291 -40.86 2.35 8.92
C GLY A 291 -41.43 2.66 10.29
N GLY A 292 -41.97 1.66 10.97
CA GLY A 292 -42.52 1.89 12.30
C GLY A 292 -41.60 1.52 13.45
N LEU A 293 -40.36 1.14 13.15
CA LEU A 293 -39.44 0.68 14.19
C LEU A 293 -38.57 1.83 14.68
N LYS A 294 -37.78 1.54 15.70
CA LYS A 294 -36.95 2.56 16.36
C LYS A 294 -35.50 2.33 16.03
N LEU A 295 -34.70 3.39 16.13
CA LEU A 295 -33.26 3.29 15.91
C LEU A 295 -32.65 2.15 16.70
N GLU A 296 -33.02 2.04 17.97
CA GLU A 296 -32.45 1.02 18.85
C GLU A 296 -32.68 -0.40 18.34
N ASP A 297 -33.69 -0.57 17.50
CA ASP A 297 -34.03 -1.90 17.00
C ASP A 297 -33.01 -2.48 16.01
N THR A 298 -32.11 -1.65 15.50
CA THR A 298 -31.12 -2.17 14.54
C THR A 298 -30.24 -3.20 15.25
N TYR A 299 -30.23 -3.16 16.57
CA TYR A 299 -29.39 -4.04 17.38
C TYR A 299 -30.12 -5.33 17.79
N THR A 300 -31.44 -5.29 17.83
CA THR A 300 -32.21 -6.44 18.29
C THR A 300 -32.99 -7.16 17.18
N ASN A 301 -33.31 -6.43 16.11
CA ASN A 301 -34.11 -7.00 15.02
C ASN A 301 -33.21 -7.49 13.88
N LYS A 302 -33.18 -8.80 13.68
CA LYS A 302 -32.26 -9.40 12.71
C LYS A 302 -32.66 -9.10 11.27
N ASP A 303 -33.96 -9.11 10.99
CA ASP A 303 -34.44 -8.79 9.65
C ASP A 303 -34.05 -7.35 9.29
N LEU A 304 -34.21 -6.44 10.26
CA LEU A 304 -33.86 -5.05 10.07
C LEU A 304 -32.35 -4.87 9.88
N ASP A 305 -31.57 -5.52 10.74
CA ASP A 305 -30.12 -5.44 10.67
C ASP A 305 -29.64 -5.89 9.29
N LYS A 306 -30.16 -7.01 8.82
CA LYS A 306 -29.79 -7.56 7.52
C LYS A 306 -30.19 -6.63 6.37
N ALA A 307 -31.39 -6.09 6.45
CA ALA A 307 -31.88 -5.20 5.40
C ALA A 307 -31.04 -3.92 5.33
N LEU A 308 -30.64 -3.42 6.49
CA LEU A 308 -29.82 -2.21 6.55
C LEU A 308 -28.42 -2.44 6.02
N LEU A 309 -27.83 -3.58 6.37
CA LEU A 309 -26.50 -3.91 5.87
C LEU A 309 -26.53 -4.01 4.35
N LYS A 310 -27.56 -4.66 3.81
CA LYS A 310 -27.73 -4.77 2.36
C LYS A 310 -27.94 -3.40 1.71
N ALA A 311 -28.86 -2.62 2.26
CA ALA A 311 -29.19 -1.31 1.71
C ALA A 311 -28.01 -0.34 1.75
N SER A 312 -27.14 -0.47 2.75
CA SER A 312 -26.03 0.48 2.94
C SER A 312 -24.70 -0.05 2.40
N GLN A 313 -24.71 -1.23 1.80
CA GLN A 313 -23.45 -1.85 1.37
C GLN A 313 -22.67 -1.00 0.39
N ASP A 314 -23.35 -0.43 -0.59
CA ASP A 314 -22.68 0.40 -1.58
C ASP A 314 -22.07 1.64 -0.94
N MET A 315 -22.83 2.30 -0.08
CA MET A 315 -22.29 3.47 0.62
C MET A 315 -21.13 3.09 1.52
N PHE A 316 -21.24 1.95 2.19
CA PHE A 316 -20.13 1.48 3.01
C PHE A 316 -18.87 1.26 2.18
N ASP A 317 -19.02 0.57 1.05
CA ASP A 317 -17.89 0.32 0.17
C ASP A 317 -17.25 1.60 -0.35
N LYS A 318 -18.07 2.60 -0.66
CA LYS A 318 -17.55 3.84 -1.22
C LYS A 318 -17.01 4.83 -0.18
N LYS A 319 -17.68 4.93 0.95
CA LYS A 319 -17.40 6.03 1.88
C LYS A 319 -16.54 5.64 3.07
N THR A 320 -16.56 4.35 3.44
CA THR A 320 -16.03 3.94 4.74
C THR A 320 -15.04 2.78 4.73
N LYS A 321 -15.23 1.83 3.81
CA LYS A 321 -14.43 0.61 3.83
C LYS A 321 -12.92 0.86 3.81
N ALA A 322 -12.46 1.72 2.91
CA ALA A 322 -11.03 1.97 2.78
C ALA A 322 -10.43 2.52 4.07
N SER A 323 -11.24 3.28 4.82
CA SER A 323 -10.75 3.92 6.04
C SER A 323 -10.45 2.89 7.14
N LEU A 324 -10.87 1.64 6.92
CA LEU A 324 -10.74 0.62 7.96
C LEU A 324 -9.46 -0.22 7.85
N TYR A 325 -8.59 0.12 6.90
CA TYR A 325 -7.43 -0.75 6.66
C TYR A 325 -6.51 -0.86 7.89
N LEU A 326 -6.10 0.27 8.45
CA LEU A 326 -5.23 0.23 9.61
C LEU A 326 -5.93 -0.52 10.75
N SER A 327 -7.20 -0.22 10.97
CA SER A 327 -7.94 -0.86 12.04
C SER A 327 -7.99 -2.38 11.91
N THR A 328 -8.25 -2.87 10.71
CA THR A 328 -8.35 -4.32 10.58
C THR A 328 -6.97 -4.97 10.76
N HIS A 329 -5.92 -4.21 10.50
CA HIS A 329 -4.56 -4.73 10.63
C HIS A 329 -3.83 -4.43 11.92
N ASN A 330 -4.42 -3.57 12.76
CA ASN A 330 -3.75 -3.16 14.00
C ASN A 330 -4.66 -3.25 15.23
N GLY A 331 -5.96 -3.09 15.01
CA GLY A 331 -6.93 -3.18 16.09
C GLY A 331 -7.38 -1.83 16.63
N ASN A 332 -7.94 -1.85 17.83
CA ASN A 332 -8.49 -0.66 18.46
C ASN A 332 -7.36 0.03 19.21
N MET A 333 -6.95 1.21 18.76
CA MET A 333 -5.96 1.95 19.54
C MET A 333 -6.60 3.14 20.25
N TYR A 334 -7.87 2.95 20.62
CA TYR A 334 -8.56 3.89 21.51
C TYR A 334 -8.57 5.32 20.98
N THR A 335 -7.95 6.27 21.68
CA THR A 335 -8.09 7.67 21.24
C THR A 335 -7.62 7.90 19.81
N SER A 336 -6.61 7.18 19.37
CA SER A 336 -6.10 7.43 18.02
C SER A 336 -6.77 6.57 16.94
N SER A 337 -7.76 5.77 17.33
CA SER A 337 -8.41 4.89 16.35
C SER A 337 -9.05 5.66 15.20
N LEU A 338 -9.86 6.65 15.52
CA LEU A 338 -10.50 7.48 14.50
C LEU A 338 -9.47 8.09 13.57
N TYR A 339 -8.37 8.56 14.15
CA TYR A 339 -7.37 9.28 13.37
C TYR A 339 -6.52 8.32 12.52
N GLY A 340 -6.41 7.07 12.99
CA GLY A 340 -5.86 6.02 12.15
C GLY A 340 -6.75 5.73 10.94
N CYS A 341 -8.06 5.87 11.12
CA CYS A 341 -8.97 5.68 9.98
C CYS A 341 -8.82 6.84 8.99
N LEU A 342 -8.58 8.04 9.50
CA LEU A 342 -8.32 9.17 8.62
C LEU A 342 -7.04 8.92 7.83
N ALA A 343 -6.02 8.42 8.51
CA ALA A 343 -4.77 8.07 7.82
C ALA A 343 -5.01 7.03 6.73
N SER A 344 -5.82 6.02 7.04
CA SER A 344 -6.11 4.96 6.09
C SER A 344 -6.86 5.50 4.87
N LEU A 345 -7.77 6.42 5.12
CA LEU A 345 -8.52 7.05 4.04
C LEU A 345 -7.57 7.79 3.10
N LEU A 346 -6.68 8.58 3.68
CA LEU A 346 -5.68 9.33 2.92
C LEU A 346 -4.76 8.40 2.14
N SER A 347 -4.45 7.25 2.72
CA SER A 347 -3.52 6.32 2.10
CA SER A 347 -3.51 6.33 2.09
C SER A 347 -4.10 5.64 0.86
N HIS A 348 -5.41 5.47 0.86
CA HIS A 348 -6.09 4.73 -0.21
C HIS A 348 -6.39 5.58 -1.43
N HIS A 349 -6.75 6.84 -1.20
CA HIS A 349 -7.26 7.70 -2.27
C HIS A 349 -6.20 8.68 -2.77
N SER A 350 -6.31 9.07 -4.04
CA SER A 350 -5.45 10.14 -4.55
C SER A 350 -5.96 11.49 -4.07
N ALA A 351 -5.07 12.48 -4.06
CA ALA A 351 -5.45 13.86 -3.75
C ALA A 351 -6.56 14.33 -4.68
N GLN A 352 -6.46 13.99 -5.95
CA GLN A 352 -7.48 14.39 -6.91
C GLN A 352 -8.86 13.80 -6.57
N GLU A 353 -8.89 12.56 -6.09
CA GLU A 353 -10.15 11.94 -5.69
C GLU A 353 -10.77 12.63 -4.48
N LEU A 354 -9.91 13.04 -3.54
CA LEU A 354 -10.40 13.62 -2.28
C LEU A 354 -10.78 15.08 -2.43
N ALA A 355 -10.19 15.74 -3.42
CA ALA A 355 -10.33 17.20 -3.55
C ALA A 355 -11.77 17.66 -3.48
N GLY A 356 -12.01 18.65 -2.63
CA GLY A 356 -13.31 19.30 -2.55
C GLY A 356 -14.37 18.54 -1.77
N SER A 357 -14.03 17.37 -1.24
CA SER A 357 -15.04 16.50 -0.64
C SER A 357 -15.34 16.85 0.80
N ARG A 358 -16.41 16.28 1.34
CA ARG A 358 -16.69 16.38 2.76
C ARG A 358 -16.43 15.02 3.40
N ILE A 359 -15.63 15.02 4.47
CA ILE A 359 -15.36 13.82 5.26
C ILE A 359 -16.08 13.93 6.61
N GLY A 360 -17.05 13.05 6.86
CA GLY A 360 -17.70 13.05 8.15
C GLY A 360 -16.89 12.22 9.11
N ALA A 361 -16.96 12.56 10.40
CA ALA A 361 -16.17 11.86 11.41
C ALA A 361 -17.00 11.68 12.68
N PHE A 362 -16.98 10.48 13.22
CA PHE A 362 -17.64 10.22 14.49
C PHE A 362 -16.66 9.74 15.53
N SER A 363 -16.55 10.51 16.62
CA SER A 363 -15.65 10.15 17.72
C SER A 363 -16.47 9.77 18.95
N TYR A 364 -16.12 8.65 19.59
CA TYR A 364 -16.84 8.18 20.76
C TYR A 364 -15.82 7.89 21.86
N GLY A 365 -16.21 8.12 23.10
CA GLY A 365 -15.46 7.63 24.24
C GLY A 365 -16.47 7.12 25.26
N SER A 366 -16.27 5.91 25.78
CA SER A 366 -17.22 5.35 26.74
C SER A 366 -17.33 6.24 27.97
N GLY A 367 -18.48 6.17 28.65
CA GLY A 367 -18.63 6.95 29.87
C GLY A 367 -19.70 8.02 30.04
N LEU A 368 -20.11 8.77 29.00
CA LEU A 368 -19.59 8.73 27.64
C LEU A 368 -19.50 10.17 27.12
N ALA A 369 -18.65 10.38 26.11
CA ALA A 369 -18.52 11.66 25.43
C ALA A 369 -18.38 11.36 23.95
N ALA A 370 -19.08 12.11 23.10
CA ALA A 370 -19.07 11.82 21.67
C ALA A 370 -19.32 13.06 20.85
N SER A 371 -18.72 13.12 19.66
CA SER A 371 -18.99 14.22 18.73
C SER A 371 -18.98 13.72 17.29
N PHE A 372 -19.90 14.25 16.47
CA PHE A 372 -19.93 13.99 15.04
C PHE A 372 -19.54 15.32 14.42
N PHE A 373 -18.51 15.33 13.57
CA PHE A 373 -18.06 16.58 12.96
C PHE A 373 -17.57 16.29 11.54
N SER A 374 -17.02 17.28 10.85
CA SER A 374 -16.61 17.03 9.47
C SER A 374 -15.46 17.91 9.02
N PHE A 375 -14.80 17.46 7.96
CA PHE A 375 -13.72 18.21 7.33
C PHE A 375 -14.14 18.52 5.91
N ARG A 376 -13.72 19.69 5.43
CA ARG A 376 -13.83 20.00 4.00
C ARG A 376 -12.43 19.91 3.38
N VAL A 377 -12.29 19.12 2.33
CA VAL A 377 -10.99 18.93 1.69
C VAL A 377 -10.76 20.02 0.65
N SER A 378 -9.55 20.57 0.64
CA SER A 378 -9.19 21.59 -0.35
C SER A 378 -9.48 21.15 -1.78
N GLN A 379 -9.79 22.12 -2.64
CA GLN A 379 -9.96 21.87 -4.07
C GLN A 379 -8.61 21.71 -4.79
N ASP A 380 -7.53 22.17 -4.15
CA ASP A 380 -6.22 22.15 -4.78
C ASP A 380 -5.53 20.79 -4.59
N ALA A 381 -5.42 20.03 -5.66
CA ALA A 381 -4.80 18.70 -5.59
C ALA A 381 -3.58 18.62 -6.51
N ALA A 382 -3.05 19.77 -6.90
CA ALA A 382 -1.88 19.80 -7.77
C ALA A 382 -0.67 19.20 -7.07
N PRO A 383 0.27 18.67 -7.85
CA PRO A 383 1.49 18.13 -7.25
C PRO A 383 2.18 19.20 -6.40
N GLY A 384 2.59 18.84 -5.19
CA GLY A 384 3.24 19.79 -4.31
C GLY A 384 2.29 20.63 -3.47
N SER A 385 0.99 20.51 -3.72
CA SER A 385 -0.01 21.22 -2.92
C SER A 385 -0.04 20.66 -1.50
N PRO A 386 -0.58 21.43 -0.54
CA PRO A 386 -0.69 20.94 0.83
C PRO A 386 -1.44 19.60 0.88
N LEU A 387 -2.47 19.45 0.06
CA LEU A 387 -3.24 18.21 0.05
C LEU A 387 -2.39 17.06 -0.49
N ASP A 388 -1.65 17.34 -1.57
CA ASP A 388 -0.80 16.31 -2.17
C ASP A 388 0.25 15.84 -1.18
N LYS A 389 0.87 16.79 -0.48
CA LYS A 389 1.86 16.45 0.54
C LYS A 389 1.25 15.59 1.63
N LEU A 390 0.09 15.96 2.12
CA LEU A 390 -0.57 15.20 3.18
C LEU A 390 -0.89 13.77 2.70
N VAL A 391 -1.50 13.66 1.53
CA VAL A 391 -1.88 12.35 1.01
C VAL A 391 -0.64 11.49 0.80
N SER A 392 0.36 12.07 0.15
CA SER A 392 1.60 11.34 -0.14
CA SER A 392 1.61 11.36 -0.14
C SER A 392 2.25 10.81 1.13
N SER A 393 2.18 11.56 2.22
CA SER A 393 2.80 11.16 3.47
C SER A 393 2.19 9.90 4.07
N THR A 394 1.03 9.48 3.56
CA THR A 394 0.35 8.31 4.12
C THR A 394 0.40 7.10 3.19
N SER A 395 0.95 7.29 1.99
CA SER A 395 0.84 6.26 0.96
C SER A 395 1.51 4.94 1.32
N ASP A 396 2.54 4.98 2.15
CA ASP A 396 3.27 3.75 2.49
C ASP A 396 2.71 3.01 3.71
N LEU A 397 1.53 3.40 4.15
CA LEU A 397 0.94 2.77 5.34
C LEU A 397 0.83 1.23 5.23
N PRO A 398 0.29 0.71 4.12
CA PRO A 398 0.24 -0.75 4.01
C PRO A 398 1.63 -1.42 3.99
N LYS A 399 2.62 -0.78 3.35
CA LYS A 399 3.96 -1.32 3.36
C LYS A 399 4.52 -1.36 4.78
N ARG A 400 4.28 -0.30 5.53
CA ARG A 400 4.73 -0.24 6.91
C ARG A 400 4.08 -1.36 7.74
N LEU A 401 2.78 -1.52 7.59
CA LEU A 401 2.09 -2.58 8.32
C LEU A 401 2.65 -3.96 7.96
N ALA A 402 2.97 -4.14 6.68
CA ALA A 402 3.49 -5.43 6.23
C ALA A 402 4.88 -5.74 6.76
N SER A 403 5.60 -4.72 7.23
CA SER A 403 6.97 -4.89 7.69
C SER A 403 7.05 -5.35 9.15
N ARG A 404 5.89 -5.46 9.81
CA ARG A 404 5.85 -5.92 11.19
C ARG A 404 6.10 -7.41 11.27
N LYS A 405 6.45 -7.89 12.46
CA LYS A 405 6.67 -9.30 12.69
C LYS A 405 5.44 -9.97 13.28
N CYS A 406 5.06 -11.13 12.76
CA CYS A 406 3.95 -11.87 13.34
C CYS A 406 4.44 -12.67 14.54
N VAL A 407 3.71 -12.58 15.64
CA VAL A 407 4.09 -13.31 16.85
C VAL A 407 3.00 -14.34 17.14
N SER A 408 3.40 -15.54 17.57
CA SER A 408 2.43 -16.59 17.88
C SER A 408 1.49 -16.16 19.02
N PRO A 409 0.26 -16.69 19.03
CA PRO A 409 -0.66 -16.40 20.13
C PRO A 409 -0.07 -16.80 21.49
N GLU A 410 0.73 -17.85 21.52
CA GLU A 410 1.37 -18.29 22.76
C GLU A 410 2.33 -17.21 23.29
N GLU A 411 3.20 -16.72 22.42
CA GLU A 411 4.17 -15.70 22.84
C GLU A 411 3.46 -14.37 23.13
N PHE A 412 2.44 -14.04 22.34
CA PHE A 412 1.63 -12.85 22.58
C PHE A 412 1.03 -12.90 23.98
N THR A 413 0.49 -14.06 24.33
CA THR A 413 -0.10 -14.25 25.65
C THR A 413 0.94 -14.08 26.77
N GLU A 414 2.14 -14.63 26.57
CA GLU A 414 3.23 -14.47 27.54
C GLU A 414 3.57 -12.98 27.71
N ILE A 415 3.60 -12.25 26.60
CA ILE A 415 3.91 -10.82 26.66
C ILE A 415 2.80 -10.03 27.39
N MET A 416 1.55 -10.40 27.15
CA MET A 416 0.45 -9.80 27.91
C MET A 416 0.56 -10.10 29.40
N ASN A 417 0.89 -11.34 29.73
CA ASN A 417 1.07 -11.72 31.12
C ASN A 417 2.18 -10.93 31.77
N GLN A 418 3.25 -10.70 31.01
CA GLN A 418 4.37 -9.90 31.45
C GLN A 418 3.96 -8.45 31.73
N ARG A 419 3.05 -7.90 30.91
CA ARG A 419 2.53 -6.56 31.20
C ARG A 419 1.90 -6.52 32.60
N GLU A 420 1.16 -7.55 32.95
CA GLU A 420 0.52 -7.60 34.26
C GLU A 420 1.58 -7.68 35.36
N GLN A 421 2.59 -8.52 35.14
CA GLN A 421 3.62 -8.73 36.15
C GLN A 421 4.44 -7.47 36.43
N PHE A 422 4.70 -6.69 35.39
CA PHE A 422 5.60 -5.54 35.50
C PHE A 422 4.89 -4.22 35.74
N TYR A 423 3.56 -4.25 35.71
CA TYR A 423 2.75 -3.03 35.75
C TYR A 423 3.23 -2.05 36.82
N HIS A 424 3.45 -2.57 38.03
CA HIS A 424 3.75 -1.72 39.19
C HIS A 424 5.21 -1.76 39.61
N LYS A 425 6.02 -2.55 38.92
CA LYS A 425 7.41 -2.75 39.30
C LYS A 425 8.23 -1.45 39.27
N VAL A 426 9.22 -1.37 40.16
CA VAL A 426 10.20 -0.29 40.12
C VAL A 426 11.61 -0.84 40.10
N ASN A 427 12.57 0.04 39.86
CA ASN A 427 13.97 -0.33 39.80
C ASN A 427 14.22 -1.50 38.85
N PHE A 428 13.82 -1.35 37.59
CA PHE A 428 14.07 -2.39 36.60
C PHE A 428 14.18 -1.85 35.18
N SER A 429 14.80 -2.63 34.30
CA SER A 429 14.87 -2.32 32.88
C SER A 429 14.00 -3.29 32.13
N PRO A 430 13.01 -2.78 31.39
CA PRO A 430 12.10 -3.65 30.63
C PRO A 430 12.86 -4.58 29.72
N PRO A 431 12.56 -5.88 29.79
CA PRO A 431 13.22 -6.86 28.93
C PRO A 431 12.76 -6.67 27.49
N GLY A 432 13.54 -7.16 26.53
CA GLY A 432 13.18 -7.04 25.14
C GLY A 432 14.32 -6.50 24.30
N ASP A 433 14.51 -7.09 23.12
CA ASP A 433 15.59 -6.66 22.24
C ASP A 433 15.17 -5.40 21.50
N THR A 434 15.89 -4.31 21.72
CA THR A 434 15.59 -3.04 21.05
C THR A 434 15.68 -3.15 19.54
N ASN A 435 16.36 -4.19 19.06
CA ASN A 435 16.42 -4.45 17.61
C ASN A 435 15.07 -4.86 17.04
N SER A 436 14.15 -5.23 17.92
CA SER A 436 12.80 -5.60 17.52
C SER A 436 11.88 -4.38 17.40
N LEU A 437 12.42 -3.21 17.69
CA LEU A 437 11.66 -1.96 17.55
C LEU A 437 11.96 -1.34 16.20
N PHE A 438 11.00 -0.62 15.64
CA PHE A 438 11.25 0.14 14.40
C PHE A 438 12.31 1.19 14.66
N PRO A 439 13.15 1.46 13.66
CA PRO A 439 14.10 2.57 13.79
C PRO A 439 13.38 3.86 14.18
N GLY A 440 13.99 4.61 15.09
CA GLY A 440 13.45 5.88 15.54
C GLY A 440 12.44 5.76 16.67
N THR A 441 12.21 4.54 17.14
CA THR A 441 11.25 4.33 18.23
C THR A 441 11.86 4.64 19.61
N TRP A 442 11.16 5.48 20.37
CA TRP A 442 11.50 5.69 21.78
C TRP A 442 11.00 4.50 22.60
N TYR A 443 11.74 4.15 23.64
CA TYR A 443 11.34 3.04 24.48
C TYR A 443 11.73 3.28 25.93
N LEU A 444 11.09 2.54 26.83
CA LEU A 444 11.34 2.66 28.26
C LEU A 444 12.63 1.92 28.59
N GLU A 445 13.64 2.67 29.00
CA GLU A 445 14.95 2.09 29.28
C GLU A 445 15.02 1.60 30.72
N ARG A 446 14.38 2.34 31.63
CA ARG A 446 14.48 2.01 33.04
C ARG A 446 13.41 2.74 33.85
N VAL A 447 12.88 2.03 34.85
CA VAL A 447 12.08 2.65 35.89
C VAL A 447 12.93 2.59 37.15
N ASP A 448 13.26 3.75 37.72
CA ASP A 448 14.19 3.76 38.85
C ASP A 448 13.47 3.50 40.18
N GLU A 449 14.23 3.53 41.27
CA GLU A 449 13.70 3.19 42.59
C GLU A 449 12.59 4.16 43.02
N GLN A 450 12.58 5.36 42.45
CA GLN A 450 11.56 6.36 42.78
C GLN A 450 10.45 6.40 41.74
N HIS A 451 10.35 5.34 40.95
CA HIS A 451 9.29 5.20 39.97
C HIS A 451 9.40 6.22 38.82
N ARG A 452 10.59 6.80 38.66
CA ARG A 452 10.84 7.71 37.55
C ARG A 452 11.22 6.93 36.29
N ARG A 453 10.58 7.26 35.17
CA ARG A 453 10.81 6.54 33.92
C ARG A 453 11.81 7.27 33.05
N LYS A 454 12.78 6.52 32.55
CA LYS A 454 13.81 7.05 31.66
C LYS A 454 13.66 6.43 30.29
N TYR A 455 13.70 7.25 29.25
CA TYR A 455 13.52 6.77 27.88
C TYR A 455 14.77 6.91 27.04
N ALA A 456 14.90 6.01 26.07
CA ALA A 456 15.97 6.08 25.09
C ALA A 456 15.36 5.89 23.70
N ARG A 457 16.13 6.14 22.66
CA ARG A 457 15.56 6.08 21.32
C ARG A 457 16.40 5.20 20.40
N ARG A 458 15.75 4.27 19.70
CA ARG A 458 16.46 3.49 18.70
C ARG A 458 16.81 4.43 17.57
N PRO A 459 18.07 4.39 17.12
CA PRO A 459 18.49 5.35 16.08
C PRO A 459 17.61 5.32 14.86
N VAL A 460 17.44 6.49 14.23
CA VAL A 460 16.93 6.63 12.88
C VAL A 460 15.48 7.10 12.86
N SER B 1 -2.79 4.87 -42.32
CA SER B 1 -2.86 5.55 -41.04
C SER B 1 -2.53 4.60 -39.88
N MET B 2 -1.26 4.59 -39.48
CA MET B 2 -0.84 3.78 -38.34
C MET B 2 -1.47 4.32 -37.06
N PRO B 3 -2.01 3.43 -36.21
CA PRO B 3 -2.61 3.88 -34.95
C PRO B 3 -1.60 4.61 -34.07
N LYS B 4 -2.10 5.59 -33.32
CA LYS B 4 -1.24 6.43 -32.51
C LYS B 4 -1.10 5.91 -31.09
N ASP B 5 0.06 6.18 -30.49
CA ASP B 5 0.32 5.89 -29.09
C ASP B 5 0.00 4.44 -28.71
N VAL B 6 0.46 3.51 -29.54
CA VAL B 6 0.33 2.09 -29.21
C VAL B 6 1.07 1.79 -27.92
N GLY B 7 0.42 1.07 -27.02
CA GLY B 7 1.04 0.79 -25.72
C GLY B 7 0.12 0.09 -24.75
N ILE B 8 0.49 0.16 -23.47
CA ILE B 8 -0.23 -0.56 -22.43
C ILE B 8 -1.43 0.24 -21.93
N LEU B 9 -2.62 -0.35 -22.05
CA LEU B 9 -3.89 0.23 -21.57
C LEU B 9 -4.26 -0.32 -20.20
N ALA B 10 -3.90 -1.57 -19.94
CA ALA B 10 -4.28 -2.22 -18.70
C ALA B 10 -3.24 -3.26 -18.35
N LEU B 11 -3.07 -3.51 -17.05
CA LEU B 11 -2.04 -4.44 -16.60
C LEU B 11 -2.59 -5.18 -15.40
N GLU B 12 -2.41 -6.51 -15.39
CA GLU B 12 -2.86 -7.36 -14.30
C GLU B 12 -1.67 -8.19 -13.83
N VAL B 13 -1.49 -8.32 -12.51
CA VAL B 13 -0.42 -9.16 -12.00
C VAL B 13 -1.01 -10.27 -11.15
N TYR B 14 -0.43 -11.45 -11.22
CA TYR B 14 -0.79 -12.56 -10.35
C TYR B 14 0.45 -13.10 -9.66
N PHE B 15 0.33 -13.38 -8.35
CA PHE B 15 1.40 -14.07 -7.63
C PHE B 15 0.75 -15.02 -6.64
N PRO B 16 1.48 -16.09 -6.26
CA PRO B 16 0.85 -17.10 -5.41
C PRO B 16 0.57 -16.61 -4.00
N ALA B 17 -0.24 -17.39 -3.28
CA ALA B 17 -0.79 -16.98 -2.01
C ALA B 17 0.09 -17.33 -0.81
N GLN B 18 1.33 -17.74 -1.06
CA GLN B 18 2.25 -18.06 0.03
C GLN B 18 3.67 -17.66 -0.34
N TYR B 19 4.47 -17.38 0.68
CA TYR B 19 5.86 -17.02 0.47
C TYR B 19 6.69 -17.62 1.60
N VAL B 20 8.00 -17.69 1.40
CA VAL B 20 8.92 -18.00 2.49
C VAL B 20 9.66 -16.70 2.84
N ASP B 21 9.84 -16.46 4.14
CA ASP B 21 10.51 -15.26 4.61
C ASP B 21 12.03 -15.41 4.48
N GLN B 22 12.70 -14.39 3.94
CA GLN B 22 14.15 -14.49 3.70
C GLN B 22 14.99 -14.54 4.98
N THR B 23 14.58 -13.81 6.00
CA THR B 23 15.30 -13.91 7.27
C THR B 23 15.22 -15.33 7.83
N ASP B 24 14.03 -15.91 7.77
CA ASP B 24 13.85 -17.33 8.17
C ASP B 24 14.72 -18.24 7.31
N LEU B 25 14.74 -17.98 6.01
CA LEU B 25 15.49 -18.82 5.08
C LEU B 25 16.99 -18.74 5.36
N GLU B 26 17.47 -17.57 5.76
CA GLU B 26 18.86 -17.41 6.18
C GLU B 26 19.18 -18.37 7.32
N LYS B 27 18.32 -18.37 8.33
CA LYS B 27 18.55 -19.19 9.51
C LYS B 27 18.47 -20.67 9.17
N TYR B 28 17.49 -21.02 8.35
CA TYR B 28 17.34 -22.39 7.87
C TYR B 28 18.58 -22.86 7.12
N ASN B 29 19.12 -22.00 6.25
CA ASN B 29 20.27 -22.37 5.42
C ASN B 29 21.60 -22.20 6.18
N ASN B 30 21.52 -21.76 7.42
CA ASN B 30 22.70 -21.56 8.26
C ASN B 30 23.69 -20.58 7.66
N VAL B 31 23.17 -19.48 7.17
CA VAL B 31 23.99 -18.49 6.49
C VAL B 31 24.01 -17.26 7.39
N GLU B 32 24.96 -16.36 7.18
CA GLU B 32 25.09 -15.15 7.99
C GLU B 32 23.83 -14.29 7.91
N ALA B 33 23.43 -13.73 9.04
CA ALA B 33 22.27 -12.85 9.04
C ALA B 33 22.47 -11.71 8.05
N GLY B 34 21.45 -11.45 7.24
CA GLY B 34 21.51 -10.37 6.26
C GLY B 34 22.03 -10.76 4.89
N LYS B 35 22.55 -11.97 4.73
CA LYS B 35 23.07 -12.39 3.43
C LYS B 35 22.00 -12.25 2.34
N TYR B 36 20.77 -12.65 2.65
CA TYR B 36 19.70 -12.54 1.67
C TYR B 36 18.98 -11.19 1.74
N THR B 37 18.67 -10.73 2.94
CA THR B 37 17.89 -9.50 3.06
C THR B 37 18.69 -8.25 2.72
N VAL B 38 19.99 -8.29 2.97
CA VAL B 38 20.86 -7.17 2.62
C VAL B 38 21.72 -7.49 1.40
N GLY B 39 22.39 -8.65 1.41
CA GLY B 39 23.28 -9.02 0.33
C GLY B 39 22.56 -9.08 -1.02
N LEU B 40 21.42 -9.78 -1.04
CA LEU B 40 20.62 -9.87 -2.26
C LEU B 40 19.53 -8.80 -2.31
N GLY B 41 19.17 -8.25 -1.16
CA GLY B 41 18.13 -7.24 -1.09
C GLY B 41 16.72 -7.81 -1.16
N GLN B 42 16.58 -9.06 -0.72
CA GLN B 42 15.30 -9.77 -0.84
C GLN B 42 14.59 -9.95 0.50
N THR B 43 13.27 -9.84 0.50
CA THR B 43 12.51 -9.87 1.75
C THR B 43 11.66 -11.13 1.88
N ARG B 44 10.89 -11.44 0.84
CA ARG B 44 10.04 -12.62 0.82
C ARG B 44 10.07 -13.22 -0.57
N MET B 45 9.94 -14.55 -0.65
CA MET B 45 9.96 -15.25 -1.93
C MET B 45 8.67 -16.04 -2.15
N GLY B 46 7.94 -15.70 -3.21
CA GLY B 46 6.74 -16.44 -3.56
C GLY B 46 7.10 -17.79 -4.18
N PHE B 47 6.23 -18.76 -4.01
CA PHE B 47 6.43 -20.08 -4.61
C PHE B 47 5.10 -20.80 -4.80
N CYS B 48 5.11 -21.78 -5.69
CA CYS B 48 3.90 -22.54 -6.02
C CYS B 48 4.09 -24.01 -5.70
N SER B 49 3.05 -24.65 -5.19
CA SER B 49 3.05 -26.11 -5.10
C SER B 49 2.73 -26.70 -6.48
N VAL B 50 2.70 -28.02 -6.59
CA VAL B 50 2.38 -28.67 -7.86
C VAL B 50 0.93 -28.42 -8.29
N GLN B 51 0.13 -27.82 -7.39
CA GLN B 51 -1.25 -27.47 -7.72
C GLN B 51 -1.35 -26.32 -8.74
N GLU B 52 -0.26 -25.59 -8.93
CA GLU B 52 -0.24 -24.52 -9.92
C GLU B 52 0.85 -24.80 -10.94
N ASP B 53 0.60 -24.46 -12.20
CA ASP B 53 1.60 -24.62 -13.23
C ASP B 53 1.53 -23.43 -14.19
N ILE B 54 2.37 -23.42 -15.22
CA ILE B 54 2.43 -22.25 -16.10
C ILE B 54 1.05 -21.98 -16.74
N ASN B 55 0.31 -23.04 -17.11
CA ASN B 55 -1.03 -22.83 -17.69
C ASN B 55 -1.98 -22.17 -16.69
N SER B 56 -1.98 -22.65 -15.45
CA SER B 56 -2.93 -22.13 -14.47
C SER B 56 -2.58 -20.70 -14.08
N LEU B 57 -1.28 -20.39 -14.02
CA LEU B 57 -0.87 -19.02 -13.73
C LEU B 57 -1.41 -18.10 -14.83
N CYS B 58 -1.25 -18.49 -16.09
CA CYS B 58 -1.64 -17.64 -17.21
C CYS B 58 -3.17 -17.56 -17.33
N LEU B 59 -3.87 -18.66 -17.13
CA LEU B 59 -5.34 -18.62 -17.10
C LEU B 59 -5.83 -17.63 -16.03
N THR B 60 -5.20 -17.69 -14.87
CA THR B 60 -5.61 -16.85 -13.75
C THR B 60 -5.47 -15.37 -14.07
N VAL B 61 -4.29 -14.98 -14.55
CA VAL B 61 -4.04 -13.57 -14.75
C VAL B 61 -4.86 -13.03 -15.92
N VAL B 62 -5.05 -13.83 -16.97
CA VAL B 62 -5.84 -13.38 -18.11
C VAL B 62 -7.30 -13.23 -17.76
N GLN B 63 -7.87 -14.22 -17.09
CA GLN B 63 -9.29 -14.13 -16.75
C GLN B 63 -9.55 -13.00 -15.76
N ARG B 64 -8.64 -12.81 -14.82
CA ARG B 64 -8.76 -11.73 -13.84
C ARG B 64 -8.77 -10.37 -14.55
N LEU B 65 -7.85 -10.18 -15.49
CA LEU B 65 -7.81 -8.95 -16.27
C LEU B 65 -9.12 -8.73 -17.01
N MET B 66 -9.58 -9.75 -17.74
CA MET B 66 -10.78 -9.60 -18.54
CA MET B 66 -10.80 -9.66 -18.54
C MET B 66 -12.01 -9.29 -17.69
N GLU B 67 -12.11 -9.93 -16.53
CA GLU B 67 -13.25 -9.69 -15.66
C GLU B 67 -13.22 -8.29 -15.07
N ARG B 68 -12.03 -7.83 -14.69
CA ARG B 68 -11.92 -6.51 -14.05
C ARG B 68 -12.34 -5.39 -15.00
N ILE B 69 -11.89 -5.47 -16.25
CA ILE B 69 -12.17 -4.40 -17.20
C ILE B 69 -13.34 -4.75 -18.11
N GLN B 70 -14.00 -5.87 -17.83
CA GLN B 70 -15.13 -6.31 -18.63
C GLN B 70 -14.81 -6.33 -20.12
N LEU B 71 -13.70 -6.98 -20.47
CA LEU B 71 -13.23 -7.05 -21.84
C LEU B 71 -14.07 -8.04 -22.63
N PRO B 72 -14.67 -7.59 -23.74
CA PRO B 72 -15.41 -8.53 -24.59
C PRO B 72 -14.49 -9.57 -25.22
N TRP B 73 -14.93 -10.82 -25.29
CA TRP B 73 -14.14 -11.86 -25.94
C TRP B 73 -13.75 -11.52 -27.36
N ASP B 74 -14.63 -10.80 -28.06
CA ASP B 74 -14.40 -10.49 -29.47
C ASP B 74 -13.49 -9.31 -29.70
N SER B 75 -12.95 -8.74 -28.62
CA SER B 75 -12.17 -7.52 -28.74
C SER B 75 -10.67 -7.79 -28.82
N VAL B 76 -10.29 -9.07 -28.72
CA VAL B 76 -8.87 -9.45 -28.74
C VAL B 76 -8.47 -10.14 -30.04
N GLY B 77 -7.55 -9.53 -30.79
CA GLY B 77 -7.14 -10.04 -32.08
C GLY B 77 -5.78 -10.72 -32.08
N ARG B 78 -5.02 -10.54 -30.99
CA ARG B 78 -3.73 -11.19 -30.84
C ARG B 78 -3.53 -11.51 -29.37
N LEU B 79 -3.01 -12.70 -29.10
CA LEU B 79 -2.79 -13.15 -27.73
C LEU B 79 -1.57 -14.06 -27.79
N GLU B 80 -0.56 -13.72 -27.00
CA GLU B 80 0.72 -14.43 -27.11
C GLU B 80 1.41 -14.51 -25.76
N VAL B 81 2.00 -15.67 -25.48
CA VAL B 81 2.58 -15.94 -24.16
C VAL B 81 4.09 -15.99 -24.25
N GLY B 82 4.73 -15.20 -23.39
CA GLY B 82 6.17 -15.33 -23.19
C GLY B 82 6.41 -16.06 -21.88
N THR B 83 7.27 -17.07 -21.91
CA THR B 83 7.56 -17.86 -20.73
C THR B 83 8.83 -18.67 -20.98
N GLU B 84 9.41 -19.19 -19.90
CA GLU B 84 10.47 -20.20 -20.03
C GLU B 84 10.15 -21.40 -19.18
N THR B 85 8.89 -21.52 -18.75
CA THR B 85 8.45 -22.65 -17.94
C THR B 85 7.72 -23.58 -18.90
N ILE B 86 8.41 -24.62 -19.33
CA ILE B 86 7.93 -25.48 -20.41
C ILE B 86 7.42 -26.81 -19.86
N ILE B 87 6.14 -27.10 -20.06
CA ILE B 87 5.62 -28.39 -19.60
C ILE B 87 5.13 -29.23 -20.76
N ASP B 88 5.23 -28.67 -21.97
CA ASP B 88 4.96 -29.43 -23.18
C ASP B 88 5.86 -28.86 -24.26
N LYS B 89 6.53 -29.72 -24.99
CA LYS B 89 7.50 -29.23 -25.97
C LYS B 89 6.86 -28.78 -27.27
N SER B 90 5.58 -29.11 -27.48
CA SER B 90 4.91 -28.78 -28.73
CA SER B 90 4.94 -28.72 -28.73
C SER B 90 3.69 -27.88 -28.53
N LYS B 91 2.93 -28.17 -27.48
CA LYS B 91 1.65 -27.51 -27.27
C LYS B 91 1.81 -26.21 -26.48
N ALA B 92 1.48 -25.10 -27.11
CA ALA B 92 1.67 -23.78 -26.50
C ALA B 92 0.65 -23.47 -25.42
N VAL B 93 1.10 -22.71 -24.43
CA VAL B 93 0.20 -22.17 -23.41
C VAL B 93 -0.95 -21.40 -24.09
N LYS B 94 -0.64 -20.68 -25.16
CA LYS B 94 -1.69 -19.98 -25.91
C LYS B 94 -2.88 -20.89 -26.23
N THR B 95 -2.61 -22.14 -26.63
CA THR B 95 -3.73 -23.03 -26.96
C THR B 95 -4.61 -23.33 -25.76
N VAL B 96 -3.99 -23.47 -24.59
CA VAL B 96 -4.76 -23.71 -23.36
C VAL B 96 -5.56 -22.46 -22.99
N LEU B 97 -4.99 -21.28 -23.20
CA LEU B 97 -5.71 -20.04 -22.94
C LEU B 97 -6.95 -19.89 -23.82
N MET B 98 -6.99 -20.61 -24.93
CA MET B 98 -8.17 -20.54 -25.81
C MET B 98 -9.42 -21.07 -25.10
N GLU B 99 -9.23 -21.84 -24.04
CA GLU B 99 -10.36 -22.21 -23.16
C GLU B 99 -11.18 -21.01 -22.75
N LEU B 100 -10.53 -19.85 -22.64
CA LEU B 100 -11.23 -18.63 -22.22
C LEU B 100 -11.98 -17.95 -23.36
N PHE B 101 -11.65 -18.31 -24.61
CA PHE B 101 -12.20 -17.59 -25.78
C PHE B 101 -13.05 -18.44 -26.72
N GLN B 102 -12.75 -19.72 -26.82
CA GLN B 102 -13.29 -20.47 -27.95
C GLN B 102 -14.80 -20.70 -27.89
N ASP B 103 -15.36 -20.89 -26.70
CA ASP B 103 -16.81 -21.14 -26.61
C ASP B 103 -17.64 -19.93 -27.07
N SER B 104 -17.06 -18.73 -26.92
CA SER B 104 -17.75 -17.51 -27.35
C SER B 104 -17.67 -17.33 -28.86
N GLY B 105 -16.88 -18.15 -29.53
CA GLY B 105 -16.77 -18.11 -30.97
C GLY B 105 -15.66 -17.23 -31.51
N ASN B 106 -14.79 -16.70 -30.65
CA ASN B 106 -13.69 -15.89 -31.12
CA ASN B 106 -13.66 -15.89 -31.14
C ASN B 106 -12.38 -16.70 -31.12
N THR B 107 -12.07 -17.32 -32.25
CA THR B 107 -10.87 -18.14 -32.32
C THR B 107 -9.87 -17.59 -33.33
N ASP B 108 -10.22 -16.47 -33.96
CA ASP B 108 -9.33 -15.83 -34.95
C ASP B 108 -8.40 -14.88 -34.20
N ILE B 109 -7.47 -15.47 -33.46
CA ILE B 109 -6.57 -14.72 -32.58
C ILE B 109 -5.12 -15.11 -32.87
N GLU B 110 -4.38 -14.20 -33.49
CA GLU B 110 -3.01 -14.46 -33.89
C GLU B 110 -2.13 -14.61 -32.65
N GLY B 111 -0.96 -15.23 -32.81
CA GLY B 111 0.01 -15.36 -31.72
C GLY B 111 0.06 -16.76 -31.14
N ILE B 112 1.23 -17.13 -30.62
CA ILE B 112 1.38 -18.42 -29.96
C ILE B 112 2.22 -18.25 -28.70
N ASP B 113 3.27 -19.05 -28.49
CA ASP B 113 4.19 -18.80 -27.38
C ASP B 113 5.53 -18.37 -27.94
N THR B 114 6.32 -17.67 -27.15
CA THR B 114 7.65 -17.27 -27.60
C THR B 114 8.62 -17.34 -26.41
N THR B 115 9.79 -17.95 -26.62
CA THR B 115 10.67 -18.23 -25.50
C THR B 115 12.15 -17.92 -25.75
N ASN B 116 12.73 -17.16 -24.83
CA ASN B 116 14.15 -17.22 -24.53
C ASN B 116 14.33 -16.71 -23.13
N ALA B 117 14.51 -17.63 -22.19
CA ALA B 117 14.79 -17.29 -20.81
C ALA B 117 13.82 -16.19 -20.32
N CYS B 118 14.33 -15.16 -19.64
CA CYS B 118 13.47 -14.14 -19.09
C CYS B 118 13.04 -13.05 -20.05
N TYR B 119 13.31 -13.25 -21.35
CA TYR B 119 13.06 -12.21 -22.36
C TYR B 119 11.73 -12.36 -23.10
N GLY B 120 11.10 -13.53 -23.00
CA GLY B 120 9.89 -13.81 -23.79
C GLY B 120 8.71 -12.85 -23.65
N GLY B 121 8.51 -12.30 -22.45
CA GLY B 121 7.43 -11.34 -22.25
C GLY B 121 7.66 -10.10 -23.12
N THR B 122 8.88 -9.60 -23.08
CA THR B 122 9.24 -8.48 -23.93
C THR B 122 9.10 -8.81 -25.43
N ALA B 123 9.50 -10.01 -25.81
CA ALA B 123 9.35 -10.41 -27.22
C ALA B 123 7.88 -10.33 -27.60
N SER B 124 7.02 -10.82 -26.71
CA SER B 124 5.59 -10.80 -26.97
C SER B 124 5.06 -9.36 -27.03
N LEU B 125 5.55 -8.51 -26.14
CA LEU B 125 5.15 -7.08 -26.17
C LEU B 125 5.55 -6.44 -27.50
N PHE B 126 6.81 -6.64 -27.92
CA PHE B 126 7.26 -6.09 -29.20
C PHE B 126 6.43 -6.65 -30.36
N ASN B 127 6.16 -7.94 -30.33
CA ASN B 127 5.37 -8.56 -31.40
C ASN B 127 3.96 -7.96 -31.47
N ALA B 128 3.41 -7.65 -30.29
CA ALA B 128 2.07 -7.08 -30.22
C ALA B 128 2.04 -5.68 -30.82
N ALA B 129 3.02 -4.85 -30.45
CA ALA B 129 3.10 -3.52 -31.04
C ALA B 129 3.35 -3.60 -32.55
N ASN B 130 4.23 -4.50 -32.97
CA ASN B 130 4.52 -4.66 -34.40
C ASN B 130 3.23 -5.00 -35.17
N TRP B 131 2.50 -5.98 -34.66
CA TRP B 131 1.23 -6.40 -35.26
C TRP B 131 0.25 -5.24 -35.36
N MET B 132 0.10 -4.50 -34.26
CA MET B 132 -0.89 -3.44 -34.21
C MET B 132 -0.58 -2.33 -35.20
N GLU B 133 0.70 -2.16 -35.53
CA GLU B 133 1.12 -1.09 -36.44
C GLU B 133 1.20 -1.55 -37.91
N SER B 134 0.90 -2.82 -38.14
CA SER B 134 1.10 -3.43 -39.44
C SER B 134 -0.18 -3.46 -40.27
N SER B 135 -0.06 -3.96 -41.50
CA SER B 135 -1.23 -4.10 -42.37
C SER B 135 -2.17 -5.20 -41.88
N SER B 136 -1.69 -6.02 -40.93
CA SER B 136 -2.50 -7.12 -40.42
C SER B 136 -3.38 -6.71 -39.24
N TRP B 137 -3.18 -5.52 -38.68
CA TRP B 137 -4.03 -5.09 -37.59
C TRP B 137 -5.48 -5.03 -38.05
N ASP B 138 -6.38 -5.56 -37.24
CA ASP B 138 -7.80 -5.53 -37.58
C ASP B 138 -8.63 -4.69 -36.61
N GLY B 139 -7.96 -3.80 -35.89
CA GLY B 139 -8.65 -2.87 -35.01
C GLY B 139 -8.82 -3.36 -33.59
N ARG B 140 -8.49 -4.63 -33.36
CA ARG B 140 -8.70 -5.26 -32.05
CA ARG B 140 -8.72 -5.19 -32.03
C ARG B 140 -7.50 -5.06 -31.11
N TYR B 141 -7.70 -5.32 -29.82
CA TYR B 141 -6.61 -5.25 -28.85
C TYR B 141 -5.65 -6.42 -29.04
N ALA B 142 -4.41 -6.24 -28.58
CA ALA B 142 -3.52 -7.38 -28.38
C ALA B 142 -3.42 -7.64 -26.89
N MET B 143 -3.25 -8.90 -26.52
CA MET B 143 -2.99 -9.20 -25.13
CA MET B 143 -3.05 -9.26 -25.12
C MET B 143 -1.68 -9.93 -24.98
N VAL B 144 -0.81 -9.35 -24.17
CA VAL B 144 0.52 -9.90 -23.94
C VAL B 144 0.49 -10.60 -22.59
N VAL B 145 0.88 -11.86 -22.56
CA VAL B 145 0.87 -12.62 -21.31
C VAL B 145 2.26 -13.17 -21.06
N CYS B 146 2.73 -13.06 -19.82
CA CYS B 146 3.98 -13.73 -19.48
C CYS B 146 3.92 -14.21 -18.05
N GLY B 147 4.71 -15.23 -17.75
CA GLY B 147 4.70 -15.76 -16.41
C GLY B 147 5.68 -16.90 -16.33
N ASP B 148 5.96 -17.32 -15.11
CA ASP B 148 6.97 -18.33 -14.88
C ASP B 148 6.96 -18.80 -13.44
N ILE B 149 7.47 -20.01 -13.26
CA ILE B 149 7.76 -20.53 -11.92
C ILE B 149 9.26 -20.72 -11.85
N ALA B 150 9.91 -19.86 -11.08
CA ALA B 150 11.37 -19.87 -10.99
C ALA B 150 11.83 -20.62 -9.76
N VAL B 151 12.45 -21.77 -10.00
CA VAL B 151 12.91 -22.63 -8.92
C VAL B 151 14.33 -23.11 -9.17
N TYR B 152 15.09 -23.24 -8.07
CA TYR B 152 16.45 -23.74 -8.14
C TYR B 152 16.60 -24.86 -7.11
N PRO B 153 17.61 -25.72 -7.29
CA PRO B 153 17.87 -26.72 -6.25
C PRO B 153 18.39 -26.05 -4.98
N SER B 154 18.41 -26.78 -3.87
CA SER B 154 19.00 -26.26 -2.65
C SER B 154 20.41 -25.77 -2.97
N GLY B 155 20.75 -24.58 -2.51
CA GLY B 155 22.03 -23.97 -2.85
C GLY B 155 21.93 -22.47 -2.95
N ASN B 156 22.98 -21.82 -3.44
CA ASN B 156 23.05 -20.36 -3.41
CA ASN B 156 23.06 -20.36 -3.42
C ASN B 156 22.07 -19.63 -4.33
N ALA B 157 21.46 -20.34 -5.28
CA ALA B 157 20.51 -19.71 -6.18
C ALA B 157 19.06 -19.79 -5.68
N ARG B 158 18.78 -20.77 -4.82
CA ARG B 158 17.40 -20.99 -4.38
C ARG B 158 16.72 -19.72 -3.80
N PRO B 159 17.45 -18.90 -3.03
CA PRO B 159 16.80 -17.69 -2.52
C PRO B 159 16.46 -16.64 -3.59
N THR B 160 16.83 -16.87 -4.85
CA THR B 160 16.52 -15.91 -5.92
C THR B 160 15.48 -16.43 -6.91
N GLY B 161 14.68 -17.41 -6.47
CA GLY B 161 13.52 -17.84 -7.24
C GLY B 161 12.30 -16.95 -7.01
N GLY B 162 11.15 -17.43 -7.44
CA GLY B 162 9.91 -16.65 -7.37
C GLY B 162 8.90 -17.22 -8.34
N ALA B 163 7.75 -16.58 -8.45
CA ALA B 163 6.70 -17.09 -9.34
C ALA B 163 5.62 -16.06 -9.53
N GLY B 164 5.03 -16.04 -10.71
CA GLY B 164 3.91 -15.16 -10.97
C GLY B 164 3.68 -14.97 -12.45
N ALA B 165 2.74 -14.09 -12.79
CA ALA B 165 2.44 -13.83 -14.18
C ALA B 165 1.85 -12.46 -14.33
N VAL B 166 1.88 -11.94 -15.55
CA VAL B 166 1.35 -10.62 -15.85
C VAL B 166 0.62 -10.69 -17.17
N ALA B 167 -0.52 -10.02 -17.26
CA ALA B 167 -1.20 -9.84 -18.55
C ALA B 167 -1.31 -8.35 -18.82
N MET B 168 -1.02 -7.94 -20.05
CA MET B 168 -1.14 -6.55 -20.44
C MET B 168 -2.03 -6.41 -21.65
N LEU B 169 -2.96 -5.47 -21.58
CA LEU B 169 -3.80 -5.15 -22.73
C LEU B 169 -3.11 -4.05 -23.53
N ILE B 170 -2.88 -4.32 -24.81
CA ILE B 170 -2.19 -3.39 -25.69
C ILE B 170 -3.18 -2.81 -26.70
N GLY B 171 -3.14 -1.49 -26.89
CA GLY B 171 -4.01 -0.84 -27.85
C GLY B 171 -3.52 0.54 -28.19
N PRO B 172 -4.21 1.20 -29.14
CA PRO B 172 -3.91 2.59 -29.51
C PRO B 172 -4.29 3.52 -28.37
N LYS B 173 -3.78 4.75 -28.40
CA LYS B 173 -4.14 5.77 -27.43
C LYS B 173 -3.88 5.32 -26.00
N ALA B 174 -2.75 4.64 -25.81
CA ALA B 174 -2.44 4.10 -24.49
C ALA B 174 -1.76 5.13 -23.62
N PRO B 175 -2.04 5.09 -22.30
CA PRO B 175 -1.38 6.01 -21.37
C PRO B 175 0.11 5.72 -21.16
N LEU B 176 0.56 4.48 -21.38
CA LEU B 176 1.99 4.14 -21.46
C LEU B 176 2.32 3.75 -22.89
N ALA B 177 2.78 4.73 -23.67
CA ALA B 177 3.00 4.50 -25.09
C ALA B 177 4.46 4.10 -25.36
N LEU B 178 4.66 3.01 -26.08
CA LEU B 178 6.02 2.62 -26.44
C LEU B 178 6.63 3.72 -27.29
N GLU B 179 7.86 4.12 -26.97
CA GLU B 179 8.50 5.16 -27.75
C GLU B 179 9.05 4.61 -29.06
N ARG B 180 8.51 5.10 -30.16
CA ARG B 180 8.72 4.46 -31.45
C ARG B 180 10.15 4.55 -31.93
N GLY B 181 10.64 3.44 -32.47
CA GLY B 181 11.97 3.39 -33.02
C GLY B 181 13.08 3.25 -32.00
N LEU B 182 12.73 3.16 -30.72
CA LEU B 182 13.75 3.17 -29.66
C LEU B 182 13.88 1.81 -28.99
N ARG B 183 14.38 0.83 -29.72
CA ARG B 183 14.66 -0.48 -29.14
C ARG B 183 16.14 -0.76 -29.33
N GLY B 184 16.88 -0.74 -28.23
CA GLY B 184 18.29 -1.06 -28.28
C GLY B 184 18.45 -2.52 -27.93
N THR B 185 18.73 -3.35 -28.93
CA THR B 185 18.68 -4.79 -28.75
C THR B 185 20.06 -5.41 -28.94
N HIS B 186 20.33 -6.46 -28.17
CA HIS B 186 21.59 -7.18 -28.27
C HIS B 186 21.34 -8.64 -27.98
N MET B 187 21.77 -9.50 -28.90
CA MET B 187 21.69 -10.94 -28.70
C MET B 187 23.03 -11.56 -29.05
N GLU B 188 23.40 -12.61 -28.34
CA GLU B 188 24.66 -13.31 -28.59
C GLU B 188 24.57 -14.70 -28.00
N ASN B 189 25.50 -15.56 -28.39
CA ASN B 189 25.45 -16.96 -27.98
C ASN B 189 26.26 -17.19 -26.70
N VAL B 190 25.58 -17.38 -25.58
CA VAL B 190 26.27 -17.67 -24.33
C VAL B 190 25.63 -18.81 -23.54
N TYR B 191 26.34 -19.28 -22.53
CA TYR B 191 25.85 -20.36 -21.68
C TYR B 191 25.87 -19.94 -20.21
N ASP B 192 25.30 -18.78 -19.91
CA ASP B 192 25.27 -18.29 -18.53
C ASP B 192 24.20 -19.01 -17.68
N PHE B 193 23.09 -19.32 -18.32
CA PHE B 193 21.92 -19.95 -17.66
C PHE B 193 21.15 -20.60 -18.78
N TYR B 194 20.84 -21.88 -18.62
CA TYR B 194 20.15 -22.62 -19.67
C TYR B 194 19.50 -23.85 -19.05
N LYS B 195 18.59 -24.49 -19.78
CA LYS B 195 17.81 -25.61 -19.25
C LYS B 195 17.87 -26.81 -20.21
N PRO B 196 19.03 -27.48 -20.24
CA PRO B 196 19.28 -28.57 -21.18
C PRO B 196 18.88 -29.93 -20.61
N ASN B 197 18.61 -29.99 -19.31
CA ASN B 197 18.12 -31.22 -18.70
C ASN B 197 16.61 -31.24 -18.76
N LEU B 198 16.09 -31.84 -19.82
CA LEU B 198 14.69 -31.62 -20.19
C LEU B 198 13.73 -32.11 -19.12
N ALA B 199 14.15 -33.13 -18.38
CA ALA B 199 13.30 -33.72 -17.36
C ALA B 199 13.49 -33.09 -15.97
N SER B 200 14.29 -32.04 -15.88
CA SER B 200 14.47 -31.33 -14.62
C SER B 200 13.92 -29.92 -14.74
N GLU B 201 13.27 -29.42 -13.68
CA GLU B 201 12.82 -28.04 -13.68
C GLU B 201 13.99 -27.07 -13.54
N TYR B 202 15.14 -27.58 -13.11
CA TYR B 202 16.24 -26.72 -12.72
C TYR B 202 17.15 -26.37 -13.88
N PRO B 203 17.59 -25.11 -13.94
CA PRO B 203 18.57 -24.70 -14.94
C PRO B 203 19.98 -25.07 -14.51
N ILE B 204 20.90 -25.09 -15.48
CA ILE B 204 22.31 -25.04 -15.16
C ILE B 204 22.64 -23.56 -15.16
N VAL B 205 23.28 -23.09 -14.09
CA VAL B 205 23.57 -21.68 -14.01
C VAL B 205 24.98 -21.45 -13.50
N ASP B 206 25.71 -20.57 -14.19
CA ASP B 206 26.99 -20.05 -13.70
C ASP B 206 26.67 -18.66 -13.19
N GLY B 207 26.56 -18.54 -11.87
CA GLY B 207 26.08 -17.30 -11.26
C GLY B 207 26.87 -16.08 -11.68
N LYS B 208 28.19 -16.14 -11.50
CA LYS B 208 29.07 -15.03 -11.85
C LYS B 208 28.95 -14.65 -13.31
N LEU B 209 28.95 -15.65 -14.17
CA LEU B 209 28.85 -15.41 -15.61
C LEU B 209 27.51 -14.77 -15.97
N SER B 210 26.44 -15.22 -15.31
CA SER B 210 25.11 -14.68 -15.59
C SER B 210 25.06 -13.18 -15.24
N ILE B 211 25.72 -12.81 -14.15
CA ILE B 211 25.78 -11.41 -13.76
C ILE B 211 26.59 -10.60 -14.76
N GLN B 212 27.74 -11.13 -15.17
CA GLN B 212 28.56 -10.47 -16.19
C GLN B 212 27.80 -10.31 -17.51
N CYS B 213 27.07 -11.34 -17.92
CA CYS B 213 26.35 -11.29 -19.19
C CYS B 213 25.18 -10.30 -19.15
N TYR B 214 24.46 -10.28 -18.03
CA TYR B 214 23.40 -9.30 -17.84
C TYR B 214 23.95 -7.89 -18.01
N LEU B 215 25.07 -7.62 -17.34
CA LEU B 215 25.67 -6.29 -17.37
C LEU B 215 26.26 -5.94 -18.74
N ARG B 216 26.85 -6.91 -19.43
CA ARG B 216 27.36 -6.63 -20.76
C ARG B 216 26.21 -6.35 -21.72
N ALA B 217 25.14 -7.13 -21.63
CA ALA B 217 23.97 -6.88 -22.45
C ALA B 217 23.41 -5.48 -22.15
N LEU B 218 23.43 -5.10 -20.88
CA LEU B 218 22.93 -3.78 -20.48
C LEU B 218 23.75 -2.69 -21.17
N ASP B 219 25.08 -2.82 -21.12
CA ASP B 219 25.97 -1.87 -21.80
C ASP B 219 25.57 -1.76 -23.27
N ARG B 220 25.46 -2.91 -23.93
CA ARG B 220 25.24 -2.94 -25.39
C ARG B 220 23.89 -2.33 -25.74
N CYS B 221 22.87 -2.69 -24.97
CA CYS B 221 21.51 -2.22 -25.24
C CYS B 221 21.38 -0.72 -24.97
N TYR B 222 22.01 -0.24 -23.90
CA TYR B 222 21.97 1.18 -23.57
C TYR B 222 22.68 1.99 -24.65
N THR B 223 23.79 1.48 -25.13
CA THR B 223 24.50 2.16 -26.23
C THR B 223 23.67 2.22 -27.50
N SER B 224 23.01 1.11 -27.84
CA SER B 224 22.14 1.06 -29.01
C SER B 224 20.98 2.03 -28.87
N TYR B 225 20.33 2.00 -27.71
CA TYR B 225 19.22 2.90 -27.44
C TYR B 225 19.65 4.37 -27.54
N ARG B 226 20.76 4.70 -26.91
CA ARG B 226 21.24 6.08 -26.94
C ARG B 226 21.52 6.53 -28.37
N LYS B 227 22.11 5.66 -29.17
CA LYS B 227 22.40 6.00 -30.56
C LYS B 227 21.10 6.32 -31.30
N LYS B 228 20.08 5.50 -31.07
CA LYS B 228 18.83 5.66 -31.78
C LYS B 228 18.07 6.92 -31.37
N ILE B 229 18.02 7.21 -30.08
CA ILE B 229 17.28 8.40 -29.67
C ILE B 229 18.07 9.66 -30.05
N GLN B 230 19.39 9.58 -29.99
CA GLN B 230 20.21 10.73 -30.39
C GLN B 230 20.03 11.02 -31.87
N ASN B 231 19.87 9.96 -32.68
CA ASN B 231 19.61 10.15 -34.09
C ASN B 231 18.28 10.84 -34.33
N GLN B 232 17.26 10.43 -33.57
CA GLN B 232 15.97 11.12 -33.62
C GLN B 232 16.10 12.58 -33.19
N TRP B 233 16.83 12.82 -32.10
CA TRP B 233 17.02 14.18 -31.63
C TRP B 233 17.75 15.04 -32.65
N LYS B 234 18.76 14.46 -33.29
CA LYS B 234 19.54 15.17 -34.31
C LYS B 234 18.65 15.59 -35.48
N GLN B 235 17.80 14.67 -35.92
CA GLN B 235 16.85 14.97 -36.99
C GLN B 235 15.90 16.09 -36.59
N ALA B 236 15.65 16.22 -35.29
CA ALA B 236 14.79 17.27 -34.77
C ALA B 236 15.58 18.53 -34.42
N GLY B 237 16.87 18.52 -34.76
CA GLY B 237 17.70 19.70 -34.56
C GLY B 237 18.37 19.82 -33.21
N SER B 238 18.63 18.70 -32.55
CA SER B 238 19.30 18.71 -31.24
C SER B 238 20.48 17.75 -31.21
N ASP B 239 21.65 18.25 -30.82
CA ASP B 239 22.87 17.45 -30.77
C ASP B 239 23.21 16.92 -29.37
N ARG B 240 22.35 17.19 -28.39
CA ARG B 240 22.66 16.80 -27.02
C ARG B 240 22.68 15.28 -26.82
N PRO B 241 23.52 14.81 -25.90
CA PRO B 241 23.61 13.38 -25.61
C PRO B 241 22.52 12.95 -24.64
N PHE B 242 22.07 11.71 -24.80
CA PHE B 242 21.11 11.12 -23.87
C PHE B 242 21.87 10.61 -22.65
N THR B 243 21.36 10.91 -21.46
CA THR B 243 21.91 10.34 -20.22
C THR B 243 20.75 9.92 -19.32
N LEU B 244 21.08 9.37 -18.15
CA LEU B 244 20.06 9.02 -17.16
C LEU B 244 19.17 10.22 -16.78
N ASP B 245 19.67 11.43 -16.97
CA ASP B 245 18.87 12.63 -16.66
C ASP B 245 17.64 12.72 -17.54
N ASP B 246 17.66 12.00 -18.65
CA ASP B 246 16.56 12.03 -19.61
C ASP B 246 15.51 10.97 -19.35
N LEU B 247 15.72 10.19 -18.29
CA LEU B 247 14.75 9.18 -17.85
C LEU B 247 14.19 9.64 -16.51
N GLN B 248 12.88 9.64 -16.33
CA GLN B 248 12.32 9.95 -15.01
C GLN B 248 12.26 8.70 -14.14
N TYR B 249 12.09 7.54 -14.78
CA TYR B 249 12.05 6.28 -14.07
C TYR B 249 12.80 5.26 -14.90
N MET B 250 13.34 4.24 -14.25
CA MET B 250 14.14 3.24 -14.95
C MET B 250 13.89 1.90 -14.27
N ILE B 251 13.31 0.97 -15.02
CA ILE B 251 12.93 -0.33 -14.47
C ILE B 251 13.66 -1.45 -15.20
N PHE B 252 13.87 -2.56 -14.50
CA PHE B 252 14.77 -3.60 -14.97
C PHE B 252 14.18 -4.98 -14.73
N HIS B 253 14.56 -5.94 -15.57
CA HIS B 253 14.43 -7.33 -15.15
C HIS B 253 15.20 -7.47 -13.83
N THR B 254 14.56 -8.07 -12.82
CA THR B 254 15.11 -8.08 -11.46
C THR B 254 15.27 -9.51 -10.93
N PRO B 255 16.46 -10.08 -11.12
CA PRO B 255 16.73 -11.42 -10.56
C PRO B 255 16.82 -11.37 -9.04
N PHE B 256 17.27 -10.22 -8.54
CA PHE B 256 17.26 -9.89 -7.11
C PHE B 256 17.55 -8.38 -7.02
N CYS B 257 17.16 -7.75 -5.92
CA CYS B 257 17.16 -6.30 -5.87
C CYS B 257 18.56 -5.67 -5.94
N LYS B 258 19.54 -6.28 -5.27
CA LYS B 258 20.90 -5.75 -5.30
C LYS B 258 21.43 -5.67 -6.73
N MET B 259 21.09 -6.65 -7.56
CA MET B 259 21.51 -6.66 -8.95
C MET B 259 21.08 -5.36 -9.64
N VAL B 260 19.86 -4.94 -9.35
CA VAL B 260 19.30 -3.76 -9.99
C VAL B 260 19.95 -2.46 -9.51
N GLN B 261 20.25 -2.37 -8.22
CA GLN B 261 20.97 -1.20 -7.73
C GLN B 261 22.32 -1.09 -8.43
N LYS B 262 23.00 -2.23 -8.60
CA LYS B 262 24.27 -2.24 -9.30
C LYS B 262 24.12 -1.94 -10.79
N SER B 263 22.97 -2.29 -11.36
CA SER B 263 22.73 -2.06 -12.77
C SER B 263 22.51 -0.59 -13.06
N LEU B 264 21.78 0.10 -12.18
CA LEU B 264 21.60 1.53 -12.36
C LEU B 264 22.95 2.22 -12.24
N ALA B 265 23.77 1.75 -11.29
CA ALA B 265 25.14 2.25 -11.14
C ALA B 265 25.96 2.04 -12.43
N ARG B 266 25.77 0.89 -13.06
CA ARG B 266 26.47 0.57 -14.30
C ARG B 266 26.06 1.52 -15.42
N LEU B 267 24.78 1.88 -15.47
CA LEU B 267 24.32 2.87 -16.44
C LEU B 267 24.96 4.23 -16.19
N MET B 268 25.07 4.62 -14.93
CA MET B 268 25.72 5.89 -14.64
C MET B 268 27.19 5.86 -15.09
N PHE B 269 27.85 4.73 -14.90
CA PHE B 269 29.25 4.65 -15.31
C PHE B 269 29.31 4.80 -16.83
N ASN B 270 28.33 4.25 -17.52
CA ASN B 270 28.19 4.41 -18.97
CA ASN B 270 28.29 4.41 -18.96
C ASN B 270 28.13 5.87 -19.35
N ASP B 271 27.25 6.60 -18.67
CA ASP B 271 27.08 8.03 -18.92
C ASP B 271 28.42 8.73 -18.72
N PHE B 272 29.08 8.40 -17.61
CA PHE B 272 30.35 9.02 -17.26
C PHE B 272 31.42 8.79 -18.32
N LEU B 273 31.60 7.53 -18.72
CA LEU B 273 32.65 7.23 -19.69
C LEU B 273 32.35 7.82 -21.05
N SER B 274 31.06 8.04 -21.34
CA SER B 274 30.64 8.60 -22.62
C SER B 274 30.67 10.13 -22.63
N ALA B 275 30.84 10.73 -21.46
CA ALA B 275 30.70 12.18 -21.32
C ALA B 275 31.98 12.91 -21.73
N SER B 276 31.84 14.18 -22.07
CA SER B 276 32.99 15.01 -22.40
C SER B 276 33.85 15.23 -21.17
N SER B 277 35.12 15.55 -21.38
CA SER B 277 36.01 15.85 -20.28
C SER B 277 35.40 16.91 -19.36
N ASP B 278 34.82 17.94 -19.96
CA ASP B 278 34.18 19.01 -19.19
C ASP B 278 33.03 18.49 -18.33
N THR B 279 32.16 17.70 -18.94
CA THR B 279 31.02 17.16 -18.23
C THR B 279 31.48 16.25 -17.09
N GLN B 280 32.53 15.47 -17.34
CA GLN B 280 33.05 14.58 -16.32
C GLN B 280 33.47 15.36 -15.07
N THR B 281 34.21 16.43 -15.28
CA THR B 281 34.68 17.24 -14.16
C THR B 281 33.53 17.94 -13.44
N SER B 282 32.53 18.40 -14.20
CA SER B 282 31.42 19.14 -13.61
C SER B 282 30.43 18.27 -12.84
N LEU B 283 30.04 17.13 -13.42
CA LEU B 283 28.92 16.36 -12.89
C LEU B 283 29.32 15.06 -12.19
N TYR B 284 30.55 14.60 -12.41
CA TYR B 284 30.96 13.29 -11.93
C TYR B 284 32.27 13.34 -11.13
N LYS B 285 32.39 14.34 -10.27
CA LYS B 285 33.64 14.53 -9.53
C LYS B 285 34.10 13.26 -8.82
N GLY B 286 33.16 12.53 -8.24
CA GLY B 286 33.49 11.32 -7.50
C GLY B 286 33.93 10.14 -8.36
N LEU B 287 33.83 10.28 -9.68
CA LEU B 287 34.19 9.19 -10.57
C LEU B 287 35.49 9.46 -11.35
N GLU B 288 36.01 10.68 -11.26
CA GLU B 288 37.17 11.05 -12.06
C GLU B 288 38.37 10.13 -11.82
N ALA B 289 38.46 9.58 -10.61
CA ALA B 289 39.57 8.69 -10.27
C ALA B 289 39.54 7.41 -11.08
N PHE B 290 38.43 7.17 -11.78
CA PHE B 290 38.21 5.93 -12.49
C PHE B 290 38.02 6.14 -13.99
N GLY B 291 38.41 7.31 -14.50
CA GLY B 291 38.14 7.67 -15.89
C GLY B 291 38.85 6.77 -16.88
N GLY B 292 39.83 6.00 -16.40
CA GLY B 292 40.60 5.15 -17.28
C GLY B 292 40.18 3.69 -17.22
N LEU B 293 39.14 3.40 -16.46
CA LEU B 293 38.72 2.02 -16.31
C LEU B 293 37.64 1.65 -17.32
N LYS B 294 37.29 0.36 -17.32
CA LYS B 294 36.32 -0.17 -18.28
C LYS B 294 35.01 -0.50 -17.59
N LEU B 295 33.94 -0.54 -18.39
CA LEU B 295 32.61 -0.87 -17.88
C LEU B 295 32.62 -2.15 -17.08
N GLU B 296 33.31 -3.17 -17.61
CA GLU B 296 33.39 -4.46 -16.94
C GLU B 296 33.98 -4.39 -15.53
N ASP B 297 34.75 -3.36 -15.25
CA ASP B 297 35.44 -3.23 -13.96
C ASP B 297 34.49 -2.92 -12.80
N THR B 298 33.25 -2.53 -13.09
CA THR B 298 32.33 -2.20 -11.99
C THR B 298 32.08 -3.46 -11.18
N TYR B 299 32.38 -4.61 -11.78
CA TYR B 299 32.16 -5.91 -11.14
C TYR B 299 33.37 -6.41 -10.35
N THR B 300 34.56 -5.95 -10.72
CA THR B 300 35.78 -6.45 -10.10
C THR B 300 36.46 -5.42 -9.18
N ASN B 301 36.23 -4.15 -9.44
CA ASN B 301 36.88 -3.09 -8.68
C ASN B 301 35.97 -2.58 -7.56
N LYS B 302 36.37 -2.83 -6.32
CA LYS B 302 35.53 -2.50 -5.17
C LYS B 302 35.44 -1.01 -4.91
N ASP B 303 36.54 -0.30 -5.09
CA ASP B 303 36.52 1.15 -4.94
C ASP B 303 35.55 1.76 -5.94
N LEU B 304 35.60 1.26 -7.18
CA LEU B 304 34.74 1.76 -8.24
C LEU B 304 33.27 1.44 -7.97
N ASP B 305 33.01 0.19 -7.59
CA ASP B 305 31.66 -0.24 -7.25
C ASP B 305 31.06 0.64 -6.16
N LYS B 306 31.82 0.87 -5.09
CA LYS B 306 31.40 1.71 -3.98
C LYS B 306 31.16 3.15 -4.42
N ALA B 307 32.08 3.70 -5.20
CA ALA B 307 31.93 5.08 -5.67
C ALA B 307 30.69 5.23 -6.54
N LEU B 308 30.40 4.22 -7.37
CA LEU B 308 29.24 4.27 -8.27
C LEU B 308 27.93 4.15 -7.52
N LEU B 309 27.89 3.27 -6.54
CA LEU B 309 26.70 3.14 -5.71
C LEU B 309 26.40 4.45 -4.97
N LYS B 310 27.44 5.10 -4.45
CA LYS B 310 27.28 6.37 -3.77
C LYS B 310 26.83 7.45 -4.74
N ALA B 311 27.51 7.55 -5.87
CA ALA B 311 27.21 8.57 -6.87
C ALA B 311 25.80 8.42 -7.46
N SER B 312 25.31 7.19 -7.56
CA SER B 312 24.01 6.93 -8.18
C SER B 312 22.87 6.74 -7.19
N GLN B 313 23.17 6.89 -5.88
CA GLN B 313 22.17 6.61 -4.86
C GLN B 313 20.90 7.47 -5.02
N ASP B 314 21.07 8.76 -5.27
CA ASP B 314 19.93 9.65 -5.40
C ASP B 314 19.09 9.27 -6.62
N MET B 315 19.74 8.99 -7.75
CA MET B 315 19.01 8.58 -8.93
C MET B 315 18.30 7.25 -8.70
N PHE B 316 18.96 6.32 -8.02
CA PHE B 316 18.34 5.04 -7.69
C PHE B 316 17.09 5.25 -6.85
N ASP B 317 17.21 6.06 -5.80
CA ASP B 317 16.07 6.34 -4.92
C ASP B 317 14.91 6.98 -5.67
N LYS B 318 15.20 7.86 -6.61
CA LYS B 318 14.16 8.57 -7.34
C LYS B 318 13.55 7.79 -8.50
N LYS B 319 14.41 7.09 -9.25
CA LYS B 319 13.98 6.51 -10.53
C LYS B 319 13.64 5.03 -10.48
N THR B 320 14.17 4.31 -9.51
CA THR B 320 14.18 2.84 -9.59
C THR B 320 13.71 2.11 -8.33
N LYS B 321 14.01 2.67 -7.15
CA LYS B 321 13.75 1.98 -5.89
C LYS B 321 12.29 1.54 -5.75
N ALA B 322 11.36 2.44 -6.02
CA ALA B 322 9.94 2.11 -5.84
C ALA B 322 9.51 0.94 -6.71
N SER B 323 10.14 0.81 -7.88
CA SER B 323 9.76 -0.23 -8.82
C SER B 323 10.13 -1.63 -8.32
N LEU B 324 10.92 -1.70 -7.26
CA LEU B 324 11.39 -2.99 -6.76
C LEU B 324 10.52 -3.63 -5.68
N TYR B 325 9.39 -3.01 -5.36
CA TYR B 325 8.60 -3.49 -4.22
C TYR B 325 8.11 -4.93 -4.43
N LEU B 326 7.48 -5.19 -5.55
CA LEU B 326 6.98 -6.54 -5.80
C LEU B 326 8.15 -7.53 -5.81
N SER B 327 9.24 -7.17 -6.48
CA SER B 327 10.41 -8.04 -6.53
C SER B 327 10.97 -8.39 -5.16
N THR B 328 11.10 -7.41 -4.28
CA THR B 328 11.67 -7.72 -2.97
C THR B 328 10.71 -8.59 -2.16
N HIS B 329 9.42 -8.51 -2.47
CA HIS B 329 8.43 -9.27 -1.72
C HIS B 329 7.96 -10.57 -2.36
N ASN B 330 8.38 -10.82 -3.59
CA ASN B 330 7.93 -11.99 -4.34
C ASN B 330 9.07 -12.76 -5.00
N GLY B 331 10.15 -12.07 -5.33
CA GLY B 331 11.30 -12.71 -5.95
C GLY B 331 11.34 -12.56 -7.47
N ASN B 332 12.17 -13.38 -8.09
CA ASN B 332 12.37 -13.37 -9.54
C ASN B 332 11.28 -14.22 -10.19
N MET B 333 10.38 -13.60 -10.93
CA MET B 333 9.41 -14.40 -11.67
C MET B 333 9.73 -14.42 -13.17
N TYR B 334 11.01 -14.34 -13.47
CA TYR B 334 11.52 -14.55 -14.83
C TYR B 334 10.88 -13.62 -15.85
N THR B 335 10.15 -14.15 -16.83
CA THR B 335 9.66 -13.28 -17.90
C THR B 335 8.80 -12.12 -17.39
N SER B 336 8.06 -12.32 -16.31
CA SER B 336 7.19 -11.25 -15.86
C SER B 336 7.84 -10.35 -14.81
N SER B 337 9.11 -10.60 -14.50
CA SER B 337 9.79 -9.78 -13.48
C SER B 337 9.78 -8.28 -13.82
N LEU B 338 10.25 -7.95 -15.03
CA LEU B 338 10.28 -6.56 -15.48
C LEU B 338 8.90 -5.93 -15.37
N TYR B 339 7.88 -6.68 -15.75
CA TYR B 339 6.54 -6.11 -15.82
C TYR B 339 5.91 -6.00 -14.42
N GLY B 340 6.37 -6.83 -13.49
CA GLY B 340 6.03 -6.65 -12.09
C GLY B 340 6.67 -5.37 -11.55
N CYS B 341 7.85 -5.01 -12.05
CA CYS B 341 8.45 -3.75 -11.63
C CYS B 341 7.66 -2.57 -12.18
N LEU B 342 7.13 -2.71 -13.39
CA LEU B 342 6.27 -1.68 -13.95
C LEU B 342 5.02 -1.53 -13.08
N ALA B 343 4.44 -2.65 -12.67
CA ALA B 343 3.28 -2.62 -11.79
C ALA B 343 3.61 -1.93 -10.48
N SER B 344 4.79 -2.21 -9.92
CA SER B 344 5.22 -1.61 -8.66
C SER B 344 5.39 -0.11 -8.78
N LEU B 345 5.95 0.31 -9.92
CA LEU B 345 6.12 1.73 -10.19
C LEU B 345 4.76 2.44 -10.21
N LEU B 346 3.82 1.87 -10.95
CA LEU B 346 2.46 2.40 -11.04
C LEU B 346 1.77 2.43 -9.66
N SER B 347 2.06 1.43 -8.84
CA SER B 347 1.41 1.33 -7.54
CA SER B 347 1.40 1.35 -7.54
C SER B 347 1.89 2.42 -6.56
N HIS B 348 3.14 2.85 -6.73
CA HIS B 348 3.76 3.79 -5.80
C HIS B 348 3.43 5.24 -6.09
N HIS B 349 3.37 5.58 -7.37
CA HIS B 349 3.24 6.98 -7.79
C HIS B 349 1.82 7.34 -8.17
N SER B 350 1.46 8.61 -8.01
CA SER B 350 0.18 9.09 -8.52
C SER B 350 0.26 9.29 -10.03
N ALA B 351 -0.89 9.27 -10.69
CA ALA B 351 -0.97 9.58 -12.11
C ALA B 351 -0.39 10.96 -12.40
N GLN B 352 -0.66 11.92 -11.52
CA GLN B 352 -0.13 13.25 -11.73
C GLN B 352 1.40 13.28 -11.70
N GLU B 353 2.01 12.48 -10.81
CA GLU B 353 3.48 12.39 -10.75
C GLU B 353 4.05 11.79 -12.02
N LEU B 354 3.38 10.79 -12.56
CA LEU B 354 3.90 10.05 -13.71
C LEU B 354 3.67 10.78 -15.02
N ALA B 355 2.66 11.64 -15.04
CA ALA B 355 2.22 12.27 -16.28
C ALA B 355 3.37 12.89 -17.05
N GLY B 356 3.44 12.57 -18.33
CA GLY B 356 4.39 13.18 -19.23
C GLY B 356 5.82 12.64 -19.17
N SER B 357 6.07 11.67 -18.30
CA SER B 357 7.44 11.23 -18.05
C SER B 357 7.91 10.19 -19.03
N ARG B 358 9.22 9.94 -19.03
CA ARG B 358 9.78 8.83 -19.78
C ARG B 358 10.19 7.74 -18.79
N ILE B 359 9.73 6.52 -19.05
CA ILE B 359 10.13 5.34 -18.27
C ILE B 359 11.04 4.47 -19.11
N GLY B 360 12.30 4.35 -18.70
CA GLY B 360 13.21 3.42 -19.38
C GLY B 360 13.01 2.02 -18.87
N ALA B 361 13.26 1.02 -19.71
CA ALA B 361 13.04 -0.38 -19.34
C ALA B 361 14.14 -1.24 -19.91
N PHE B 362 14.71 -2.11 -19.09
CA PHE B 362 15.69 -3.06 -19.58
C PHE B 362 15.23 -4.49 -19.36
N SER B 363 15.12 -5.24 -20.46
CA SER B 363 14.70 -6.63 -20.41
C SER B 363 15.88 -7.53 -20.79
N TYR B 364 16.14 -8.56 -19.99
CA TYR B 364 17.24 -9.49 -20.25
C TYR B 364 16.70 -10.90 -20.21
N GLY B 365 17.25 -11.78 -21.04
CA GLY B 365 17.05 -13.20 -20.89
C GLY B 365 18.38 -13.88 -21.13
N SER B 366 18.78 -14.80 -20.26
CA SER B 366 20.05 -15.49 -20.40
C SER B 366 20.12 -16.24 -21.72
N GLY B 367 21.33 -16.41 -22.24
CA GLY B 367 21.50 -17.21 -23.44
C GLY B 367 22.10 -16.61 -24.71
N LEU B 368 21.95 -15.31 -25.01
CA LEU B 368 21.15 -14.33 -24.29
C LEU B 368 20.43 -13.44 -25.31
N ALA B 369 19.35 -12.79 -24.86
CA ALA B 369 18.60 -11.83 -25.67
C ALA B 369 18.24 -10.67 -24.75
N ALA B 370 18.42 -9.44 -25.21
CA ALA B 370 18.15 -8.29 -24.34
C ALA B 370 17.70 -7.08 -25.17
N SER B 371 16.85 -6.24 -24.58
CA SER B 371 16.45 -4.97 -25.20
C SER B 371 16.29 -3.88 -24.15
N PHE B 372 16.75 -2.68 -24.48
CA PHE B 372 16.52 -1.50 -23.66
C PHE B 372 15.53 -0.66 -24.48
N PHE B 373 14.42 -0.26 -23.87
CA PHE B 373 13.39 0.49 -24.61
C PHE B 373 12.72 1.46 -23.64
N SER B 374 11.70 2.18 -24.09
CA SER B 374 11.09 3.15 -23.18
C SER B 374 9.61 3.42 -23.46
N PHE B 375 8.93 3.96 -22.46
CA PHE B 375 7.54 4.36 -22.58
C PHE B 375 7.44 5.85 -22.36
N ARG B 376 6.53 6.49 -23.08
CA ARG B 376 6.16 7.87 -22.77
C ARG B 376 4.79 7.86 -22.10
N VAL B 377 4.72 8.48 -20.93
CA VAL B 377 3.47 8.51 -20.17
C VAL B 377 2.61 9.68 -20.63
N SER B 378 1.31 9.43 -20.81
CA SER B 378 0.38 10.47 -21.22
C SER B 378 0.46 11.71 -20.30
N GLN B 379 0.16 12.88 -20.86
CA GLN B 379 0.07 14.10 -20.06
C GLN B 379 -1.24 14.19 -19.29
N ASP B 380 -2.23 13.39 -19.71
CA ASP B 380 -3.55 13.45 -19.11
C ASP B 380 -3.64 12.59 -17.85
N ALA B 381 -3.71 13.24 -16.69
CA ALA B 381 -3.77 12.53 -15.42
C ALA B 381 -5.06 12.86 -14.67
N ALA B 382 -6.06 13.37 -15.38
CA ALA B 382 -7.33 13.73 -14.77
C ALA B 382 -8.03 12.47 -14.25
N PRO B 383 -8.86 12.63 -13.21
CA PRO B 383 -9.63 11.49 -12.71
C PRO B 383 -10.43 10.84 -13.84
N GLY B 384 -10.37 9.52 -13.94
CA GLY B 384 -11.09 8.81 -14.99
C GLY B 384 -10.35 8.71 -16.30
N SER B 385 -9.20 9.36 -16.40
CA SER B 385 -8.37 9.25 -17.60
C SER B 385 -7.79 7.83 -17.71
N PRO B 386 -7.35 7.46 -18.91
CA PRO B 386 -6.72 6.14 -19.09
C PRO B 386 -5.55 5.93 -18.13
N LEU B 387 -4.77 6.97 -17.90
CA LEU B 387 -3.63 6.87 -16.99
C LEU B 387 -4.11 6.66 -15.56
N ASP B 388 -5.10 7.43 -15.14
CA ASP B 388 -5.65 7.31 -13.79
C ASP B 388 -6.21 5.90 -13.58
N LYS B 389 -6.95 5.38 -14.55
CA LYS B 389 -7.48 4.02 -14.46
C LYS B 389 -6.35 3.00 -14.29
N LEU B 390 -5.31 3.12 -15.12
CA LEU B 390 -4.18 2.19 -15.05
C LEU B 390 -3.50 2.26 -13.68
N VAL B 391 -3.19 3.46 -13.22
CA VAL B 391 -2.51 3.63 -11.94
C VAL B 391 -3.36 3.09 -10.80
N SER B 392 -4.63 3.48 -10.79
CA SER B 392 -5.55 3.05 -9.75
CA SER B 392 -5.56 3.05 -9.75
C SER B 392 -5.64 1.53 -9.67
N SER B 393 -5.56 0.86 -10.82
CA SER B 393 -5.68 -0.60 -10.85
C SER B 393 -4.54 -1.31 -10.13
N THR B 394 -3.46 -0.58 -9.83
CA THR B 394 -2.30 -1.21 -9.20
C THR B 394 -2.13 -0.80 -7.75
N SER B 395 -2.98 0.11 -7.27
CA SER B 395 -2.74 0.73 -5.97
C SER B 395 -2.78 -0.25 -4.80
N ASP B 396 -3.54 -1.34 -4.94
CA ASP B 396 -3.67 -2.29 -3.84
C ASP B 396 -2.60 -3.39 -3.83
N LEU B 397 -1.56 -3.23 -4.64
CA LEU B 397 -0.52 -4.27 -4.73
C LEU B 397 0.10 -4.62 -3.36
N PRO B 398 0.51 -3.61 -2.58
CA PRO B 398 1.06 -3.97 -1.26
C PRO B 398 0.06 -4.67 -0.34
N LYS B 399 -1.21 -4.28 -0.39
CA LYS B 399 -2.23 -4.95 0.41
C LYS B 399 -2.38 -6.41 -0.02
N ARG B 400 -2.38 -6.63 -1.33
CA ARG B 400 -2.47 -7.99 -1.86
C ARG B 400 -1.28 -8.83 -1.40
N LEU B 401 -0.07 -8.27 -1.50
CA LEU B 401 1.10 -9.01 -1.04
C LEU B 401 1.00 -9.33 0.45
N ALA B 402 0.46 -8.40 1.23
CA ALA B 402 0.38 -8.60 2.67
C ALA B 402 -0.64 -9.67 3.06
N SER B 403 -1.53 -10.02 2.13
CA SER B 403 -2.59 -10.98 2.42
C SER B 403 -2.14 -12.43 2.24
N ARG B 404 -0.91 -12.62 1.76
CA ARG B 404 -0.36 -13.95 1.57
C ARG B 404 -0.03 -14.59 2.90
N LYS B 405 0.11 -15.91 2.89
CA LYS B 405 0.48 -16.66 4.08
C LYS B 405 1.98 -16.94 4.11
N CYS B 406 2.61 -16.72 5.27
CA CYS B 406 4.02 -17.05 5.42
C CYS B 406 4.15 -18.54 5.74
N VAL B 407 5.05 -19.21 5.02
CA VAL B 407 5.28 -20.63 5.22
C VAL B 407 6.70 -20.84 5.75
N SER B 408 6.88 -21.73 6.71
CA SER B 408 8.21 -21.98 7.26
C SER B 408 9.17 -22.49 6.18
N PRO B 409 10.48 -22.22 6.35
CA PRO B 409 11.47 -22.76 5.40
C PRO B 409 11.41 -24.29 5.33
N GLU B 410 11.09 -24.94 6.43
CA GLU B 410 10.95 -26.40 6.44
C GLU B 410 9.83 -26.87 5.50
N GLU B 411 8.66 -26.27 5.64
CA GLU B 411 7.52 -26.67 4.80
C GLU B 411 7.73 -26.24 3.35
N PHE B 412 8.34 -25.08 3.16
CA PHE B 412 8.70 -24.60 1.82
C PHE B 412 9.60 -25.62 1.14
N THR B 413 10.59 -26.12 1.86
CA THR B 413 11.52 -27.10 1.33
C THR B 413 10.79 -28.40 0.95
N GLU B 414 9.88 -28.84 1.81
CA GLU B 414 9.07 -30.03 1.52
C GLU B 414 8.27 -29.83 0.23
N ILE B 415 7.70 -28.63 0.06
CA ILE B 415 6.92 -28.35 -1.13
C ILE B 415 7.80 -28.35 -2.38
N MET B 416 9.01 -27.79 -2.27
CA MET B 416 9.95 -27.84 -3.38
C MET B 416 10.33 -29.29 -3.71
N ASN B 417 10.54 -30.10 -2.68
CA ASN B 417 10.88 -31.50 -2.91
C ASN B 417 9.74 -32.21 -3.62
N GLN B 418 8.52 -31.84 -3.23
CA GLN B 418 7.32 -32.40 -3.84
C GLN B 418 7.23 -32.03 -5.32
N ARG B 419 7.66 -30.81 -5.69
CA ARG B 419 7.69 -30.42 -7.10
C ARG B 419 8.60 -31.38 -7.89
N GLU B 420 9.73 -31.74 -7.31
CA GLU B 420 10.64 -32.69 -7.96
C GLU B 420 9.98 -34.05 -8.13
N GLN B 421 9.34 -34.52 -7.06
CA GLN B 421 8.71 -35.84 -7.06
C GLN B 421 7.60 -35.97 -8.09
N PHE B 422 6.83 -34.91 -8.27
CA PHE B 422 5.62 -34.96 -9.10
C PHE B 422 5.84 -34.47 -10.53
N TYR B 423 7.04 -33.95 -10.80
CA TYR B 423 7.33 -33.32 -12.08
C TYR B 423 6.83 -34.12 -13.28
N HIS B 424 7.10 -35.42 -13.28
CA HIS B 424 6.78 -36.27 -14.43
C HIS B 424 5.57 -37.17 -14.24
N LYS B 425 4.96 -37.11 -13.06
CA LYS B 425 3.88 -38.02 -12.70
C LYS B 425 2.67 -37.88 -13.62
N VAL B 426 1.98 -39.00 -13.84
CA VAL B 426 0.70 -38.97 -14.54
C VAL B 426 -0.36 -39.64 -13.70
N ASN B 427 -1.61 -39.53 -14.14
CA ASN B 427 -2.74 -40.13 -13.46
C ASN B 427 -2.78 -39.76 -11.97
N PHE B 428 -2.80 -38.47 -11.68
CA PHE B 428 -2.91 -38.02 -10.29
C PHE B 428 -3.54 -36.64 -10.16
N SER B 429 -4.05 -36.36 -8.96
CA SER B 429 -4.55 -35.04 -8.61
C SER B 429 -3.59 -34.39 -7.64
N PRO B 430 -3.06 -33.22 -8.00
CA PRO B 430 -2.12 -32.50 -7.14
C PRO B 430 -2.69 -32.29 -5.75
N PRO B 431 -1.92 -32.66 -4.71
CA PRO B 431 -2.36 -32.45 -3.33
C PRO B 431 -2.38 -30.97 -3.02
N GLY B 432 -3.14 -30.57 -2.00
CA GLY B 432 -3.18 -29.18 -1.60
C GLY B 432 -4.61 -28.70 -1.42
N ASP B 433 -4.85 -27.93 -0.37
CA ASP B 433 -6.18 -27.40 -0.11
C ASP B 433 -6.42 -26.19 -1.02
N THR B 434 -7.44 -26.30 -1.88
CA THR B 434 -7.78 -25.20 -2.78
C THR B 434 -8.18 -23.95 -2.02
N ASN B 435 -8.55 -24.11 -0.75
CA ASN B 435 -8.85 -22.96 0.10
C ASN B 435 -7.61 -22.10 0.37
N SER B 436 -6.44 -22.67 0.11
CA SER B 436 -5.21 -21.93 0.28
C SER B 436 -4.86 -21.09 -0.95
N LEU B 437 -5.68 -21.18 -1.99
CA LEU B 437 -5.49 -20.38 -3.19
C LEU B 437 -6.31 -19.09 -3.09
N PHE B 438 -5.84 -18.01 -3.71
CA PHE B 438 -6.64 -16.79 -3.80
C PHE B 438 -7.91 -17.07 -4.56
N PRO B 439 -9.01 -16.40 -4.19
CA PRO B 439 -10.24 -16.50 -4.97
C PRO B 439 -9.98 -16.17 -6.45
N GLY B 440 -10.58 -16.95 -7.34
CA GLY B 440 -10.43 -16.73 -8.77
C GLY B 440 -9.23 -17.40 -9.38
N THR B 441 -8.46 -18.11 -8.58
CA THR B 441 -7.25 -18.78 -9.09
C THR B 441 -7.57 -20.10 -9.79
N TRP B 442 -7.07 -20.24 -11.01
CA TRP B 442 -7.11 -21.54 -11.69
C TRP B 442 -6.03 -22.45 -11.12
N TYR B 443 -6.31 -23.75 -11.10
CA TYR B 443 -5.34 -24.70 -10.57
C TYR B 443 -5.42 -26.02 -11.31
N LEU B 444 -4.35 -26.81 -11.20
CA LEU B 444 -4.29 -28.11 -11.84
C LEU B 444 -5.10 -29.11 -11.02
N GLU B 445 -6.20 -29.59 -11.61
CA GLU B 445 -7.08 -30.51 -10.92
C GLU B 445 -6.64 -31.95 -11.11
N ARG B 446 -6.13 -32.28 -12.28
CA ARG B 446 -5.72 -33.65 -12.56
C ARG B 446 -4.83 -33.75 -13.78
N VAL B 447 -3.85 -34.65 -13.71
CA VAL B 447 -3.10 -35.08 -14.88
C VAL B 447 -3.53 -36.50 -15.17
N ASP B 448 -4.11 -36.75 -16.34
CA ASP B 448 -4.67 -38.07 -16.59
C ASP B 448 -3.61 -39.04 -17.10
N GLU B 449 -4.04 -40.27 -17.40
CA GLU B 449 -3.13 -41.33 -17.78
C GLU B 449 -2.36 -41.00 -19.06
N GLN B 450 -2.94 -40.12 -19.89
CA GLN B 450 -2.30 -39.72 -21.15
C GLN B 450 -1.55 -38.39 -21.01
N HIS B 451 -1.27 -37.99 -19.77
CA HIS B 451 -0.52 -36.78 -19.49
C HIS B 451 -1.28 -35.51 -19.88
N ARG B 452 -2.60 -35.60 -20.03
CA ARG B 452 -3.41 -34.42 -20.29
C ARG B 452 -3.77 -33.71 -18.99
N ARG B 453 -3.60 -32.40 -18.98
CA ARG B 453 -3.87 -31.62 -17.76
C ARG B 453 -5.25 -31.01 -17.80
N LYS B 454 -5.98 -31.16 -16.70
CA LYS B 454 -7.30 -30.58 -16.54
C LYS B 454 -7.25 -29.53 -15.44
N TYR B 455 -7.84 -28.36 -15.70
CA TYR B 455 -7.83 -27.25 -14.76
C TYR B 455 -9.21 -26.94 -14.23
N ALA B 456 -9.25 -26.40 -13.01
CA ALA B 456 -10.47 -25.93 -12.39
C ALA B 456 -10.17 -24.56 -11.79
N ARG B 457 -11.21 -23.84 -11.39
CA ARG B 457 -11.00 -22.48 -10.89
C ARG B 457 -11.65 -22.29 -9.54
N ARG B 458 -10.90 -21.74 -8.58
CA ARG B 458 -11.50 -21.37 -7.30
C ARG B 458 -12.43 -20.20 -7.56
N PRO B 459 -13.66 -20.28 -7.05
CA PRO B 459 -14.63 -19.21 -7.32
C PRO B 459 -14.12 -17.83 -6.95
N VAL B 460 -14.59 -16.86 -7.74
CA VAL B 460 -14.48 -15.42 -7.54
C VAL B 460 -13.32 -14.72 -8.23
N SER C 1 4.88 5.85 -44.51
CA SER C 1 4.96 5.08 -45.75
C SER C 1 5.35 3.63 -45.46
N MET C 2 4.34 2.77 -45.34
CA MET C 2 4.58 1.35 -45.15
C MET C 2 5.22 0.77 -46.40
N PRO C 3 6.27 -0.06 -46.24
CA PRO C 3 6.92 -0.66 -47.41
C PRO C 3 5.94 -1.53 -48.21
N LYS C 4 6.13 -1.58 -49.52
CA LYS C 4 5.22 -2.27 -50.42
C LYS C 4 5.65 -3.70 -50.67
N ASP C 5 4.66 -4.58 -50.90
CA ASP C 5 4.89 -5.94 -51.35
C ASP C 5 5.85 -6.70 -50.44
N VAL C 6 5.65 -6.57 -49.13
CA VAL C 6 6.43 -7.34 -48.18
C VAL C 6 6.23 -8.83 -48.42
N GLY C 7 7.33 -9.58 -48.45
CA GLY C 7 7.21 -11.01 -48.70
C GLY C 7 8.54 -11.71 -48.87
N ILE C 8 8.50 -12.86 -49.52
CA ILE C 8 9.69 -13.70 -49.64
C ILE C 8 10.54 -13.30 -50.85
N LEU C 9 11.79 -12.94 -50.57
CA LEU C 9 12.77 -12.58 -51.61
C LEU C 9 13.66 -13.77 -51.95
N ALA C 10 13.91 -14.63 -50.97
CA ALA C 10 14.82 -15.75 -51.17
C ALA C 10 14.43 -16.86 -50.24
N LEU C 11 14.68 -18.10 -50.66
CA LEU C 11 14.28 -19.27 -49.89
C LEU C 11 15.36 -20.34 -50.01
N GLU C 12 15.71 -20.95 -48.89
CA GLU C 12 16.72 -21.99 -48.86
C GLU C 12 16.16 -23.18 -48.11
N VAL C 13 16.37 -24.39 -48.63
CA VAL C 13 15.90 -25.60 -47.96
C VAL C 13 17.08 -26.50 -47.63
N TYR C 14 17.02 -27.16 -46.48
CA TYR C 14 18.03 -28.14 -46.11
C TYR C 14 17.32 -29.42 -45.71
N PHE C 15 17.86 -30.56 -46.14
CA PHE C 15 17.38 -31.86 -45.69
C PHE C 15 18.59 -32.79 -45.58
N PRO C 16 18.50 -33.80 -44.72
CA PRO C 16 19.66 -34.65 -44.47
C PRO C 16 20.04 -35.52 -45.67
N ALA C 17 21.25 -36.07 -45.60
CA ALA C 17 21.88 -36.73 -46.73
C ALA C 17 21.54 -38.21 -46.85
N GLN C 18 20.56 -38.68 -46.08
CA GLN C 18 20.13 -40.07 -46.17
C GLN C 18 18.62 -40.21 -45.97
N TYR C 19 18.06 -41.28 -46.54
CA TYR C 19 16.65 -41.55 -46.37
C TYR C 19 16.44 -43.04 -46.30
N VAL C 20 15.26 -43.43 -45.84
CA VAL C 20 14.84 -44.83 -45.90
C VAL C 20 13.72 -44.93 -46.94
N ASP C 21 13.77 -45.96 -47.77
CA ASP C 21 12.76 -46.15 -48.81
CA ASP C 21 12.76 -46.14 -48.82
C ASP C 21 11.47 -46.73 -48.24
N GLN C 22 10.35 -46.15 -48.61
CA GLN C 22 9.06 -46.59 -48.07
C GLN C 22 8.67 -48.02 -48.49
N THR C 23 8.97 -48.40 -49.72
CA THR C 23 8.69 -49.78 -50.11
C THR C 23 9.49 -50.75 -49.24
N ASP C 24 10.76 -50.43 -48.98
CA ASP C 24 11.59 -51.25 -48.10
C ASP C 24 11.00 -51.26 -46.70
N LEU C 25 10.55 -50.10 -46.25
CA LEU C 25 10.00 -49.96 -44.90
C LEU C 25 8.73 -50.80 -44.74
N GLU C 26 7.92 -50.86 -45.80
CA GLU C 26 6.74 -51.71 -45.79
C GLU C 26 7.12 -53.16 -45.52
N LYS C 27 8.12 -53.66 -46.23
CA LYS C 27 8.55 -55.04 -46.09
C LYS C 27 9.14 -55.27 -44.71
N TYR C 28 9.93 -54.32 -44.25
CA TYR C 28 10.53 -54.41 -42.93
C TYR C 28 9.47 -54.48 -41.82
N ASN C 29 8.43 -53.65 -41.95
CA ASN C 29 7.36 -53.60 -40.96
C ASN C 29 6.32 -54.69 -41.17
N ASN C 30 6.52 -55.53 -42.18
CA ASN C 30 5.58 -56.59 -42.50
C ASN C 30 4.16 -56.09 -42.73
N VAL C 31 4.03 -54.98 -43.44
CA VAL C 31 2.70 -54.51 -43.82
C VAL C 31 2.43 -54.80 -45.29
N GLU C 32 1.17 -54.64 -45.69
CA GLU C 32 0.78 -54.88 -47.07
C GLU C 32 1.52 -53.96 -48.02
N ALA C 33 1.92 -54.50 -49.18
CA ALA C 33 2.56 -53.69 -50.20
C ALA C 33 1.67 -52.51 -50.54
N GLY C 34 2.25 -51.32 -50.60
CA GLY C 34 1.53 -50.12 -50.97
C GLY C 34 0.91 -49.33 -49.82
N LYS C 35 0.91 -49.90 -48.62
CA LYS C 35 0.31 -49.21 -47.49
C LYS C 35 0.93 -47.83 -47.29
N TYR C 36 2.24 -47.73 -47.45
CA TYR C 36 2.91 -46.44 -47.29
C TYR C 36 3.00 -45.67 -48.60
N THR C 37 3.36 -46.36 -49.68
CA THR C 37 3.59 -45.67 -50.94
C THR C 37 2.29 -45.21 -51.59
N VAL C 38 1.21 -45.95 -51.35
CA VAL C 38 -0.09 -45.59 -51.89
C VAL C 38 -1.04 -45.08 -50.80
N GLY C 39 -1.10 -45.79 -49.68
CA GLY C 39 -1.99 -45.41 -48.60
C GLY C 39 -1.66 -44.05 -48.03
N LEU C 40 -0.39 -43.83 -47.74
CA LEU C 40 0.06 -42.55 -47.22
C LEU C 40 0.56 -41.64 -48.34
N GLY C 41 0.90 -42.23 -49.48
CA GLY C 41 1.41 -41.46 -50.61
C GLY C 41 2.87 -41.06 -50.47
N GLN C 42 3.63 -41.83 -49.68
CA GLN C 42 5.02 -41.48 -49.35
C GLN C 42 6.03 -42.36 -50.07
N THR C 43 7.13 -41.77 -50.52
CA THR C 43 8.13 -42.51 -51.30
C THR C 43 9.42 -42.77 -50.52
N ARG C 44 9.97 -41.72 -49.92
CA ARG C 44 11.20 -41.83 -49.12
C ARG C 44 11.08 -40.93 -47.91
N MET C 45 11.73 -41.33 -46.81
CA MET C 45 11.70 -40.54 -45.58
C MET C 45 13.12 -40.16 -45.15
N GLY C 46 13.37 -38.86 -45.04
CA GLY C 46 14.66 -38.39 -44.57
C GLY C 46 14.75 -38.52 -43.06
N PHE C 47 15.97 -38.69 -42.55
CA PHE C 47 16.16 -38.79 -41.10
C PHE C 47 17.56 -38.35 -40.74
N CYS C 48 17.76 -37.99 -39.46
CA CYS C 48 19.03 -37.53 -38.96
C CYS C 48 19.55 -38.45 -37.86
N SER C 49 20.85 -38.69 -37.83
CA SER C 49 21.48 -39.33 -36.69
C SER C 49 21.64 -38.29 -35.58
N VAL C 50 22.17 -38.72 -34.44
CA VAL C 50 22.46 -37.80 -33.34
C VAL C 50 23.51 -36.75 -33.68
N GLN C 51 24.20 -36.92 -34.82
CA GLN C 51 25.18 -35.94 -35.28
C GLN C 51 24.55 -34.62 -35.72
N GLU C 52 23.24 -34.64 -35.95
CA GLU C 52 22.53 -33.41 -36.33
C GLU C 52 21.44 -33.12 -35.33
N ASP C 53 21.26 -31.85 -35.01
CA ASP C 53 20.19 -31.46 -34.10
C ASP C 53 19.51 -30.19 -34.60
N ILE C 54 18.53 -29.68 -33.86
CA ILE C 54 17.80 -28.52 -34.37
C ILE C 54 18.74 -27.31 -34.61
N ASN C 55 19.73 -27.13 -33.74
CA ASN C 55 20.68 -26.03 -33.93
C ASN C 55 21.49 -26.19 -35.22
N SER C 56 22.01 -27.40 -35.46
CA SER C 56 22.85 -27.61 -36.62
C SER C 56 22.03 -27.51 -37.91
N LEU C 57 20.78 -27.99 -37.89
CA LEU C 57 19.91 -27.84 -39.05
C LEU C 57 19.75 -26.37 -39.39
N CYS C 58 19.47 -25.55 -38.37
CA CYS C 58 19.20 -24.13 -38.62
C CYS C 58 20.47 -23.39 -39.01
N LEU C 59 21.59 -23.69 -38.35
CA LEU C 59 22.87 -23.09 -38.76
C LEU C 59 23.16 -23.38 -40.22
N THR C 60 22.88 -24.62 -40.63
CA THR C 60 23.19 -25.03 -41.99
C THR C 60 22.38 -24.26 -43.00
N VAL C 61 21.07 -24.20 -42.79
CA VAL C 61 20.22 -23.58 -43.80
C VAL C 61 20.44 -22.07 -43.85
N VAL C 62 20.68 -21.45 -42.69
CA VAL C 62 20.90 -20.02 -42.67
C VAL C 62 22.22 -19.64 -43.35
N GLN C 63 23.28 -20.36 -43.01
CA GLN C 63 24.57 -19.99 -43.60
C GLN C 63 24.60 -20.27 -45.10
N ARG C 64 23.93 -21.35 -45.53
CA ARG C 64 23.84 -21.66 -46.94
C ARG C 64 23.11 -20.55 -47.70
N LEU C 65 21.99 -20.07 -47.13
CA LEU C 65 21.28 -18.96 -47.74
C LEU C 65 22.17 -17.72 -47.85
N MET C 66 22.82 -17.35 -46.77
CA MET C 66 23.60 -16.13 -46.74
C MET C 66 24.76 -16.19 -47.73
N GLU C 67 25.39 -17.35 -47.83
CA GLU C 67 26.51 -17.51 -48.74
C GLU C 67 26.05 -17.46 -50.20
N ARG C 68 24.92 -18.08 -50.48
CA ARG C 68 24.44 -18.14 -51.87
C ARG C 68 24.10 -16.75 -52.40
N ILE C 69 23.45 -15.93 -51.59
CA ILE C 69 23.03 -14.62 -52.05
C ILE C 69 23.97 -13.52 -51.60
N GLN C 70 25.06 -13.92 -50.95
CA GLN C 70 26.06 -12.96 -50.45
C GLN C 70 25.44 -11.88 -49.58
N LEU C 71 24.64 -12.32 -48.60
CA LEU C 71 23.90 -11.41 -47.75
C LEU C 71 24.84 -10.82 -46.71
N PRO C 72 24.92 -9.49 -46.66
CA PRO C 72 25.77 -8.85 -45.64
C PRO C 72 25.22 -9.12 -44.24
N TRP C 73 26.12 -9.36 -43.27
CA TRP C 73 25.70 -9.57 -41.89
C TRP C 73 24.88 -8.41 -41.36
N ASP C 74 25.20 -7.19 -41.80
CA ASP C 74 24.54 -6.01 -41.27
C ASP C 74 23.19 -5.71 -41.91
N SER C 75 22.74 -6.60 -42.81
CA SER C 75 21.50 -6.35 -43.56
C SER C 75 20.28 -7.01 -42.94
N VAL C 76 20.48 -7.75 -41.85
CA VAL C 76 19.38 -8.46 -41.19
C VAL C 76 19.01 -7.80 -39.86
N GLY C 77 17.76 -7.37 -39.74
CA GLY C 77 17.28 -6.66 -38.57
C GLY C 77 16.38 -7.48 -37.68
N ARG C 78 15.92 -8.62 -38.20
CA ARG C 78 15.08 -9.52 -37.42
C ARG C 78 15.40 -10.94 -37.85
N LEU C 79 15.52 -11.84 -36.88
CA LEU C 79 15.83 -13.24 -37.15
C LEU C 79 15.10 -14.07 -36.11
N GLU C 80 14.25 -14.99 -36.54
CA GLU C 80 13.40 -15.70 -35.60
C GLU C 80 13.17 -17.13 -36.05
N VAL C 81 13.20 -18.05 -35.09
CA VAL C 81 13.11 -19.48 -35.41
C VAL C 81 11.77 -20.04 -34.95
N GLY C 82 11.10 -20.72 -35.87
CA GLY C 82 9.93 -21.53 -35.52
C GLY C 82 10.33 -22.98 -35.52
N THR C 83 9.99 -23.70 -34.45
CA THR C 83 10.36 -25.11 -34.33
C THR C 83 9.52 -25.76 -33.24
N GLU C 84 9.47 -27.08 -33.24
CA GLU C 84 8.92 -27.80 -32.09
C GLU C 84 9.92 -28.84 -31.61
N THR C 85 11.17 -28.71 -32.04
CA THR C 85 12.22 -29.63 -31.65
C THR C 85 13.01 -28.93 -30.57
N ILE C 86 12.74 -29.27 -29.31
CA ILE C 86 13.25 -28.52 -28.17
C ILE C 86 14.38 -29.29 -27.47
N ILE C 87 15.57 -28.70 -27.45
CA ILE C 87 16.66 -29.36 -26.75
C ILE C 87 17.15 -28.53 -25.58
N ASP C 88 16.52 -27.37 -25.39
CA ASP C 88 16.79 -26.55 -24.22
C ASP C 88 15.51 -25.79 -23.91
N LYS C 89 15.09 -25.84 -22.66
CA LYS C 89 13.81 -25.21 -22.31
C LYS C 89 13.87 -23.70 -22.16
N SER C 90 15.07 -23.14 -22.09
CA SER C 90 15.21 -21.70 -21.90
CA SER C 90 15.17 -21.70 -21.95
C SER C 90 15.96 -21.02 -23.05
N LYS C 91 17.00 -21.69 -23.55
CA LYS C 91 17.91 -21.06 -24.51
C LYS C 91 17.43 -21.26 -25.93
N ALA C 92 17.11 -20.15 -26.61
CA ALA C 92 16.53 -20.23 -27.96
C ALA C 92 17.56 -20.60 -29.02
N VAL C 93 17.10 -21.32 -30.05
CA VAL C 93 17.92 -21.57 -31.23
C VAL C 93 18.46 -20.25 -31.80
N LYS C 94 17.63 -19.20 -31.79
CA LYS C 94 18.10 -17.87 -32.22
C LYS C 94 19.44 -17.48 -31.60
N THR C 95 19.63 -17.75 -30.31
CA THR C 95 20.88 -17.36 -29.66
C THR C 95 22.07 -18.12 -30.25
N VAL C 96 21.87 -19.39 -30.56
CA VAL C 96 22.92 -20.17 -31.19
C VAL C 96 23.21 -19.66 -32.60
N LEU C 97 22.16 -19.25 -33.32
CA LEU C 97 22.35 -18.70 -34.67
C LEU C 97 23.17 -17.42 -34.63
N MET C 98 23.22 -16.74 -33.49
CA MET C 98 24.04 -15.53 -33.40
C MET C 98 25.51 -15.83 -33.63
N GLU C 99 25.91 -17.09 -33.51
CA GLU C 99 27.28 -17.48 -33.90
C GLU C 99 27.61 -17.00 -35.31
N LEU C 100 26.59 -16.90 -36.16
CA LEU C 100 26.81 -16.47 -37.54
C LEU C 100 26.91 -14.95 -37.70
N PHE C 101 26.47 -14.20 -36.69
CA PHE C 101 26.37 -12.74 -36.80
C PHE C 101 27.23 -11.95 -35.83
N GLN C 102 27.42 -12.49 -34.64
CA GLN C 102 27.98 -11.65 -33.57
C GLN C 102 29.41 -11.17 -33.80
N ASP C 103 30.26 -12.00 -34.38
CA ASP C 103 31.66 -11.60 -34.57
C ASP C 103 31.81 -10.41 -35.52
N SER C 104 30.86 -10.26 -36.43
CA SER C 104 30.87 -9.16 -37.39
C SER C 104 30.39 -7.86 -36.75
N GLY C 105 29.86 -7.95 -35.54
CA GLY C 105 29.41 -6.78 -34.79
C GLY C 105 27.94 -6.45 -34.98
N ASN C 106 27.20 -7.36 -35.58
CA ASN C 106 25.79 -7.14 -35.83
C ASN C 106 24.92 -7.94 -34.88
N THR C 107 24.62 -7.36 -33.71
CA THR C 107 23.88 -8.09 -32.68
C THR C 107 22.53 -7.46 -32.36
N ASP C 108 22.22 -6.35 -33.04
CA ASP C 108 20.94 -5.66 -32.87
C ASP C 108 19.90 -6.29 -33.78
N ILE C 109 19.52 -7.53 -33.46
CA ILE C 109 18.62 -8.31 -34.31
C ILE C 109 17.45 -8.81 -33.48
N GLU C 110 16.27 -8.24 -33.74
CA GLU C 110 15.06 -8.59 -32.99
C GLU C 110 14.64 -10.03 -33.29
N GLY C 111 13.83 -10.62 -32.41
CA GLY C 111 13.31 -11.96 -32.65
C GLY C 111 13.96 -13.02 -31.76
N ILE C 112 13.20 -14.07 -31.41
CA ILE C 112 13.77 -15.19 -30.67
C ILE C 112 13.26 -16.50 -31.27
N ASP C 113 12.70 -17.39 -30.46
CA ASP C 113 12.06 -18.60 -31.00
C ASP C 113 10.57 -18.53 -30.72
N THR C 114 9.79 -19.25 -31.51
CA THR C 114 8.35 -19.26 -31.27
C THR C 114 7.82 -20.65 -31.60
N THR C 115 6.99 -21.20 -30.71
CA THR C 115 6.59 -22.60 -30.84
C THR C 115 5.11 -22.88 -30.61
N ASN C 116 4.52 -23.58 -31.57
CA ASN C 116 3.37 -24.44 -31.34
C ASN C 116 3.36 -25.48 -32.43
N ALA C 117 3.82 -26.68 -32.09
CA ALA C 117 3.78 -27.80 -33.04
C ALA C 117 4.27 -27.37 -34.42
N CYS C 118 3.56 -27.74 -35.49
CA CYS C 118 4.04 -27.44 -36.84
C CYS C 118 3.71 -26.03 -37.34
N TYR C 119 3.27 -25.16 -36.45
CA TYR C 119 2.81 -23.82 -36.83
C TYR C 119 3.86 -22.72 -36.65
N GLY C 120 4.92 -23.00 -35.90
CA GLY C 120 5.89 -21.96 -35.55
C GLY C 120 6.57 -21.22 -36.70
N GLY C 121 6.80 -21.91 -37.81
CA GLY C 121 7.40 -21.26 -38.96
C GLY C 121 6.51 -20.17 -39.51
N THR C 122 5.22 -20.47 -39.63
CA THR C 122 4.23 -19.47 -40.04
C THR C 122 4.11 -18.33 -39.04
N ALA C 123 4.15 -18.65 -37.75
CA ALA C 123 4.15 -17.60 -36.74
C ALA C 123 5.31 -16.64 -36.95
N SER C 124 6.50 -17.21 -37.22
CA SER C 124 7.69 -16.40 -37.46
C SER C 124 7.53 -15.56 -38.74
N LEU C 125 6.96 -16.16 -39.79
CA LEU C 125 6.71 -15.42 -41.02
C LEU C 125 5.79 -14.23 -40.77
N PHE C 126 4.67 -14.48 -40.08
CA PHE C 126 3.74 -13.40 -39.77
C PHE C 126 4.41 -12.31 -38.91
N ASN C 127 5.16 -12.73 -37.90
CA ASN C 127 5.88 -11.78 -37.06
C ASN C 127 6.85 -10.92 -37.89
N ALA C 128 7.48 -11.54 -38.88
CA ALA C 128 8.45 -10.81 -39.71
C ALA C 128 7.75 -9.74 -40.57
N ALA C 129 6.65 -10.12 -41.20
CA ALA C 129 5.87 -9.17 -41.97
C ALA C 129 5.32 -8.06 -41.07
N ASN C 130 4.82 -8.43 -39.89
CA ASN C 130 4.31 -7.44 -38.94
C ASN C 130 5.39 -6.42 -38.58
N TRP C 131 6.56 -6.93 -38.22
CA TRP C 131 7.68 -6.07 -37.87
C TRP C 131 8.04 -5.12 -39.01
N MET C 132 8.15 -5.67 -40.22
CA MET C 132 8.58 -4.88 -41.37
C MET C 132 7.61 -3.76 -41.72
N GLU C 133 6.34 -3.94 -41.37
CA GLU C 133 5.32 -2.93 -41.67
C GLU C 133 5.09 -1.95 -40.52
N SER C 134 5.81 -2.13 -39.43
CA SER C 134 5.57 -1.38 -38.20
C SER C 134 6.49 -0.18 -38.06
N SER C 135 6.30 0.59 -36.99
CA SER C 135 7.18 1.72 -36.72
C SER C 135 8.57 1.26 -36.30
N SER C 136 8.71 -0.03 -36.02
CA SER C 136 9.99 -0.55 -35.56
C SER C 136 10.90 -1.00 -36.68
N TRP C 137 10.37 -1.04 -37.91
CA TRP C 137 11.22 -1.44 -39.03
C TRP C 137 12.34 -0.45 -39.22
N ASP C 138 13.54 -0.95 -39.42
CA ASP C 138 14.70 -0.08 -39.60
C ASP C 138 15.32 -0.22 -40.99
N GLY C 139 14.54 -0.73 -41.92
CA GLY C 139 14.95 -0.81 -43.32
C GLY C 139 15.66 -2.11 -43.68
N ARG C 140 15.97 -2.92 -42.68
CA ARG C 140 16.74 -4.15 -42.90
C ARG C 140 15.82 -5.34 -43.22
N TYR C 141 16.41 -6.42 -43.73
CA TYR C 141 15.64 -7.63 -44.01
C TYR C 141 15.22 -8.34 -42.73
N ALA C 142 14.18 -9.16 -42.82
CA ALA C 142 13.94 -10.13 -41.76
C ALA C 142 14.32 -11.51 -42.29
N MET C 143 14.79 -12.37 -41.40
CA MET C 143 15.01 -13.74 -41.81
CA MET C 143 15.09 -13.75 -41.77
C MET C 143 14.19 -14.69 -40.96
N VAL C 144 13.41 -15.53 -41.65
CA VAL C 144 12.49 -16.47 -41.00
C VAL C 144 13.12 -17.84 -41.12
N VAL C 145 13.33 -18.50 -40.00
CA VAL C 145 13.95 -19.82 -40.03
C VAL C 145 13.00 -20.81 -39.36
N CYS C 146 12.84 -21.98 -39.96
CA CYS C 146 12.10 -23.03 -39.27
C CYS C 146 12.69 -24.39 -39.61
N GLY C 147 12.48 -25.36 -38.75
CA GLY C 147 13.03 -26.67 -39.01
C GLY C 147 12.67 -27.58 -37.88
N ASP C 148 12.91 -28.87 -38.08
CA ASP C 148 12.49 -29.85 -37.10
C ASP C 148 13.04 -31.21 -37.46
N ILE C 149 13.15 -32.06 -36.44
CA ILE C 149 13.42 -33.47 -36.64
C ILE C 149 12.19 -34.23 -36.15
N ALA C 150 11.46 -34.80 -37.10
CA ALA C 150 10.20 -35.46 -36.78
C ALA C 150 10.41 -36.96 -36.67
N VAL C 151 10.28 -37.48 -35.45
CA VAL C 151 10.49 -38.90 -35.20
C VAL C 151 9.37 -39.48 -34.33
N TYR C 152 9.01 -40.72 -34.62
CA TYR C 152 8.02 -41.43 -33.82
C TYR C 152 8.60 -42.78 -33.39
N PRO C 153 8.02 -43.38 -32.35
CA PRO C 153 8.44 -44.74 -32.01
C PRO C 153 8.02 -45.73 -33.09
N SER C 154 8.58 -46.93 -33.06
CA SER C 154 8.14 -47.98 -33.97
C SER C 154 6.63 -48.11 -33.86
N GLY C 155 5.95 -48.20 -35.00
CA GLY C 155 4.50 -48.19 -35.01
C GLY C 155 3.95 -47.45 -36.21
N ASN C 156 2.65 -47.22 -36.22
CA ASN C 156 1.98 -46.70 -37.41
C ASN C 156 2.30 -45.26 -37.77
N ALA C 157 2.91 -44.50 -36.86
CA ALA C 157 3.27 -43.12 -37.15
C ALA C 157 4.70 -42.97 -37.69
N ARG C 158 5.55 -43.96 -37.41
CA ARG C 158 6.94 -43.85 -37.81
C ARG C 158 7.17 -43.54 -39.30
N PRO C 159 6.39 -44.14 -40.20
CA PRO C 159 6.59 -43.81 -41.62
C PRO C 159 6.19 -42.38 -42.00
N THR C 160 5.67 -41.60 -41.06
CA THR C 160 5.25 -40.23 -41.37
C THR C 160 6.16 -39.18 -40.71
N GLY C 161 7.38 -39.58 -40.36
CA GLY C 161 8.38 -38.64 -39.86
C GLY C 161 9.15 -38.00 -41.00
N GLY C 162 10.26 -37.33 -40.66
CA GLY C 162 11.04 -36.61 -41.64
C GLY C 162 11.93 -35.62 -40.91
N ALA C 163 12.66 -34.80 -41.67
CA ALA C 163 13.55 -33.84 -41.05
C ALA C 163 14.01 -32.82 -42.06
N GLY C 164 14.24 -31.59 -41.60
CA GLY C 164 14.82 -30.59 -42.49
C GLY C 164 14.60 -29.20 -41.95
N ALA C 165 14.98 -28.19 -42.71
CA ALA C 165 14.81 -26.81 -42.28
C ALA C 165 14.70 -25.91 -43.50
N VAL C 166 14.16 -24.72 -43.27
CA VAL C 166 14.00 -23.74 -44.33
C VAL C 166 14.36 -22.36 -43.79
N ALA C 167 15.06 -21.55 -44.59
CA ALA C 167 15.27 -20.16 -44.23
C ALA C 167 14.69 -19.29 -45.35
N MET C 168 13.98 -18.24 -44.96
CA MET C 168 13.40 -17.32 -45.95
C MET C 168 13.85 -15.91 -45.65
N LEU C 169 14.29 -15.20 -46.68
CA LEU C 169 14.62 -13.80 -46.54
C LEU C 169 13.37 -12.99 -46.88
N ILE C 170 12.97 -12.13 -45.96
CA ILE C 170 11.77 -11.32 -46.10
C ILE C 170 12.16 -9.86 -46.33
N GLY C 171 11.54 -9.22 -47.31
CA GLY C 171 11.81 -7.82 -47.57
C GLY C 171 10.71 -7.19 -48.38
N PRO C 172 10.78 -5.87 -48.58
CA PRO C 172 9.86 -5.14 -49.46
C PRO C 172 10.09 -5.55 -50.91
N LYS C 173 9.13 -5.25 -51.77
CA LYS C 173 9.26 -5.47 -53.22
C LYS C 173 9.55 -6.94 -53.51
N ALA C 174 8.90 -7.84 -52.79
CA ALA C 174 9.19 -9.26 -52.93
C ALA C 174 8.38 -9.87 -54.05
N PRO C 175 8.94 -10.87 -54.74
CA PRO C 175 8.24 -11.53 -55.85
C PRO C 175 7.10 -12.43 -55.36
N LEU C 176 7.16 -12.92 -54.11
CA LEU C 176 6.02 -13.58 -53.46
C LEU C 176 5.56 -12.68 -52.32
N ALA C 177 4.57 -11.84 -52.60
CA ALA C 177 4.14 -10.86 -51.62
C ALA C 177 2.97 -11.42 -50.81
N LEU C 178 3.06 -11.35 -49.49
CA LEU C 178 1.93 -11.74 -48.65
C LEU C 178 0.72 -10.87 -48.99
N GLU C 179 -0.44 -11.48 -49.18
CA GLU C 179 -1.64 -10.69 -49.49
C GLU C 179 -2.19 -10.05 -48.22
N ARG C 180 -2.18 -8.73 -48.18
CA ARG C 180 -2.44 -7.99 -46.94
C ARG C 180 -3.86 -8.16 -46.42
N GLY C 181 -3.96 -8.36 -45.11
CA GLY C 181 -5.23 -8.49 -44.43
C GLY C 181 -5.89 -9.84 -44.58
N LEU C 182 -5.23 -10.78 -45.25
CA LEU C 182 -5.86 -12.07 -45.56
C LEU C 182 -5.26 -13.22 -44.76
N ARG C 183 -5.47 -13.19 -43.45
CA ARG C 183 -5.05 -14.30 -42.60
C ARG C 183 -6.28 -14.87 -41.93
N GLY C 184 -6.70 -16.06 -42.37
CA GLY C 184 -7.82 -16.73 -41.73
C GLY C 184 -7.27 -17.65 -40.65
N THR C 185 -7.39 -17.25 -39.39
CA THR C 185 -6.72 -17.95 -38.31
C THR C 185 -7.73 -18.61 -37.37
N HIS C 186 -7.35 -19.77 -36.84
CA HIS C 186 -8.20 -20.47 -35.89
C HIS C 186 -7.32 -21.20 -34.89
N MET C 187 -7.55 -20.95 -33.60
CA MET C 187 -6.83 -21.64 -32.55
C MET C 187 -7.85 -22.15 -31.53
N GLU C 188 -7.57 -23.31 -30.94
CA GLU C 188 -8.46 -23.88 -29.94
C GLU C 188 -7.67 -24.87 -29.10
N ASN C 189 -8.22 -25.26 -27.96
CA ASN C 189 -7.51 -26.13 -27.04
C ASN C 189 -7.82 -27.60 -27.30
N VAL C 190 -6.87 -28.33 -27.90
CA VAL C 190 -7.04 -29.75 -28.13
C VAL C 190 -5.82 -30.58 -27.75
N TYR C 191 -6.01 -31.89 -27.69
CA TYR C 191 -4.92 -32.81 -27.36
C TYR C 191 -4.76 -33.88 -28.45
N ASP C 192 -4.69 -33.44 -29.71
CA ASP C 192 -4.52 -34.38 -30.82
C ASP C 192 -3.08 -34.90 -30.93
N PHE C 193 -2.12 -34.02 -30.66
CA PHE C 193 -0.69 -34.35 -30.74
C PHE C 193 -0.01 -33.36 -29.80
N TYR C 194 0.83 -33.88 -28.92
CA TYR C 194 1.51 -33.03 -27.94
C TYR C 194 2.73 -33.77 -27.41
N LYS C 195 3.61 -33.04 -26.72
CA LYS C 195 4.89 -33.61 -26.27
C LYS C 195 5.10 -33.31 -24.78
N PRO C 196 4.37 -34.05 -23.92
CA PRO C 196 4.38 -33.79 -22.49
C PRO C 196 5.42 -34.62 -21.75
N ASN C 197 6.03 -35.57 -22.44
CA ASN C 197 7.09 -36.37 -21.85
C ASN C 197 8.41 -35.70 -22.16
N LEU C 198 8.87 -34.86 -21.24
CA LEU C 198 9.88 -33.88 -21.59
C LEU C 198 11.20 -34.54 -21.98
N ALA C 199 11.42 -35.74 -21.44
CA ALA C 199 12.66 -36.45 -21.69
C ALA C 199 12.58 -37.40 -22.88
N SER C 200 11.46 -37.39 -23.59
CA SER C 200 11.32 -38.23 -24.78
C SER C 200 11.20 -37.36 -26.02
N GLU C 201 11.80 -37.79 -27.13
CA GLU C 201 11.61 -37.07 -28.38
C GLU C 201 10.21 -37.29 -28.95
N TYR C 202 9.54 -38.32 -28.47
CA TYR C 202 8.28 -38.76 -29.08
C TYR C 202 7.07 -38.03 -28.55
N PRO C 203 6.15 -37.69 -29.45
CA PRO C 203 4.88 -37.11 -29.02
C PRO C 203 3.90 -38.18 -28.59
N ILE C 204 2.90 -37.78 -27.84
CA ILE C 204 1.68 -38.56 -27.71
C ILE C 204 0.78 -38.13 -28.84
N VAL C 205 0.30 -39.08 -29.62
CA VAL C 205 -0.53 -38.71 -30.77
C VAL C 205 -1.75 -39.61 -30.87
N ASP C 206 -2.90 -38.99 -31.05
CA ASP C 206 -4.11 -39.72 -31.42
C ASP C 206 -4.30 -39.50 -32.92
N GLY C 207 -3.93 -40.49 -33.72
CA GLY C 207 -3.87 -40.33 -35.16
C GLY C 207 -5.16 -39.82 -35.77
N LYS C 208 -6.26 -40.52 -35.48
CA LYS C 208 -7.57 -40.15 -36.01
C LYS C 208 -7.97 -38.75 -35.59
N LEU C 209 -7.76 -38.44 -34.31
CA LEU C 209 -8.12 -37.11 -33.81
C LEU C 209 -7.30 -36.03 -34.48
N SER C 210 -6.01 -36.29 -34.69
CA SER C 210 -5.13 -35.30 -35.35
C SER C 210 -5.61 -34.99 -36.77
N ILE C 211 -6.11 -36.01 -37.47
CA ILE C 211 -6.62 -35.81 -38.82
C ILE C 211 -7.93 -35.00 -38.79
N GLN C 212 -8.80 -35.33 -37.84
CA GLN C 212 -10.04 -34.56 -37.68
C GLN C 212 -9.78 -33.10 -37.29
N CYS C 213 -8.80 -32.88 -36.44
CA CYS C 213 -8.47 -31.52 -35.99
C CYS C 213 -7.85 -30.69 -37.11
N TYR C 214 -6.96 -31.30 -37.89
CA TYR C 214 -6.37 -30.65 -39.06
C TYR C 214 -7.50 -30.20 -39.99
N LEU C 215 -8.43 -31.10 -40.27
CA LEU C 215 -9.50 -30.79 -41.21
C LEU C 215 -10.49 -29.77 -40.65
N ARG C 216 -10.80 -29.84 -39.36
CA ARG C 216 -11.68 -28.84 -38.78
C ARG C 216 -11.02 -27.45 -38.80
N ALA C 217 -9.73 -27.42 -38.47
CA ALA C 217 -8.99 -26.16 -38.54
C ALA C 217 -8.98 -25.62 -39.98
N LEU C 218 -8.82 -26.52 -40.95
CA LEU C 218 -8.89 -26.12 -42.35
C LEU C 218 -10.23 -25.48 -42.70
N ASP C 219 -11.32 -26.11 -42.29
CA ASP C 219 -12.65 -25.53 -42.50
C ASP C 219 -12.72 -24.11 -41.93
N ARG C 220 -12.31 -23.97 -40.67
CA ARG C 220 -12.46 -22.70 -39.98
C ARG C 220 -11.59 -21.62 -40.61
N CYS C 221 -10.35 -21.98 -40.93
CA CYS C 221 -9.43 -21.01 -41.52
C CYS C 221 -9.85 -20.59 -42.92
N TYR C 222 -10.33 -21.54 -43.70
CA TYR C 222 -10.79 -21.23 -45.06
C TYR C 222 -12.02 -20.31 -45.01
N THR C 223 -12.91 -20.58 -44.07
CA THR C 223 -14.07 -19.71 -43.89
C THR C 223 -13.65 -18.28 -43.50
N SER C 224 -12.72 -18.18 -42.56
CA SER C 224 -12.23 -16.87 -42.13
C SER C 224 -11.55 -16.13 -43.27
N TYR C 225 -10.71 -16.84 -44.02
CA TYR C 225 -10.02 -16.25 -45.17
C TYR C 225 -11.02 -15.78 -46.22
N ARG C 226 -11.98 -16.63 -46.57
CA ARG C 226 -12.99 -16.23 -47.55
C ARG C 226 -13.78 -14.99 -47.12
N LYS C 227 -14.14 -14.92 -45.84
CA LYS C 227 -14.87 -13.77 -45.35
C LYS C 227 -14.04 -12.50 -45.53
N LYS C 228 -12.76 -12.60 -45.20
CA LYS C 228 -11.87 -11.45 -45.28
C LYS C 228 -11.63 -10.98 -46.72
N ILE C 229 -11.40 -11.90 -47.64
CA ILE C 229 -11.15 -11.47 -49.01
C ILE C 229 -12.43 -10.98 -49.67
N GLN C 230 -13.56 -11.60 -49.30
CA GLN C 230 -14.84 -11.16 -49.84
C GLN C 230 -15.17 -9.76 -49.36
N ASN C 231 -14.78 -9.44 -48.12
CA ASN C 231 -14.99 -8.10 -47.61
C ASN C 231 -14.15 -7.10 -48.38
N GLN C 232 -12.90 -7.45 -48.68
CA GLN C 232 -12.08 -6.59 -49.52
C GLN C 232 -12.69 -6.43 -50.93
N TRP C 233 -13.14 -7.54 -51.49
CA TRP C 233 -13.76 -7.49 -52.82
C TRP C 233 -14.99 -6.60 -52.84
N LYS C 234 -15.82 -6.73 -51.80
CA LYS C 234 -17.03 -5.90 -51.68
C LYS C 234 -16.71 -4.41 -51.65
N GLN C 235 -15.69 -4.05 -50.87
CA GLN C 235 -15.24 -2.66 -50.78
C GLN C 235 -14.77 -2.17 -52.15
N ALA C 236 -14.28 -3.10 -52.96
CA ALA C 236 -13.80 -2.77 -54.29
C ALA C 236 -14.90 -2.96 -55.34
N GLY C 237 -16.13 -3.18 -54.87
CA GLY C 237 -17.28 -3.18 -55.74
C GLY C 237 -17.61 -4.52 -56.37
N SER C 238 -17.21 -5.62 -55.72
CA SER C 238 -17.52 -6.95 -56.23
C SER C 238 -18.14 -7.85 -55.17
N ASP C 239 -19.29 -8.45 -55.50
CA ASP C 239 -20.03 -9.28 -54.56
C ASP C 239 -19.77 -10.77 -54.75
N ARG C 240 -18.88 -11.13 -55.67
CA ARG C 240 -18.63 -12.53 -55.97
C ARG C 240 -18.01 -13.31 -54.82
N PRO C 241 -18.35 -14.60 -54.72
CA PRO C 241 -17.78 -15.45 -53.67
C PRO C 241 -16.40 -15.98 -54.06
N PHE C 242 -15.53 -16.14 -53.07
CA PHE C 242 -14.22 -16.72 -53.29
C PHE C 242 -14.34 -18.24 -53.31
N THR C 243 -13.74 -18.88 -54.30
CA THR C 243 -13.67 -20.34 -54.35
C THR C 243 -12.26 -20.79 -54.76
N LEU C 244 -12.05 -22.11 -54.82
CA LEU C 244 -10.77 -22.64 -55.29
C LEU C 244 -10.38 -22.13 -56.68
N ASP C 245 -11.36 -21.69 -57.47
CA ASP C 245 -11.09 -21.14 -58.81
C ASP C 245 -10.25 -19.88 -58.72
N ASP C 246 -10.27 -19.26 -57.55
CA ASP C 246 -9.55 -18.00 -57.36
C ASP C 246 -8.12 -18.23 -56.87
N LEU C 247 -7.72 -19.49 -56.73
CA LEU C 247 -6.35 -19.84 -56.35
C LEU C 247 -5.72 -20.54 -57.53
N GLN C 248 -4.52 -20.12 -57.94
CA GLN C 248 -3.85 -20.84 -59.03
C GLN C 248 -3.08 -22.05 -58.47
N TYR C 249 -2.61 -21.91 -57.24
CA TYR C 249 -1.87 -22.96 -56.56
C TYR C 249 -2.33 -22.99 -55.12
N MET C 250 -2.21 -24.16 -54.49
CA MET C 250 -2.68 -24.29 -53.11
C MET C 250 -1.74 -25.27 -52.41
N ILE C 251 -1.04 -24.78 -51.39
CA ILE C 251 -0.04 -25.60 -50.69
C ILE C 251 -0.41 -25.74 -49.21
N PHE C 252 0.05 -26.84 -48.60
CA PHE C 252 -0.43 -27.24 -47.30
C PHE C 252 0.69 -27.76 -46.43
N HIS C 253 0.56 -27.59 -45.11
CA HIS C 253 1.34 -28.42 -44.21
C HIS C 253 1.06 -29.87 -44.57
N THR C 254 2.11 -30.66 -44.76
CA THR C 254 1.96 -32.01 -45.33
C THR C 254 2.51 -33.08 -44.41
N PRO C 255 1.65 -33.64 -43.55
CA PRO C 255 2.12 -34.71 -42.66
C PRO C 255 2.37 -36.00 -43.45
N PHE C 256 1.63 -36.14 -44.56
CA PHE C 256 1.85 -37.18 -45.57
C PHE C 256 0.99 -36.80 -46.77
N CYS C 257 1.34 -37.28 -47.96
CA CYS C 257 0.76 -36.75 -49.19
C CYS C 257 -0.74 -37.03 -49.33
N LYS C 258 -1.19 -38.20 -48.88
CA LYS C 258 -2.61 -38.54 -48.99
C LYS C 258 -3.47 -37.54 -48.20
N MET C 259 -2.96 -37.11 -47.05
CA MET C 259 -3.65 -36.11 -46.23
C MET C 259 -3.96 -34.87 -47.05
N VAL C 260 -3.01 -34.45 -47.87
CA VAL C 260 -3.17 -33.24 -48.63
C VAL C 260 -4.16 -33.39 -49.80
N GLN C 261 -4.13 -34.54 -50.46
CA GLN C 261 -5.13 -34.79 -51.48
C GLN C 261 -6.54 -34.73 -50.87
N LYS C 262 -6.69 -35.32 -49.71
CA LYS C 262 -7.98 -35.26 -49.02
C LYS C 262 -8.35 -33.86 -48.57
N SER C 263 -7.32 -33.07 -48.24
CA SER C 263 -7.55 -31.70 -47.77
C SER C 263 -8.03 -30.79 -48.91
N LEU C 264 -7.45 -30.96 -50.09
CA LEU C 264 -7.92 -30.17 -51.24
C LEU C 264 -9.37 -30.56 -51.54
N ALA C 265 -9.67 -31.85 -51.44
CA ALA C 265 -11.04 -32.33 -51.60
C ALA C 265 -12.00 -31.69 -50.58
N ARG C 266 -11.53 -31.54 -49.35
CA ARG C 266 -12.31 -30.94 -48.28
C ARG C 266 -12.59 -29.47 -48.59
N LEU C 267 -11.61 -28.78 -49.16
CA LEU C 267 -11.84 -27.39 -49.59
C LEU C 267 -12.90 -27.32 -50.68
N MET C 268 -12.86 -28.26 -51.61
CA MET C 268 -13.88 -28.26 -52.65
C MET C 268 -15.26 -28.49 -52.06
N PHE C 269 -15.35 -29.34 -51.03
CA PHE C 269 -16.65 -29.62 -50.43
C PHE C 269 -17.13 -28.35 -49.75
N ASN C 270 -16.21 -27.60 -49.16
CA ASN C 270 -16.49 -26.27 -48.61
CA ASN C 270 -16.58 -26.32 -48.59
C ASN C 270 -17.13 -25.36 -49.64
N ASP C 271 -16.46 -25.28 -50.79
CA ASP C 271 -16.96 -24.45 -51.90
C ASP C 271 -18.37 -24.87 -52.28
N PHE C 272 -18.58 -26.17 -52.44
CA PHE C 272 -19.86 -26.74 -52.80
C PHE C 272 -20.95 -26.37 -51.79
N LEU C 273 -20.70 -26.62 -50.51
CA LEU C 273 -21.73 -26.37 -49.51
C LEU C 273 -22.02 -24.89 -49.36
N SER C 274 -21.05 -24.05 -49.69
CA SER C 274 -21.21 -22.59 -49.60
C SER C 274 -21.86 -22.01 -50.84
N ALA C 275 -21.94 -22.80 -51.91
CA ALA C 275 -22.44 -22.30 -53.19
C ALA C 275 -23.97 -22.22 -53.25
N SER C 276 -24.45 -21.37 -54.16
CA SER C 276 -25.89 -21.24 -54.39
C SER C 276 -26.43 -22.52 -55.00
N SER C 277 -27.73 -22.75 -54.85
CA SER C 277 -28.37 -23.91 -55.44
C SER C 277 -28.03 -24.00 -56.93
N ASP C 278 -28.10 -22.86 -57.61
CA ASP C 278 -27.81 -22.82 -59.04
C ASP C 278 -26.37 -23.24 -59.33
N THR C 279 -25.43 -22.69 -58.58
CA THR C 279 -24.02 -23.02 -58.77
C THR C 279 -23.77 -24.49 -58.49
N GLN C 280 -24.43 -25.03 -57.47
CA GLN C 280 -24.30 -26.44 -57.14
C GLN C 280 -24.67 -27.31 -58.34
N THR C 281 -25.83 -27.06 -58.93
CA THR C 281 -26.30 -27.86 -60.06
C THR C 281 -25.40 -27.70 -61.29
N SER C 282 -24.91 -26.49 -61.51
CA SER C 282 -24.08 -26.22 -62.69
C SER C 282 -22.66 -26.78 -62.61
N LEU C 283 -22.00 -26.57 -61.48
CA LEU C 283 -20.57 -26.86 -61.38
C LEU C 283 -20.21 -28.10 -60.58
N TYR C 284 -21.15 -28.61 -59.79
CA TYR C 284 -20.85 -29.69 -58.85
C TYR C 284 -21.83 -30.86 -59.00
N LYS C 285 -22.13 -31.26 -60.23
CA LYS C 285 -23.14 -32.28 -60.47
C LYS C 285 -22.86 -33.56 -59.69
N GLY C 286 -21.59 -33.95 -59.61
CA GLY C 286 -21.20 -35.16 -58.91
C GLY C 286 -21.32 -35.09 -57.40
N LEU C 287 -21.58 -33.90 -56.88
CA LEU C 287 -21.68 -33.72 -55.43
C LEU C 287 -23.12 -33.49 -54.95
N GLU C 288 -24.06 -33.31 -55.87
CA GLU C 288 -25.42 -32.99 -55.49
C GLU C 288 -26.06 -34.03 -54.56
N ALA C 289 -25.66 -35.28 -54.74
CA ALA C 289 -26.19 -36.37 -53.91
C ALA C 289 -25.84 -36.18 -52.44
N PHE C 290 -24.92 -35.25 -52.17
CA PHE C 290 -24.37 -35.04 -50.82
C PHE C 290 -24.64 -33.63 -50.29
N GLY C 291 -25.56 -32.91 -50.93
CA GLY C 291 -25.87 -31.55 -50.53
C GLY C 291 -26.35 -31.37 -49.10
N GLY C 292 -26.84 -32.44 -48.48
CA GLY C 292 -27.33 -32.36 -47.11
C GLY C 292 -26.37 -32.84 -46.05
N LEU C 293 -25.13 -33.16 -46.45
CA LEU C 293 -24.15 -33.66 -45.50
C LEU C 293 -23.30 -32.56 -44.92
N LYS C 294 -22.47 -32.91 -43.94
CA LYS C 294 -21.63 -31.95 -43.23
C LYS C 294 -20.18 -32.10 -43.64
N LEU C 295 -19.40 -31.04 -43.46
CA LEU C 295 -17.97 -31.09 -43.76
C LEU C 295 -17.28 -32.28 -43.11
N GLU C 296 -17.58 -32.49 -41.83
CA GLU C 296 -16.97 -33.59 -41.08
C GLU C 296 -17.19 -34.96 -41.72
N ASP C 297 -18.24 -35.09 -42.54
CA ASP C 297 -18.56 -36.37 -43.15
C ASP C 297 -17.57 -36.82 -44.23
N THR C 298 -16.72 -35.93 -44.72
CA THR C 298 -15.75 -36.33 -45.74
C THR C 298 -14.81 -37.39 -45.17
N TYR C 299 -14.75 -37.46 -43.85
CA TYR C 299 -13.86 -38.40 -43.16
C TYR C 299 -14.53 -39.75 -42.85
N THR C 300 -15.85 -39.75 -42.76
CA THR C 300 -16.57 -40.97 -42.38
C THR C 300 -17.38 -41.59 -43.53
N ASN C 301 -17.78 -40.78 -44.50
CA ASN C 301 -18.61 -41.27 -45.60
C ASN C 301 -17.75 -41.61 -46.83
N LYS C 302 -17.70 -42.89 -47.16
CA LYS C 302 -16.80 -43.37 -48.22
C LYS C 302 -17.27 -42.96 -49.61
N ASP C 303 -18.58 -42.97 -49.83
CA ASP C 303 -19.13 -42.53 -51.11
C ASP C 303 -18.79 -41.05 -51.34
N LEU C 304 -18.93 -40.25 -50.29
CA LEU C 304 -18.62 -38.83 -50.36
C LEU C 304 -17.12 -38.59 -50.59
N ASP C 305 -16.29 -39.27 -49.81
CA ASP C 305 -14.84 -39.18 -49.95
C ASP C 305 -14.42 -39.48 -51.39
N LYS C 306 -14.94 -40.58 -51.93
CA LYS C 306 -14.60 -40.99 -53.30
C LYS C 306 -15.08 -39.98 -54.34
N ALA C 307 -16.31 -39.48 -54.16
CA ALA C 307 -16.85 -38.50 -55.09
C ALA C 307 -16.03 -37.20 -55.06
N LEU C 308 -15.58 -36.80 -53.88
CA LEU C 308 -14.80 -35.57 -53.74
C LEU C 308 -13.41 -35.71 -54.35
N LEU C 309 -12.79 -36.87 -54.14
CA LEU C 309 -11.48 -37.11 -54.72
C LEU C 309 -11.56 -37.07 -56.24
N LYS C 310 -12.61 -37.69 -56.79
CA LYS C 310 -12.83 -37.67 -58.23
C LYS C 310 -13.11 -36.25 -58.74
N ALA C 311 -14.01 -35.55 -58.07
CA ALA C 311 -14.40 -34.21 -58.49
C ALA C 311 -13.26 -33.21 -58.41
N SER C 312 -12.34 -33.40 -57.46
CA SER C 312 -11.24 -32.45 -57.23
C SER C 312 -9.92 -32.90 -57.86
N GLN C 313 -9.92 -34.01 -58.58
CA GLN C 313 -8.68 -34.57 -59.11
C GLN C 313 -7.95 -33.59 -60.03
N ASP C 314 -8.70 -32.96 -60.94
CA ASP C 314 -8.09 -32.02 -61.88
C ASP C 314 -7.47 -30.83 -61.14
N MET C 315 -8.21 -30.27 -60.19
CA MET C 315 -7.68 -29.15 -59.42
C MET C 315 -6.46 -29.57 -58.61
N PHE C 316 -6.50 -30.78 -58.05
CA PHE C 316 -5.36 -31.29 -57.31
C PHE C 316 -4.13 -31.39 -58.21
N ASP C 317 -4.30 -31.97 -59.39
CA ASP C 317 -3.21 -32.11 -60.34
C ASP C 317 -2.61 -30.77 -60.75
N LYS C 318 -3.48 -29.77 -60.93
CA LYS C 318 -3.03 -28.46 -61.41
C LYS C 318 -2.46 -27.56 -60.31
N LYS C 319 -3.08 -27.58 -59.14
CA LYS C 319 -2.80 -26.58 -58.11
C LYS C 319 -1.87 -27.06 -57.00
N THR C 320 -1.83 -28.37 -56.77
CA THR C 320 -1.25 -28.89 -55.53
C THR C 320 -0.24 -30.03 -55.69
N LYS C 321 -0.44 -30.88 -56.68
CA LYS C 321 0.38 -32.08 -56.82
C LYS C 321 1.89 -31.77 -56.89
N ALA C 322 2.27 -30.81 -57.73
CA ALA C 322 3.69 -30.51 -57.88
C ALA C 322 4.34 -30.08 -56.57
N SER C 323 3.56 -29.42 -55.72
CA SER C 323 4.09 -28.88 -54.47
C SER C 323 4.45 -29.99 -53.48
N LEU C 324 4.06 -31.23 -53.80
CA LEU C 324 4.26 -32.35 -52.87
C LEU C 324 5.55 -33.13 -53.12
N TYR C 325 6.34 -32.71 -54.09
CA TYR C 325 7.54 -33.49 -54.44
C TYR C 325 8.52 -33.69 -53.28
N LEU C 326 8.92 -32.59 -52.65
CA LEU C 326 9.84 -32.72 -51.51
C LEU C 326 9.22 -33.59 -50.42
N SER C 327 7.93 -33.36 -50.12
CA SER C 327 7.27 -34.12 -49.06
C SER C 327 7.24 -35.62 -49.34
N THR C 328 6.94 -36.01 -50.57
CA THR C 328 6.87 -37.44 -50.82
C THR C 328 8.26 -38.06 -50.77
N HIS C 329 9.29 -37.24 -51.01
CA HIS C 329 10.66 -37.75 -50.98
C HIS C 329 11.43 -37.55 -49.67
N ASN C 330 10.87 -36.78 -48.74
CA ASN C 330 11.58 -36.48 -47.50
C ASN C 330 10.71 -36.70 -46.25
N GLY C 331 9.39 -36.58 -46.40
CA GLY C 331 8.51 -36.79 -45.27
C GLY C 331 8.05 -35.51 -44.59
N ASN C 332 7.50 -35.66 -43.39
CA ASN C 332 6.99 -34.54 -42.61
C ASN C 332 8.13 -33.90 -41.86
N MET C 333 8.49 -32.67 -42.20
CA MET C 333 9.50 -31.98 -41.40
C MET C 333 8.88 -30.89 -40.56
N TYR C 334 7.64 -31.14 -40.14
CA TYR C 334 6.94 -30.30 -39.15
C TYR C 334 6.88 -28.82 -39.54
N THR C 335 7.51 -27.92 -38.77
CA THR C 335 7.31 -26.50 -39.08
C THR C 335 7.71 -26.11 -40.50
N SER C 336 8.71 -26.78 -41.06
CA SER C 336 9.14 -26.38 -42.40
C SER C 336 8.45 -27.16 -43.53
N SER C 337 7.49 -28.01 -43.19
CA SER C 337 6.84 -28.83 -44.20
C SER C 337 6.14 -27.95 -45.25
N LEU C 338 5.32 -27.02 -44.79
CA LEU C 338 4.60 -26.13 -45.70
C LEU C 338 5.57 -25.39 -46.61
N TYR C 339 6.69 -24.95 -46.04
CA TYR C 339 7.63 -24.14 -46.80
C TYR C 339 8.47 -24.97 -47.75
N GLY C 340 8.61 -26.26 -47.44
CA GLY C 340 9.18 -27.20 -48.37
C GLY C 340 8.25 -27.40 -49.57
N CYS C 341 6.95 -27.33 -49.33
CA CYS C 341 5.99 -27.43 -50.42
C CYS C 341 6.06 -26.19 -51.31
N LEU C 342 6.29 -25.03 -50.69
CA LEU C 342 6.48 -23.82 -51.48
C LEU C 342 7.72 -23.97 -52.36
N ALA C 343 8.79 -24.51 -51.79
CA ALA C 343 10.02 -24.74 -52.55
C ALA C 343 9.76 -25.70 -53.71
N SER C 344 8.98 -26.74 -53.46
CA SER C 344 8.67 -27.72 -54.51
C SER C 344 7.87 -27.07 -55.63
N LEU C 345 6.93 -26.21 -55.27
CA LEU C 345 6.13 -25.49 -56.25
C LEU C 345 7.04 -24.67 -57.15
N LEU C 346 7.93 -23.90 -56.54
CA LEU C 346 8.86 -23.04 -57.27
C LEU C 346 9.79 -23.87 -58.15
N SER C 347 10.14 -25.06 -57.69
CA SER C 347 11.07 -25.90 -58.44
CA SER C 347 11.08 -25.89 -58.44
C SER C 347 10.45 -26.48 -59.71
N HIS C 348 9.14 -26.68 -59.69
CA HIS C 348 8.43 -27.33 -60.79
C HIS C 348 8.04 -26.37 -61.91
N HIS C 349 7.66 -25.15 -61.55
CA HIS C 349 7.09 -24.20 -62.50
C HIS C 349 8.09 -23.16 -62.92
N SER C 350 7.93 -22.63 -64.14
CA SER C 350 8.74 -21.52 -64.58
C SER C 350 8.22 -20.22 -63.94
N ALA C 351 9.07 -19.20 -63.93
CA ALA C 351 8.66 -17.88 -63.47
C ALA C 351 7.48 -17.35 -64.30
N GLN C 352 7.53 -17.58 -65.61
CA GLN C 352 6.46 -17.14 -66.48
C GLN C 352 5.11 -17.80 -66.13
N GLU C 353 5.16 -19.08 -65.75
CA GLU C 353 3.94 -19.78 -65.35
C GLU C 353 3.36 -19.22 -64.06
N LEU C 354 4.23 -18.88 -63.12
CA LEU C 354 3.79 -18.42 -61.80
C LEU C 354 3.36 -16.96 -61.80
N ALA C 355 3.90 -16.19 -62.75
CA ALA C 355 3.72 -14.75 -62.74
C ALA C 355 2.26 -14.33 -62.58
N GLY C 356 2.02 -13.43 -61.62
CA GLY C 356 0.72 -12.83 -61.41
C GLY C 356 -0.30 -13.69 -60.68
N SER C 357 0.10 -14.91 -60.29
CA SER C 357 -0.84 -15.85 -59.71
C SER C 357 -1.07 -15.64 -58.21
N ARG C 358 -2.09 -16.31 -57.70
CA ARG C 358 -2.33 -16.36 -56.27
C ARG C 358 -2.00 -17.77 -55.76
N ILE C 359 -1.16 -17.83 -54.75
CA ILE C 359 -0.82 -19.09 -54.10
C ILE C 359 -1.48 -19.14 -52.72
N GLY C 360 -2.42 -20.05 -52.53
CA GLY C 360 -3.01 -20.19 -51.20
C GLY C 360 -2.14 -21.10 -50.35
N ALA C 361 -2.16 -20.90 -49.03
CA ALA C 361 -1.30 -21.65 -48.12
C ALA C 361 -2.05 -21.97 -46.85
N PHE C 362 -2.00 -23.23 -46.41
CA PHE C 362 -2.59 -23.61 -45.14
C PHE C 362 -1.55 -24.16 -44.19
N SER C 363 -1.41 -23.50 -43.04
CA SER C 363 -0.45 -23.92 -42.03
C SER C 363 -1.21 -24.43 -40.80
N TYR C 364 -0.82 -25.61 -40.31
CA TYR C 364 -1.47 -26.22 -39.16
C TYR C 364 -0.41 -26.60 -38.14
N GLY C 365 -0.73 -26.46 -36.85
CA GLY C 365 0.07 -27.07 -35.81
C GLY C 365 -0.88 -27.68 -34.80
N SER C 366 -0.64 -28.93 -34.42
CA SER C 366 -1.52 -29.58 -33.45
C SER C 366 -1.61 -28.81 -32.14
N GLY C 367 -2.72 -28.96 -31.45
CA GLY C 367 -2.82 -28.34 -30.13
C GLY C 367 -3.91 -27.31 -29.83
N LEU C 368 -4.40 -26.50 -30.77
CA LEU C 368 -3.93 -26.38 -32.14
C LEU C 368 -3.89 -24.89 -32.53
N ALA C 369 -3.08 -24.56 -33.52
CA ALA C 369 -3.03 -23.21 -34.09
C ALA C 369 -2.95 -23.36 -35.61
N ALA C 370 -3.73 -22.57 -36.35
CA ALA C 370 -3.74 -22.74 -37.81
C ALA C 370 -4.06 -21.42 -38.49
N SER C 371 -3.51 -21.25 -39.70
CA SER C 371 -3.84 -20.08 -40.51
C SER C 371 -3.89 -20.46 -41.98
N PHE C 372 -4.86 -19.88 -42.69
CA PHE C 372 -4.93 -19.97 -44.16
C PHE C 372 -4.61 -18.56 -44.66
N PHE C 373 -3.64 -18.45 -45.55
CA PHE C 373 -3.24 -17.13 -46.06
C PHE C 373 -2.80 -17.29 -47.52
N SER C 374 -2.30 -16.21 -48.13
CA SER C 374 -1.95 -16.33 -49.54
C SER C 374 -0.85 -15.38 -49.96
N PHE C 375 -0.22 -15.70 -51.09
CA PHE C 375 0.80 -14.86 -51.70
C PHE C 375 0.32 -14.42 -53.06
N ARG C 376 0.69 -13.20 -53.44
CA ARG C 376 0.49 -12.77 -54.82
C ARG C 376 1.86 -12.76 -55.50
N VAL C 377 1.98 -13.46 -56.61
CA VAL C 377 3.25 -13.54 -57.33
C VAL C 377 3.40 -12.34 -58.25
N SER C 378 4.60 -11.75 -58.28
CA SER C 378 4.90 -10.62 -59.17
C SER C 378 4.53 -10.93 -60.64
N GLN C 379 4.16 -9.89 -61.37
CA GLN C 379 3.94 -10.01 -62.82
C GLN C 379 5.24 -10.08 -63.60
N ASP C 380 6.34 -9.66 -62.97
CA ASP C 380 7.62 -9.58 -63.68
C ASP C 380 8.36 -10.92 -63.65
N ALA C 381 8.44 -11.57 -64.81
CA ALA C 381 9.09 -12.87 -64.89
C ALA C 381 10.27 -12.84 -65.85
N ALA C 382 10.75 -11.65 -66.16
CA ALA C 382 11.88 -11.49 -67.07
C ALA C 382 13.13 -12.14 -66.47
N PRO C 383 14.06 -12.57 -67.33
CA PRO C 383 15.33 -13.12 -66.82
C PRO C 383 16.01 -12.11 -65.91
N GLY C 384 16.48 -12.57 -64.75
CA GLY C 384 17.16 -11.68 -63.82
C GLY C 384 16.24 -10.94 -62.89
N SER C 385 14.92 -11.07 -63.09
CA SER C 385 13.95 -10.49 -62.17
C SER C 385 14.00 -11.18 -60.81
N PRO C 386 13.49 -10.52 -59.76
CA PRO C 386 13.45 -11.15 -58.44
C PRO C 386 12.74 -12.50 -58.50
N LEU C 387 11.69 -12.60 -59.30
CA LEU C 387 10.94 -13.85 -59.39
C LEU C 387 11.78 -14.93 -60.06
N ASP C 388 12.44 -14.55 -61.15
CA ASP C 388 13.31 -15.49 -61.87
C ASP C 388 14.42 -16.01 -60.97
N LYS C 389 15.03 -15.11 -60.20
CA LYS C 389 16.08 -15.48 -59.26
C LYS C 389 15.56 -16.47 -58.22
N LEU C 390 14.38 -16.20 -57.67
CA LEU C 390 13.81 -17.07 -56.66
C LEU C 390 13.50 -18.46 -57.24
N VAL C 391 12.84 -18.47 -58.38
CA VAL C 391 12.48 -19.74 -59.02
C VAL C 391 13.73 -20.54 -59.37
N SER C 392 14.69 -19.88 -60.02
CA SER C 392 15.93 -20.54 -60.41
CA SER C 392 15.94 -20.51 -60.41
C SER C 392 16.67 -21.16 -59.23
N SER C 393 16.62 -20.51 -58.07
CA SER C 393 17.30 -21.02 -56.89
C SER C 393 16.76 -22.35 -56.39
N THR C 394 15.59 -22.75 -56.88
CA THR C 394 14.98 -24.00 -56.43
C THR C 394 15.02 -25.09 -57.47
N SER C 395 15.52 -24.77 -58.66
CA SER C 395 15.40 -25.70 -59.78
C SER C 395 16.12 -27.03 -59.58
N ASP C 396 17.18 -27.04 -58.79
CA ASP C 396 17.94 -28.26 -58.59
C ASP C 396 17.44 -29.14 -57.45
N LEU C 397 16.27 -28.83 -56.91
CA LEU C 397 15.75 -29.58 -55.77
C LEU C 397 15.69 -31.10 -56.01
N PRO C 398 15.10 -31.55 -57.13
CA PRO C 398 15.10 -33.00 -57.38
C PRO C 398 16.50 -33.61 -57.51
N LYS C 399 17.44 -32.92 -58.15
CA LYS C 399 18.80 -33.41 -58.22
C LYS C 399 19.41 -33.54 -56.82
N ARG C 400 19.15 -32.56 -55.97
CA ARG C 400 19.67 -32.60 -54.60
C ARG C 400 19.09 -33.77 -53.83
N LEU C 401 17.79 -33.99 -53.96
CA LEU C 401 17.16 -35.13 -53.31
C LEU C 401 17.76 -36.44 -53.80
N ALA C 402 18.03 -36.52 -55.11
CA ALA C 402 18.56 -37.74 -55.70
C ALA C 402 19.98 -38.04 -55.24
N SER C 403 20.69 -37.02 -54.76
CA SER C 403 22.08 -37.20 -54.35
C SER C 403 22.22 -37.81 -52.95
N ARG C 404 21.10 -37.99 -52.26
CA ARG C 404 21.11 -38.60 -50.93
C ARG C 404 21.40 -40.10 -51.05
N LYS C 405 21.77 -40.71 -49.94
CA LYS C 405 22.07 -42.13 -49.85
C LYS C 405 20.89 -42.89 -49.26
N CYS C 406 20.50 -43.98 -49.90
CA CYS C 406 19.46 -44.85 -49.38
CA CYS C 406 19.46 -44.85 -49.37
C CYS C 406 20.04 -45.71 -48.26
N VAL C 407 19.34 -45.79 -47.15
CA VAL C 407 19.78 -46.61 -46.01
C VAL C 407 18.74 -47.71 -45.79
N SER C 408 19.19 -48.93 -45.47
CA SER C 408 18.25 -50.03 -45.21
C SER C 408 17.38 -49.72 -44.01
N PRO C 409 16.16 -50.29 -43.98
CA PRO C 409 15.28 -50.13 -42.82
C PRO C 409 15.95 -50.65 -41.53
N GLU C 410 16.77 -51.69 -41.64
CA GLU C 410 17.48 -52.20 -40.48
C GLU C 410 18.43 -51.15 -39.89
N GLU C 411 19.24 -50.54 -40.75
CA GLU C 411 20.19 -49.54 -40.26
C GLU C 411 19.49 -48.25 -39.82
N PHE C 412 18.41 -47.90 -40.53
CA PHE C 412 17.58 -46.76 -40.15
C PHE C 412 17.06 -46.96 -38.73
N THR C 413 16.58 -48.17 -38.45
CA THR C 413 16.03 -48.49 -37.14
C THR C 413 17.11 -48.40 -36.06
N GLU C 414 18.31 -48.90 -36.35
CA GLU C 414 19.43 -48.79 -35.44
C GLU C 414 19.74 -47.33 -35.14
N ILE C 415 19.72 -46.49 -36.18
CA ILE C 415 19.98 -45.06 -35.99
C ILE C 415 18.90 -44.39 -35.14
N MET C 416 17.64 -44.78 -35.34
CA MET C 416 16.56 -44.27 -34.50
C MET C 416 16.75 -44.70 -33.05
N ASN C 417 17.11 -45.96 -32.85
CA ASN C 417 17.36 -46.47 -31.51
C ASN C 417 18.50 -45.71 -30.84
N GLN C 418 19.51 -45.37 -31.63
CA GLN C 418 20.63 -44.59 -31.14
C GLN C 418 20.19 -43.20 -30.71
N ARG C 419 19.23 -42.61 -31.43
CA ARG C 419 18.70 -41.30 -31.00
C ARG C 419 18.12 -41.40 -29.59
N GLU C 420 17.42 -42.49 -29.31
CA GLU C 420 16.84 -42.69 -27.98
C GLU C 420 17.93 -42.84 -26.94
N GLN C 421 18.97 -43.62 -27.27
CA GLN C 421 20.05 -43.89 -26.32
C GLN C 421 20.84 -42.64 -25.96
N PHE C 422 21.05 -41.76 -26.93
CA PHE C 422 21.93 -40.61 -26.74
C PHE C 422 21.19 -39.34 -26.34
N TYR C 423 19.86 -39.40 -26.33
CA TYR C 423 19.03 -38.21 -26.13
C TYR C 423 19.51 -37.31 -24.99
N HIS C 424 19.80 -37.94 -23.85
CA HIS C 424 20.13 -37.20 -22.64
C HIS C 424 21.62 -37.24 -22.29
N LYS C 425 22.42 -37.91 -23.09
CA LYS C 425 23.83 -38.12 -22.77
C LYS C 425 24.62 -36.82 -22.72
N VAL C 426 25.65 -36.80 -21.88
CA VAL C 426 26.58 -35.68 -21.85
C VAL C 426 28.01 -36.18 -21.99
N ASN C 427 28.94 -35.26 -22.17
CA ASN C 427 30.35 -35.59 -22.30
C ASN C 427 30.58 -36.65 -23.38
N PHE C 428 30.14 -36.38 -24.61
CA PHE C 428 30.36 -37.32 -25.69
C PHE C 428 30.38 -36.64 -27.06
N SER C 429 30.98 -37.32 -28.03
CA SER C 429 30.99 -36.86 -29.41
C SER C 429 30.11 -37.79 -30.23
N PRO C 430 29.07 -37.24 -30.86
CA PRO C 430 28.16 -38.07 -31.65
C PRO C 430 28.92 -38.90 -32.68
N PRO C 431 28.65 -40.20 -32.72
CA PRO C 431 29.29 -41.06 -33.71
C PRO C 431 28.76 -40.75 -35.11
N GLY C 432 29.51 -41.13 -36.13
CA GLY C 432 29.09 -40.89 -37.50
C GLY C 432 30.19 -40.24 -38.33
N ASP C 433 30.34 -40.71 -39.55
CA ASP C 433 31.36 -40.17 -40.45
C ASP C 433 30.86 -38.85 -41.04
N THR C 434 31.58 -37.77 -40.76
CA THR C 434 31.20 -36.45 -41.28
C THR C 434 31.23 -36.41 -42.81
N ASN C 435 31.92 -37.37 -43.41
CA ASN C 435 31.93 -37.50 -44.86
C ASN C 435 30.55 -37.89 -45.41
N SER C 436 29.70 -38.39 -44.53
CA SER C 436 28.34 -38.75 -44.91
C SER C 436 27.40 -37.56 -44.91
N LEU C 437 27.91 -36.40 -44.48
CA LEU C 437 27.12 -35.16 -44.49
C LEU C 437 27.34 -34.41 -45.80
N PHE C 438 26.34 -33.65 -46.24
CA PHE C 438 26.50 -32.77 -47.40
C PHE C 438 27.54 -31.72 -47.09
N PRO C 439 28.33 -31.33 -48.10
CA PRO C 439 29.27 -30.22 -47.90
C PRO C 439 28.54 -29.00 -47.35
N GLY C 440 29.16 -28.32 -46.39
CA GLY C 440 28.59 -27.11 -45.83
C GLY C 440 27.67 -27.36 -44.65
N THR C 441 27.48 -28.62 -44.29
CA THR C 441 26.57 -28.95 -43.20
C THR C 441 27.22 -28.77 -41.82
N TRP C 442 26.55 -28.02 -40.96
CA TRP C 442 26.93 -27.95 -39.55
C TRP C 442 26.50 -29.23 -38.83
N TYR C 443 27.30 -29.66 -37.86
CA TYR C 443 26.98 -30.86 -37.10
C TYR C 443 27.42 -30.74 -35.66
N LEU C 444 26.83 -31.57 -34.81
CA LEU C 444 27.15 -31.58 -33.39
C LEU C 444 28.46 -32.32 -33.18
N GLU C 445 29.47 -31.58 -32.74
CA GLU C 445 30.79 -32.14 -32.57
C GLU C 445 30.96 -32.74 -31.18
N ARG C 446 30.34 -32.11 -30.18
CA ARG C 446 30.49 -32.57 -28.82
C ARG C 446 29.46 -31.96 -27.89
N VAL C 447 28.99 -32.77 -26.95
CA VAL C 447 28.22 -32.29 -25.81
C VAL C 447 29.13 -32.43 -24.59
N ASP C 448 29.45 -31.33 -23.93
CA ASP C 448 30.41 -31.41 -22.85
C ASP C 448 29.78 -31.82 -21.53
N GLU C 449 30.59 -31.83 -20.48
CA GLU C 449 30.16 -32.29 -19.16
C GLU C 449 28.98 -31.46 -18.66
N GLN C 450 28.93 -30.21 -19.05
CA GLN C 450 27.90 -29.28 -18.59
C GLN C 450 26.74 -29.17 -19.57
N HIS C 451 26.64 -30.16 -20.46
CA HIS C 451 25.54 -30.23 -21.41
C HIS C 451 25.59 -29.09 -22.44
N ARG C 452 26.75 -28.48 -22.61
CA ARG C 452 26.92 -27.46 -23.64
C ARG C 452 27.25 -28.10 -24.99
N ARG C 453 26.54 -27.69 -26.03
CA ARG C 453 26.75 -28.28 -27.35
C ARG C 453 27.70 -27.43 -28.19
N LYS C 454 28.67 -28.09 -28.80
CA LYS C 454 29.63 -27.43 -29.67
C LYS C 454 29.44 -27.95 -31.08
N TYR C 455 29.42 -27.03 -32.05
CA TYR C 455 29.17 -27.38 -33.45
C TYR C 455 30.39 -27.13 -34.33
N ALA C 456 30.51 -27.92 -35.39
CA ALA C 456 31.54 -27.73 -36.39
C ALA C 456 30.86 -27.81 -37.76
N ARG C 457 31.58 -27.44 -38.81
CA ARG C 457 30.97 -27.40 -40.13
C ARG C 457 31.78 -28.16 -41.16
N ARG C 458 31.14 -29.05 -41.91
CA ARG C 458 31.82 -29.71 -43.01
C ARG C 458 32.09 -28.65 -44.06
N PRO C 459 33.33 -28.60 -44.56
CA PRO C 459 33.68 -27.54 -45.52
C PRO C 459 32.74 -27.50 -46.71
N VAL C 460 32.49 -26.28 -47.19
CA VAL C 460 31.92 -26.02 -48.52
C VAL C 460 30.48 -25.58 -48.48
N SER D 1 -17.20 38.86 14.61
CA SER D 1 -17.30 39.66 15.82
C SER D 1 -17.04 38.80 17.06
N MET D 2 -15.79 38.78 17.51
CA MET D 2 -15.44 38.06 18.73
C MET D 2 -16.11 38.74 19.93
N PRO D 3 -16.71 37.95 20.83
CA PRO D 3 -17.35 38.54 22.01
C PRO D 3 -16.35 39.32 22.85
N LYS D 4 -16.84 40.38 23.51
CA LYS D 4 -15.97 41.29 24.27
C LYS D 4 -15.88 40.89 25.73
N ASP D 5 -14.74 41.19 26.36
CA ASP D 5 -14.56 41.03 27.80
C ASP D 5 -14.93 39.64 28.30
N VAL D 6 -14.47 38.62 27.59
CA VAL D 6 -14.66 37.25 28.06
C VAL D 6 -13.97 37.05 29.40
N GLY D 7 -14.69 36.46 30.34
CA GLY D 7 -14.11 36.25 31.67
C GLY D 7 -15.11 35.70 32.66
N ILE D 8 -14.81 35.90 33.94
CA ILE D 8 -15.60 35.31 35.02
C ILE D 8 -16.80 36.18 35.37
N LEU D 9 -17.99 35.59 35.29
CA LEU D 9 -19.25 36.24 35.63
C LEU D 9 -19.71 35.84 37.02
N ALA D 10 -19.37 34.63 37.43
CA ALA D 10 -19.83 34.10 38.71
C ALA D 10 -18.85 33.06 39.20
N LEU D 11 -18.73 32.93 40.51
CA LEU D 11 -17.74 32.02 41.10
C LEU D 11 -18.34 31.41 42.34
N GLU D 12 -18.17 30.10 42.49
CA GLU D 12 -18.70 29.37 43.63
C GLU D 12 -17.57 28.55 44.23
N VAL D 13 -17.46 28.54 45.54
CA VAL D 13 -16.42 27.74 46.22
CA VAL D 13 -16.42 27.71 46.18
C VAL D 13 -17.07 26.72 47.15
N TYR D 14 -16.50 25.52 47.20
CA TYR D 14 -16.95 24.51 48.14
C TYR D 14 -15.75 24.00 48.94
N PHE D 15 -15.93 23.83 50.24
CA PHE D 15 -14.93 23.19 51.08
C PHE D 15 -15.63 22.35 52.11
N PRO D 16 -14.95 21.31 52.61
CA PRO D 16 -15.64 20.40 53.53
C PRO D 16 -15.96 21.04 54.89
N ALA D 17 -16.81 20.36 55.64
CA ALA D 17 -17.40 20.91 56.86
C ALA D 17 -16.58 20.64 58.12
N GLN D 18 -15.34 20.19 57.97
CA GLN D 18 -14.48 19.95 59.12
C GLN D 18 -13.03 20.29 58.79
N TYR D 19 -12.27 20.64 59.82
CA TYR D 19 -10.87 20.94 59.63
C TYR D 19 -10.11 20.45 60.84
N VAL D 20 -8.80 20.34 60.69
CA VAL D 20 -7.92 20.11 61.84
C VAL D 20 -7.12 21.40 62.11
N ASP D 21 -6.97 21.75 63.38
CA ASP D 21 -6.27 22.97 63.75
C ASP D 21 -4.76 22.77 63.70
N GLN D 22 -4.05 23.71 63.09
CA GLN D 22 -2.60 23.54 62.91
C GLN D 22 -1.83 23.60 64.23
N THR D 23 -2.26 24.43 65.17
CA THR D 23 -1.59 24.44 66.47
C THR D 23 -1.73 23.08 67.13
N ASP D 24 -2.93 22.50 67.05
CA ASP D 24 -3.17 21.16 67.60
C ASP D 24 -2.29 20.15 66.87
N LEU D 25 -2.20 20.31 65.54
CA LEU D 25 -1.44 19.37 64.73
C LEU D 25 0.05 19.43 65.09
N GLU D 26 0.54 20.63 65.40
CA GLU D 26 1.91 20.79 65.85
C GLU D 26 2.18 19.93 67.09
N LYS D 27 1.29 20.05 68.07
CA LYS D 27 1.45 19.32 69.33
C LYS D 27 1.33 17.81 69.08
N TYR D 28 0.39 17.43 68.24
CA TYR D 28 0.19 16.03 67.93
C TYR D 28 1.42 15.42 67.24
N ASN D 29 2.04 16.19 66.36
CA ASN D 29 3.21 15.72 65.61
C ASN D 29 4.51 15.93 66.39
N ASN D 30 4.38 16.48 67.60
CA ASN D 30 5.54 16.75 68.44
C ASN D 30 6.57 17.64 67.76
N VAL D 31 6.10 18.67 67.04
CA VAL D 31 7.03 19.64 66.47
C VAL D 31 7.04 20.92 67.29
N GLU D 32 8.02 21.77 67.01
CA GLU D 32 8.13 23.05 67.70
C GLU D 32 6.90 23.92 67.49
N ALA D 33 6.47 24.60 68.54
CA ALA D 33 5.34 25.51 68.41
C ALA D 33 5.63 26.53 67.30
N GLY D 34 4.65 26.72 66.42
CA GLY D 34 4.77 27.71 65.37
C GLY D 34 5.33 27.19 64.06
N LYS D 35 5.84 25.95 64.05
CA LYS D 35 6.37 25.41 62.82
C LYS D 35 5.34 25.45 61.67
N TYR D 36 4.10 25.14 61.99
CA TYR D 36 3.06 25.17 60.94
C TYR D 36 2.39 26.54 60.86
N THR D 37 2.06 27.13 62.01
CA THR D 37 1.29 28.37 61.99
C THR D 37 2.14 29.56 61.54
N VAL D 38 3.44 29.51 61.82
CA VAL D 38 4.34 30.58 61.43
C VAL D 38 5.26 30.13 60.29
N GLY D 39 5.87 28.96 60.43
CA GLY D 39 6.78 28.45 59.43
C GLY D 39 6.11 28.27 58.07
N LEU D 40 4.96 27.61 58.07
CA LEU D 40 4.20 27.41 56.83
C LEU D 40 3.17 28.51 56.63
N GLY D 41 2.79 29.19 57.71
CA GLY D 41 1.77 30.23 57.63
C GLY D 41 0.35 29.69 57.58
N GLN D 42 0.13 28.49 58.12
CA GLN D 42 -1.16 27.80 57.99
C GLN D 42 -1.91 27.77 59.32
N THR D 43 -3.23 27.94 59.27
CA THR D 43 -4.03 28.02 60.49
C THR D 43 -4.91 26.79 60.71
N ARG D 44 -5.65 26.42 59.66
CA ARG D 44 -6.52 25.25 59.71
C ARG D 44 -6.45 24.52 58.38
N MET D 45 -6.61 23.20 58.44
CA MET D 45 -6.59 22.37 57.22
C MET D 45 -7.90 21.61 57.04
N GLY D 46 -8.58 21.85 55.92
CA GLY D 46 -9.79 21.11 55.60
C GLY D 46 -9.47 19.71 55.10
N PHE D 47 -10.37 18.77 55.34
CA PHE D 47 -10.16 17.39 54.88
C PHE D 47 -11.50 16.70 54.70
N CYS D 48 -11.51 15.63 53.90
CA CYS D 48 -12.71 14.88 53.57
C CYS D 48 -12.56 13.44 54.03
N SER D 49 -13.65 12.87 54.55
CA SER D 49 -13.70 11.44 54.78
C SER D 49 -13.98 10.74 53.45
N VAL D 50 -14.04 9.41 53.48
CA VAL D 50 -14.34 8.64 52.27
C VAL D 50 -15.76 8.88 51.74
N GLN D 51 -16.57 9.57 52.53
CA GLN D 51 -17.93 9.94 52.13
C GLN D 51 -17.96 10.99 51.01
N GLU D 52 -16.84 11.66 50.81
CA GLU D 52 -16.74 12.62 49.72
C GLU D 52 -15.61 12.22 48.77
N ASP D 53 -15.81 12.45 47.48
CA ASP D 53 -14.78 12.17 46.51
C ASP D 53 -14.79 13.27 45.44
N ILE D 54 -13.91 13.15 44.45
CA ILE D 54 -13.79 14.23 43.47
C ILE D 54 -15.13 14.47 42.72
N ASN D 55 -15.88 13.41 42.45
CA ASN D 55 -17.19 13.59 41.81
C ASN D 55 -18.16 14.37 42.69
N SER D 56 -18.24 14.00 43.97
CA SER D 56 -19.20 14.65 44.85
C SER D 56 -18.81 16.10 45.10
N LEU D 57 -17.51 16.37 45.21
CA LEU D 57 -17.08 17.76 45.36
C LEU D 57 -17.55 18.58 44.17
N CYS D 58 -17.35 18.05 42.96
CA CYS D 58 -17.67 18.81 41.76
C CYS D 58 -19.20 18.92 41.58
N LEU D 59 -19.93 17.84 41.84
CA LEU D 59 -21.40 17.94 41.81
C LEU D 59 -21.89 19.04 42.75
N THR D 60 -21.32 19.06 43.95
CA THR D 60 -21.75 20.03 44.95
C THR D 60 -21.55 21.46 44.50
N VAL D 61 -20.34 21.77 44.04
CA VAL D 61 -20.05 23.16 43.71
C VAL D 61 -20.80 23.60 42.46
N VAL D 62 -20.96 22.71 41.50
CA VAL D 62 -21.70 23.07 40.29
C VAL D 62 -23.18 23.30 40.57
N GLN D 63 -23.80 22.40 41.31
CA GLN D 63 -25.23 22.54 41.56
C GLN D 63 -25.50 23.78 42.44
N ARG D 64 -24.62 24.03 43.40
CA ARG D 64 -24.76 25.21 44.26
C ARG D 64 -24.68 26.49 43.42
N LEU D 65 -23.72 26.56 42.50
CA LEU D 65 -23.62 27.71 41.61
C LEU D 65 -24.90 27.89 40.79
N MET D 66 -25.36 26.81 40.16
CA MET D 66 -26.52 26.93 39.29
CA MET D 66 -26.54 26.87 39.30
C MET D 66 -27.77 27.34 40.05
N GLU D 67 -27.93 26.80 41.25
CA GLU D 67 -29.10 27.16 42.05
C GLU D 67 -29.05 28.61 42.49
N ARG D 68 -27.88 29.08 42.90
CA ARG D 68 -27.77 30.43 43.41
C ARG D 68 -28.10 31.47 42.34
N ILE D 69 -27.60 31.26 41.12
CA ILE D 69 -27.82 32.24 40.06
C ILE D 69 -28.96 31.84 39.13
N GLN D 70 -29.65 30.76 39.49
CA GLN D 70 -30.78 30.27 38.69
C GLN D 70 -30.41 30.09 37.22
N LEU D 71 -29.30 29.39 37.00
CA LEU D 71 -28.76 29.19 35.66
C LEU D 71 -29.57 28.13 34.93
N PRO D 72 -30.12 28.49 33.76
CA PRO D 72 -30.87 27.49 32.99
C PRO D 72 -29.94 26.38 32.50
N TRP D 73 -30.42 25.14 32.52
CA TRP D 73 -29.63 24.02 32.01
C TRP D 73 -29.19 24.23 30.58
N ASP D 74 -30.03 24.89 29.79
CA ASP D 74 -29.73 25.03 28.37
C ASP D 74 -28.78 26.19 28.06
N SER D 75 -28.28 26.86 29.10
CA SER D 75 -27.44 28.04 28.89
C SER D 75 -25.95 27.71 28.91
N VAL D 76 -25.60 26.45 29.15
CA VAL D 76 -24.20 26.05 29.22
C VAL D 76 -23.78 25.23 28.00
N GLY D 77 -22.79 25.73 27.26
CA GLY D 77 -22.36 25.09 26.03
C GLY D 77 -21.02 24.38 26.16
N ARG D 78 -20.30 24.66 27.24
CA ARG D 78 -19.04 23.98 27.50
C ARG D 78 -18.91 23.79 29.00
N LEU D 79 -18.43 22.62 29.40
CA LEU D 79 -18.27 22.28 30.81
C LEU D 79 -17.07 21.37 30.92
N GLU D 80 -16.07 21.75 31.71
CA GLU D 80 -14.82 21.01 31.72
C GLU D 80 -14.19 21.04 33.09
N VAL D 81 -13.66 19.89 33.51
CA VAL D 81 -13.14 19.74 34.86
C VAL D 81 -11.61 19.65 34.86
N GLY D 82 -10.98 20.49 35.67
CA GLY D 82 -9.56 20.35 35.94
C GLY D 82 -9.39 19.73 37.32
N THR D 83 -8.56 18.69 37.39
CA THR D 83 -8.34 18.01 38.67
C THR D 83 -7.08 17.15 38.55
N GLU D 84 -6.55 16.74 39.70
CA GLU D 84 -5.52 15.70 39.71
C GLU D 84 -5.93 14.58 40.66
N THR D 85 -7.20 14.55 41.03
CA THR D 85 -7.71 13.52 41.94
C THR D 85 -8.43 12.52 41.05
N ILE D 86 -7.76 11.41 40.76
CA ILE D 86 -8.23 10.47 39.74
C ILE D 86 -8.79 9.22 40.39
N ILE D 87 -10.08 8.95 40.15
CA ILE D 87 -10.65 7.73 40.69
C ILE D 87 -11.10 6.78 39.61
N ASP D 88 -10.92 7.21 38.36
CA ASP D 88 -11.17 6.34 37.21
C ASP D 88 -10.23 6.79 36.13
N LYS D 89 -9.52 5.84 35.54
CA LYS D 89 -8.52 6.21 34.54
C LYS D 89 -9.10 6.55 33.17
N SER D 90 -10.36 6.19 32.93
CA SER D 90 -10.98 6.46 31.64
CA SER D 90 -10.94 6.52 31.63
C SER D 90 -12.17 7.41 31.71
N LYS D 91 -12.99 7.23 32.75
CA LYS D 91 -14.25 7.95 32.83
C LYS D 91 -14.10 9.31 33.49
N ALA D 92 -14.37 10.36 32.73
CA ALA D 92 -14.17 11.73 33.22
C ALA D 92 -15.21 12.17 34.24
N VAL D 93 -14.78 13.01 35.18
CA VAL D 93 -15.70 13.66 36.09
C VAL D 93 -16.80 14.37 35.31
N LYS D 94 -16.44 14.99 34.18
CA LYS D 94 -17.45 15.64 33.32
C LYS D 94 -18.65 14.74 33.04
N THR D 95 -18.41 13.45 32.80
CA THR D 95 -19.53 12.57 32.48
C THR D 95 -20.46 12.40 33.67
N VAL D 96 -19.89 12.34 34.87
CA VAL D 96 -20.70 12.26 36.07
C VAL D 96 -21.49 13.55 36.29
N LEU D 97 -20.87 14.68 35.99
CA LEU D 97 -21.56 15.96 36.11
C LEU D 97 -22.76 16.06 35.18
N MET D 98 -22.79 15.24 34.13
CA MET D 98 -23.94 15.26 33.22
C MET D 98 -25.22 14.82 33.93
N GLU D 99 -25.09 14.16 35.07
CA GLU D 99 -26.26 13.90 35.92
C GLU D 99 -27.06 15.16 36.17
N LEU D 100 -26.39 16.31 36.18
CA LEU D 100 -27.08 17.57 36.46
C LEU D 100 -27.76 18.17 35.23
N PHE D 101 -27.39 17.68 34.05
CA PHE D 101 -27.86 18.30 32.79
C PHE D 101 -28.71 17.40 31.89
N GLN D 102 -28.43 16.10 31.91
CA GLN D 102 -28.95 15.26 30.84
C GLN D 102 -30.47 15.06 30.86
N ASP D 103 -31.08 14.98 32.04
CA ASP D 103 -32.54 14.78 32.10
C ASP D 103 -33.30 15.95 31.48
N SER D 104 -32.71 17.14 31.53
CA SER D 104 -33.34 18.35 30.98
C SER D 104 -33.22 18.39 29.45
N GLY D 105 -32.42 17.50 28.89
CA GLY D 105 -32.28 17.38 27.45
C GLY D 105 -31.10 18.17 26.91
N ASN D 106 -30.26 18.67 27.79
CA ASN D 106 -29.11 19.46 27.37
C ASN D 106 -27.81 18.67 27.45
N THR D 107 -27.49 17.96 26.37
CA THR D 107 -26.31 17.10 26.39
C THR D 107 -25.26 17.52 25.37
N ASP D 108 -25.54 18.57 24.62
CA ASP D 108 -24.60 19.11 23.63
C ASP D 108 -23.66 20.08 24.33
N ILE D 109 -22.79 19.54 25.18
CA ILE D 109 -21.90 20.37 26.01
C ILE D 109 -20.46 19.93 25.81
N GLU D 110 -19.66 20.76 25.14
CA GLU D 110 -18.28 20.43 24.83
C GLU D 110 -17.45 20.36 26.12
N GLY D 111 -16.31 19.69 26.05
CA GLY D 111 -15.39 19.66 27.18
C GLY D 111 -15.38 18.31 27.90
N ILE D 112 -14.24 17.96 28.48
CA ILE D 112 -14.15 16.74 29.29
C ILE D 112 -13.36 17.02 30.56
N ASP D 113 -12.34 16.22 30.87
CA ASP D 113 -11.46 16.54 31.99
C ASP D 113 -10.09 16.87 31.45
N THR D 114 -9.31 17.62 32.21
CA THR D 114 -7.95 17.96 31.79
C THR D 114 -7.04 17.98 33.01
N THR D 115 -5.89 17.33 32.92
CA THR D 115 -5.05 17.13 34.10
C THR D 115 -3.55 17.39 33.87
N ASN D 116 -2.99 18.22 34.76
CA ASN D 116 -1.58 18.16 35.12
C ASN D 116 -1.46 18.79 36.46
N ALA D 117 -1.37 17.96 37.49
CA ALA D 117 -1.13 18.42 38.85
C ALA D 117 -2.07 19.59 39.20
N CYS D 118 -1.55 20.67 39.77
CA CYS D 118 -2.41 21.77 40.20
C CYS D 118 -2.76 22.75 39.11
N TYR D 119 -2.43 22.43 37.86
CA TYR D 119 -2.62 23.37 36.75
C TYR D 119 -3.94 23.19 35.98
N GLY D 120 -4.60 22.05 36.17
CA GLY D 120 -5.77 21.71 35.36
C GLY D 120 -6.93 22.70 35.36
N GLY D 121 -7.15 23.37 36.48
CA GLY D 121 -8.19 24.40 36.56
C GLY D 121 -7.93 25.53 35.59
N THR D 122 -6.70 26.03 35.61
CA THR D 122 -6.27 27.05 34.67
C THR D 122 -6.37 26.58 33.21
N ALA D 123 -5.95 25.34 32.95
CA ALA D 123 -6.09 24.80 31.60
C ALA D 123 -7.55 24.86 31.15
N SER D 124 -8.46 24.49 32.04
CA SER D 124 -9.88 24.52 31.72
C SER D 124 -10.37 25.95 31.50
N LEU D 125 -9.87 26.88 32.32
CA LEU D 125 -10.22 28.28 32.15
C LEU D 125 -9.76 28.80 30.79
N PHE D 126 -8.50 28.54 30.43
CA PHE D 126 -7.97 28.94 29.13
C PHE D 126 -8.77 28.30 27.97
N ASN D 127 -9.06 27.01 28.10
CA ASN D 127 -9.86 26.31 27.09
C ASN D 127 -11.25 26.95 26.92
N ALA D 128 -11.83 27.39 28.04
CA ALA D 128 -13.16 27.99 28.00
C ALA D 128 -13.13 29.31 27.27
N ALA D 129 -12.13 30.15 27.58
CA ALA D 129 -11.98 31.42 26.88
C ALA D 129 -11.67 31.19 25.40
N ASN D 130 -10.79 30.24 25.10
CA ASN D 130 -10.46 29.93 23.71
C ASN D 130 -11.73 29.55 22.93
N TRP D 131 -12.50 28.65 23.51
CA TRP D 131 -13.75 28.19 22.90
C TRP D 131 -14.70 29.36 22.62
N MET D 132 -14.88 30.21 23.64
CA MET D 132 -15.84 31.30 23.55
C MET D 132 -15.46 32.30 22.46
N GLU D 133 -14.16 32.42 22.17
CA GLU D 133 -13.69 33.37 21.17
C GLU D 133 -13.54 32.77 19.76
N SER D 134 -13.90 31.50 19.64
CA SER D 134 -13.65 30.75 18.41
C SER D 134 -14.90 30.66 17.54
N SER D 135 -14.74 30.05 16.37
CA SER D 135 -15.89 29.86 15.46
C SER D 135 -16.86 28.83 16.03
N SER D 136 -16.43 28.11 17.07
CA SER D 136 -17.29 27.08 17.65
C SER D 136 -18.19 27.59 18.75
N TRP D 137 -17.99 28.82 19.19
CA TRP D 137 -18.89 29.38 20.21
C TRP D 137 -20.31 29.45 19.67
N ASP D 138 -21.27 29.04 20.49
CA ASP D 138 -22.66 29.07 20.08
C ASP D 138 -23.51 30.01 20.93
N GLY D 139 -22.85 30.96 21.60
CA GLY D 139 -23.53 31.98 22.36
C GLY D 139 -23.78 31.63 23.81
N ARG D 140 -23.49 30.38 24.19
CA ARG D 140 -23.77 29.89 25.55
CA ARG D 140 -23.79 29.96 25.56
C ARG D 140 -22.60 30.13 26.49
N TYR D 141 -22.85 30.01 27.79
CA TYR D 141 -21.79 30.17 28.79
C TYR D 141 -20.86 28.98 28.76
N ALA D 142 -19.65 29.16 29.26
CA ALA D 142 -18.83 28.01 29.61
C ALA D 142 -18.78 27.88 31.12
N MET D 143 -18.66 26.66 31.62
CA MET D 143 -18.47 26.49 33.05
CA MET D 143 -18.52 26.43 33.04
C MET D 143 -17.18 25.75 33.31
N VAL D 144 -16.32 26.37 34.12
CA VAL D 144 -15.01 25.82 34.44
C VAL D 144 -15.10 25.27 35.85
N VAL D 145 -14.78 24.00 36.01
CA VAL D 145 -14.87 23.37 37.33
C VAL D 145 -13.51 22.81 37.69
N CYS D 146 -13.08 23.01 38.92
CA CYS D 146 -11.86 22.35 39.36
C CYS D 146 -11.98 22.01 40.82
N GLY D 147 -11.23 21.01 41.25
CA GLY D 147 -11.28 20.63 42.64
C GLY D 147 -10.36 19.45 42.87
N ASP D 148 -10.16 19.13 44.15
CA ASP D 148 -9.18 18.12 44.49
C ASP D 148 -9.28 17.79 45.96
N ILE D 149 -8.81 16.59 46.29
CA ILE D 149 -8.57 16.21 47.67
C ILE D 149 -7.07 15.98 47.82
N ALA D 150 -6.43 16.89 48.55
CA ALA D 150 -4.99 16.86 48.69
C ALA D 150 -4.61 16.21 50.01
N VAL D 151 -3.99 15.03 49.92
CA VAL D 151 -3.60 14.28 51.09
C VAL D 151 -2.19 13.74 50.94
N TYR D 152 -1.47 13.71 52.08
CA TYR D 152 -0.14 13.16 52.13
C TYR D 152 -0.06 12.14 53.25
N PRO D 153 0.95 11.25 53.20
CA PRO D 153 1.14 10.35 54.34
C PRO D 153 1.62 11.13 55.56
N SER D 154 1.57 10.52 56.73
CA SER D 154 2.13 11.14 57.92
C SER D 154 3.56 11.55 57.62
N GLY D 155 3.92 12.78 58.00
CA GLY D 155 5.23 13.31 57.65
C GLY D 155 5.16 14.80 57.39
N ASN D 156 6.24 15.37 56.85
CA ASN D 156 6.38 16.81 56.77
C ASN D 156 5.46 17.48 55.75
N ALA D 157 4.86 16.70 54.85
CA ALA D 157 3.96 17.28 53.85
C ALA D 157 2.50 17.27 54.29
N ARG D 158 2.17 16.40 55.24
CA ARG D 158 0.77 16.25 55.64
C ARG D 158 0.09 17.58 56.05
N PRO D 159 0.80 18.46 56.80
CA PRO D 159 0.16 19.73 57.15
C PRO D 159 -0.10 20.68 55.97
N THR D 160 0.30 20.30 54.75
CA THR D 160 0.09 21.17 53.58
C THR D 160 -0.94 20.59 52.61
N GLY D 161 -1.78 19.69 53.11
CA GLY D 161 -2.91 19.20 52.33
C GLY D 161 -4.12 20.11 52.42
N GLY D 162 -5.27 19.61 51.97
CA GLY D 162 -6.48 20.42 51.94
C GLY D 162 -7.48 19.80 51.00
N ALA D 163 -8.60 20.47 50.77
CA ALA D 163 -9.63 19.90 49.91
C ALA D 163 -10.67 20.94 49.56
N GLY D 164 -11.21 20.85 48.35
CA GLY D 164 -12.29 21.74 47.97
C GLY D 164 -12.48 21.78 46.47
N ALA D 165 -13.37 22.65 46.01
CA ALA D 165 -13.63 22.77 44.58
C ALA D 165 -14.16 24.15 44.28
N VAL D 166 -14.06 24.55 43.02
CA VAL D 166 -14.53 25.84 42.57
C VAL D 166 -15.21 25.68 41.23
N ALA D 167 -16.32 26.38 41.03
CA ALA D 167 -16.95 26.44 39.70
C ALA D 167 -17.02 27.89 39.29
N MET D 168 -16.67 28.17 38.04
CA MET D 168 -16.73 29.53 37.53
C MET D 168 -17.57 29.56 36.27
N LEU D 169 -18.48 30.53 36.20
CA LEU D 169 -19.25 30.75 34.98
C LEU D 169 -18.51 31.77 34.13
N ILE D 170 -18.23 31.40 32.88
CA ILE D 170 -17.47 32.22 31.95
C ILE D 170 -18.41 32.73 30.85
N GLY D 171 -18.34 34.02 30.55
CA GLY D 171 -19.15 34.58 29.49
C GLY D 171 -18.58 35.91 29.03
N PRO D 172 -19.18 36.49 27.98
CA PRO D 172 -18.85 37.82 27.49
C PRO D 172 -19.25 38.87 28.53
N LYS D 173 -18.71 40.08 28.38
CA LYS D 173 -19.09 41.20 29.24
C LYS D 173 -18.90 40.90 30.72
N ALA D 174 -17.80 40.23 31.05
CA ALA D 174 -17.57 39.80 32.43
C ALA D 174 -16.88 40.89 33.23
N PRO D 175 -17.19 40.98 34.53
CA PRO D 175 -16.58 41.96 35.41
C PRO D 175 -15.10 41.66 35.70
N LEU D 176 -14.69 40.39 35.61
CA LEU D 176 -13.27 40.01 35.64
C LEU D 176 -12.91 39.47 34.26
N ALA D 177 -12.38 40.34 33.40
CA ALA D 177 -12.10 39.95 32.01
C ALA D 177 -10.66 39.50 31.87
N LEU D 178 -10.45 38.34 31.24
CA LEU D 178 -9.09 37.90 30.98
C LEU D 178 -8.40 38.92 30.07
N GLU D 179 -7.18 39.30 30.41
CA GLU D 179 -6.47 40.25 29.56
C GLU D 179 -5.90 39.55 28.32
N ARG D 180 -6.39 39.95 27.17
CA ARG D 180 -6.14 39.19 25.94
C ARG D 180 -4.68 39.21 25.51
N GLY D 181 -4.22 38.03 25.09
CA GLY D 181 -2.86 37.88 24.61
C GLY D 181 -1.80 37.82 25.70
N LEU D 182 -2.20 37.89 26.97
CA LEU D 182 -1.22 37.96 28.06
C LEU D 182 -1.16 36.67 28.88
N ARG D 183 -0.69 35.60 28.25
CA ARG D 183 -0.44 34.36 28.97
C ARG D 183 1.03 34.03 28.88
N GLY D 184 1.74 34.17 29.99
CA GLY D 184 3.14 33.80 30.04
C GLY D 184 3.23 32.37 30.52
N THR D 185 3.51 31.44 29.61
CA THR D 185 3.45 30.03 29.93
C THR D 185 4.81 29.36 29.87
N HIS D 186 5.03 28.39 30.75
CA HIS D 186 6.27 27.64 30.75
C HIS D 186 5.97 26.21 31.19
N MET D 187 6.39 25.25 30.36
CA MET D 187 6.28 23.84 30.70
C MET D 187 7.62 23.16 30.46
N GLU D 188 7.93 22.17 31.29
CA GLU D 188 9.17 21.42 31.15
C GLU D 188 9.00 20.09 31.86
N ASN D 189 9.91 19.16 31.58
CA ASN D 189 9.84 17.82 32.13
C ASN D 189 10.61 17.70 33.45
N VAL D 190 9.88 17.64 34.57
CA VAL D 190 10.49 17.45 35.88
C VAL D 190 9.78 16.40 36.73
N TYR D 191 10.44 16.01 37.82
CA TYR D 191 9.88 15.02 38.75
C TYR D 191 9.88 15.57 40.16
N ASP D 192 9.34 16.77 40.33
CA ASP D 192 9.26 17.40 41.65
C ASP D 192 8.13 16.80 42.49
N PHE D 193 7.02 16.47 41.84
CA PHE D 193 5.84 15.93 42.51
C PHE D 193 5.09 15.18 41.42
N TYR D 194 4.72 13.93 41.70
CA TYR D 194 4.07 13.09 40.70
C TYR D 194 3.36 11.94 41.41
N LYS D 195 2.46 11.27 40.72
CA LYS D 195 1.63 10.22 41.33
C LYS D 195 1.69 8.94 40.49
N PRO D 196 2.82 8.23 40.57
CA PRO D 196 3.07 7.04 39.75
C PRO D 196 2.61 5.75 40.41
N ASN D 197 2.29 5.82 41.69
CA ASN D 197 1.73 4.67 42.41
C ASN D 197 0.23 4.69 42.28
N LEU D 198 -0.28 3.98 41.27
CA LEU D 198 -1.64 4.23 40.81
C LEU D 198 -2.69 3.89 41.86
N ALA D 199 -2.33 2.94 42.72
CA ALA D 199 -3.24 2.48 43.77
C ALA D 199 -3.06 3.22 45.10
N SER D 200 -2.21 4.24 45.12
CA SER D 200 -2.07 5.07 46.32
C SER D 200 -2.56 6.48 46.04
N GLU D 201 -3.24 7.09 47.02
CA GLU D 201 -3.65 8.48 46.86
C GLU D 201 -2.46 9.42 46.97
N TYR D 202 -1.36 8.92 47.49
CA TYR D 202 -0.23 9.79 47.83
C TYR D 202 0.75 9.99 46.70
N PRO D 203 1.23 11.22 46.53
CA PRO D 203 2.26 11.51 45.55
C PRO D 203 3.65 11.15 46.07
N ILE D 204 4.59 11.01 45.15
CA ILE D 204 5.99 11.06 45.49
C ILE D 204 6.38 12.53 45.36
N VAL D 205 6.95 13.08 46.41
CA VAL D 205 7.29 14.49 46.38
C VAL D 205 8.68 14.74 46.92
N ASP D 206 9.46 15.54 46.19
CA ASP D 206 10.72 16.06 46.67
C ASP D 206 10.43 17.51 47.06
N GLY D 207 10.25 17.75 48.36
CA GLY D 207 9.81 19.05 48.83
C GLY D 207 10.66 20.20 48.34
N LYS D 208 11.96 20.13 48.57
CA LYS D 208 12.88 21.18 48.16
C LYS D 208 12.83 21.42 46.65
N LEU D 209 12.83 20.34 45.89
CA LEU D 209 12.80 20.45 44.44
C LEU D 209 11.51 21.09 43.97
N SER D 210 10.38 20.73 44.60
CA SER D 210 9.08 21.29 44.22
C SER D 210 9.05 22.81 44.43
N ILE D 211 9.68 23.26 45.50
CA ILE D 211 9.76 24.69 45.77
C ILE D 211 10.63 25.38 44.72
N GLN D 212 11.77 24.79 44.40
CA GLN D 212 12.64 25.33 43.36
C GLN D 212 11.95 25.38 42.00
N CYS D 213 11.20 24.33 41.67
CA CYS D 213 10.53 24.28 40.37
C CYS D 213 9.40 25.29 40.27
N TYR D 214 8.63 25.45 41.35
CA TYR D 214 7.59 26.46 41.42
C TYR D 214 8.20 27.84 41.14
N LEU D 215 9.32 28.13 41.81
CA LEU D 215 9.93 29.44 41.67
C LEU D 215 10.57 29.66 40.31
N ARG D 216 11.19 28.61 39.75
CA ARG D 216 11.75 28.75 38.42
C ARG D 216 10.65 28.97 37.39
N ALA D 217 9.56 28.22 37.51
CA ALA D 217 8.43 28.42 36.63
C ALA D 217 7.88 29.84 36.77
N LEU D 218 7.83 30.34 38.00
CA LEU D 218 7.38 31.72 38.23
C LEU D 218 8.28 32.72 37.49
N ASP D 219 9.58 32.56 37.61
CA ASP D 219 10.52 33.41 36.87
C ASP D 219 10.21 33.41 35.38
N ARG D 220 10.10 32.21 34.81
CA ARG D 220 9.92 32.05 33.37
C ARG D 220 8.59 32.64 32.91
N CYS D 221 7.52 32.36 33.66
CA CYS D 221 6.20 32.86 33.30
C CYS D 221 6.10 34.38 33.42
N TYR D 222 6.70 34.94 34.46
CA TYR D 222 6.68 36.37 34.66
C TYR D 222 7.45 37.08 33.55
N THR D 223 8.57 36.49 33.15
CA THR D 223 9.33 37.04 32.04
C THR D 223 8.54 36.99 30.73
N SER D 224 7.88 35.87 30.46
CA SER D 224 7.07 35.74 29.27
C SER D 224 5.92 36.74 29.27
N TYR D 225 5.23 36.85 30.41
CA TYR D 225 4.12 37.79 30.54
C TYR D 225 4.59 39.22 30.32
N ARG D 226 5.70 39.60 30.94
CA ARG D 226 6.21 40.95 30.80
C ARG D 226 6.56 41.26 29.34
N LYS D 227 7.17 40.31 28.66
CA LYS D 227 7.53 40.51 27.26
C LYS D 227 6.26 40.76 26.44
N LYS D 228 5.23 39.97 26.70
CA LYS D 228 4.00 40.10 25.93
C LYS D 228 3.25 41.42 26.19
N ILE D 229 3.17 41.84 27.45
CA ILE D 229 2.44 43.08 27.73
C ILE D 229 3.27 44.29 27.26
N GLN D 230 4.58 44.18 27.37
CA GLN D 230 5.46 45.26 26.90
C GLN D 230 5.34 45.41 25.39
N ASN D 231 5.17 44.30 24.68
CA ASN D 231 4.99 44.36 23.23
C ASN D 231 3.68 45.04 22.89
N GLN D 232 2.63 44.73 23.64
CA GLN D 232 1.36 45.45 23.46
C GLN D 232 1.51 46.94 23.76
N TRP D 233 2.20 47.26 24.85
CA TRP D 233 2.41 48.65 25.21
C TRP D 233 3.21 49.38 24.15
N LYS D 234 4.22 48.71 23.59
CA LYS D 234 5.06 49.32 22.55
C LYS D 234 4.23 49.65 21.30
N GLN D 235 3.37 48.71 20.91
CA GLN D 235 2.47 48.93 19.79
C GLN D 235 1.55 50.11 20.03
N ALA D 236 1.24 50.35 21.30
CA ALA D 236 0.38 51.48 21.68
C ALA D 236 1.20 52.73 21.95
N GLY D 237 2.50 52.67 21.69
CA GLY D 237 3.37 53.84 21.80
C GLY D 237 3.98 54.08 23.16
N SER D 238 4.18 53.02 23.94
CA SER D 238 4.81 53.16 25.24
C SER D 238 5.96 52.17 25.42
N ASP D 239 7.13 52.68 25.81
CA ASP D 239 8.32 51.85 25.99
C ASP D 239 8.59 51.45 27.45
N ARG D 240 7.70 51.83 28.36
CA ARG D 240 7.92 51.58 29.78
CA ARG D 240 7.92 51.58 29.78
C ARG D 240 7.91 50.09 30.11
N PRO D 241 8.71 49.68 31.10
CA PRO D 241 8.75 48.28 31.52
C PRO D 241 7.60 47.97 32.47
N PHE D 242 7.13 46.72 32.43
CA PHE D 242 6.12 46.25 33.37
C PHE D 242 6.81 45.84 34.67
N THR D 243 6.25 46.28 35.80
CA THR D 243 6.72 45.82 37.12
C THR D 243 5.52 45.54 38.01
N LEU D 244 5.80 45.09 39.23
CA LEU D 244 4.73 44.85 40.20
C LEU D 244 3.85 46.09 40.43
N ASP D 245 4.40 47.27 40.15
CA ASP D 245 3.62 48.50 40.32
C ASP D 245 2.41 48.53 39.39
N ASP D 246 2.48 47.71 38.34
CA ASP D 246 1.42 47.68 37.34
C ASP D 246 0.33 46.66 37.67
N LEU D 247 0.47 46.00 38.81
CA LEU D 247 -0.54 45.07 39.29
C LEU D 247 -1.13 45.66 40.56
N GLN D 248 -2.46 45.72 40.66
CA GLN D 248 -3.06 46.17 41.93
C GLN D 248 -3.19 45.00 42.91
N TYR D 249 -3.37 43.80 42.37
CA TYR D 249 -3.47 42.60 43.19
C TYR D 249 -2.70 41.50 42.50
N MET D 250 -2.21 40.53 43.27
CA MET D 250 -1.43 39.43 42.70
C MET D 250 -1.74 38.18 43.49
N ILE D 251 -2.31 37.18 42.80
CA ILE D 251 -2.75 35.95 43.47
C ILE D 251 -2.02 34.75 42.88
N PHE D 252 -1.86 33.71 43.71
CA PHE D 252 -0.98 32.60 43.38
C PHE D 252 -1.60 31.26 43.72
N HIS D 253 -1.22 30.22 42.98
CA HIS D 253 -1.39 28.89 43.52
C HIS D 253 -0.68 28.84 44.88
N THR D 254 -1.39 28.38 45.90
CA THR D 254 -0.91 28.49 47.28
C THR D 254 -0.79 27.13 47.97
N PRO D 255 0.39 26.51 47.90
CA PRO D 255 0.58 25.21 48.57
C PRO D 255 0.63 25.39 50.08
N PHE D 256 1.11 26.56 50.51
CA PHE D 256 1.04 27.04 51.88
C PHE D 256 1.35 28.53 51.83
N CYS D 257 0.92 29.28 52.84
CA CYS D 257 0.97 30.74 52.74
C CYS D 257 2.40 31.32 52.70
N LYS D 258 3.32 30.73 53.45
CA LYS D 258 4.71 31.24 53.43
C LYS D 258 5.29 31.18 52.01
N MET D 259 4.95 30.12 51.27
CA MET D 259 5.43 29.97 49.90
C MET D 259 5.06 31.20 49.08
N VAL D 260 3.84 31.69 49.29
CA VAL D 260 3.35 32.82 48.51
C VAL D 260 4.01 34.15 48.90
N GLN D 261 4.25 34.35 50.20
CA GLN D 261 4.99 35.53 50.61
C GLN D 261 6.38 35.55 49.95
N LYS D 262 7.03 34.39 49.92
CA LYS D 262 8.33 34.28 49.27
C LYS D 262 8.24 34.46 47.76
N SER D 263 7.11 34.06 47.18
CA SER D 263 6.92 34.16 45.74
C SER D 263 6.73 35.62 45.30
N LEU D 264 6.00 36.40 46.08
CA LEU D 264 5.87 37.81 45.76
C LEU D 264 7.24 38.46 45.87
N ALA D 265 8.01 38.07 46.87
CA ALA D 265 9.37 38.56 47.04
C ALA D 265 10.24 38.23 45.83
N ARG D 266 10.05 37.03 45.29
CA ARG D 266 10.80 36.56 44.12
C ARG D 266 10.46 37.43 42.90
N LEU D 267 9.19 37.79 42.77
CA LEU D 267 8.78 38.69 41.69
C LEU D 267 9.43 40.05 41.83
N MET D 268 9.52 40.55 43.07
CA MET D 268 10.20 41.82 43.26
C MET D 268 11.67 41.73 42.88
N PHE D 269 12.30 40.59 43.18
CA PHE D 269 13.72 40.45 42.84
C PHE D 269 13.86 40.44 41.32
N ASN D 270 12.89 39.85 40.63
CA ASN D 270 12.80 39.88 39.17
CA ASN D 270 12.91 39.88 39.19
C ASN D 270 12.80 41.32 38.67
N ASP D 271 11.90 42.10 39.24
CA ASP D 271 11.77 43.52 38.87
C ASP D 271 13.12 44.21 39.04
N PHE D 272 13.75 43.98 40.20
CA PHE D 272 15.01 44.62 40.55
C PHE D 272 16.10 44.25 39.55
N LEU D 273 16.27 42.95 39.28
CA LEU D 273 17.36 42.54 38.40
C LEU D 273 17.11 43.01 36.97
N SER D 274 15.84 43.20 36.61
CA SER D 274 15.48 43.66 35.26
C SER D 274 15.55 45.17 35.12
N ALA D 275 15.67 45.87 36.24
CA ALA D 275 15.61 47.34 36.22
C ALA D 275 16.93 47.98 35.81
N SER D 276 16.84 49.22 35.32
CA SER D 276 18.03 49.99 34.96
C SER D 276 18.83 50.30 36.21
N SER D 277 20.13 50.57 36.02
CA SER D 277 20.98 50.95 37.13
C SER D 277 20.36 52.10 37.92
N ASP D 278 19.84 53.09 37.21
CA ASP D 278 19.21 54.25 37.84
C ASP D 278 18.02 53.83 38.69
N THR D 279 17.14 53.02 38.12
CA THR D 279 15.95 52.58 38.84
C THR D 279 16.34 51.77 40.07
N GLN D 280 17.39 50.95 39.94
CA GLN D 280 17.84 50.13 41.06
C GLN D 280 18.21 51.02 42.24
N THR D 281 19.01 52.05 41.98
CA THR D 281 19.45 52.96 43.03
C THR D 281 18.28 53.74 43.64
N SER D 282 17.34 54.15 42.79
CA SER D 282 16.23 54.98 43.26
C SER D 282 15.18 54.21 44.06
N LEU D 283 14.77 53.05 43.57
CA LEU D 283 13.62 52.35 44.13
C LEU D 283 13.95 51.10 44.97
N TYR D 284 15.17 50.60 44.83
CA TYR D 284 15.53 49.33 45.46
C TYR D 284 16.79 49.43 46.30
N LYS D 285 16.90 50.49 47.10
CA LYS D 285 18.13 50.73 47.84
C LYS D 285 18.54 49.53 48.69
N GLY D 286 17.56 48.87 49.31
CA GLY D 286 17.83 47.73 50.16
C GLY D 286 18.27 46.47 49.44
N LEU D 287 18.21 46.50 48.11
CA LEU D 287 18.58 45.32 47.33
C LEU D 287 19.91 45.47 46.58
N GLU D 288 20.46 46.67 46.59
CA GLU D 288 21.67 46.94 45.81
C GLU D 288 22.83 46.03 46.18
N ALA D 289 22.87 45.62 47.44
CA ALA D 289 23.92 44.74 47.93
C ALA D 289 23.89 43.38 47.24
N PHE D 290 22.80 43.11 46.53
CA PHE D 290 22.59 41.80 45.91
C PHE D 290 22.44 41.88 44.39
N GLY D 291 22.88 42.99 43.79
CA GLY D 291 22.71 43.20 42.36
C GLY D 291 23.43 42.19 41.49
N GLY D 292 24.39 41.48 42.08
CA GLY D 292 25.17 40.51 41.32
C GLY D 292 24.70 39.08 41.48
N LEU D 293 23.61 38.89 42.22
CA LEU D 293 23.14 37.53 42.49
C LEU D 293 22.10 37.08 41.48
N LYS D 294 21.72 35.81 41.58
CA LYS D 294 20.77 35.21 40.64
C LYS D 294 19.43 34.97 41.29
N LEU D 295 18.39 34.88 40.46
CA LEU D 295 17.04 34.63 40.96
C LEU D 295 16.99 33.43 41.88
N GLU D 296 17.66 32.36 41.47
CA GLU D 296 17.68 31.14 42.25
C GLU D 296 18.21 31.33 43.68
N ASP D 297 19.01 32.37 43.89
CA ASP D 297 19.63 32.61 45.19
C ASP D 297 18.65 33.06 46.28
N THR D 298 17.43 33.45 45.91
CA THR D 298 16.48 33.88 46.93
C THR D 298 16.16 32.71 47.85
N TYR D 299 16.47 31.50 47.38
CA TYR D 299 16.18 30.27 48.12
C TYR D 299 17.35 29.81 48.99
N THR D 300 18.56 30.21 48.64
CA THR D 300 19.74 29.74 49.36
C THR D 300 20.42 30.83 50.20
N ASN D 301 20.24 32.09 49.81
CA ASN D 301 20.88 33.20 50.49
C ASN D 301 19.96 33.84 51.52
N LYS D 302 20.29 33.70 52.80
CA LYS D 302 19.41 34.15 53.88
C LYS D 302 19.36 35.66 53.99
N ASP D 303 20.48 36.33 53.76
CA ASP D 303 20.50 37.78 53.79
C ASP D 303 19.59 38.32 52.70
N LEU D 304 19.66 37.70 51.53
CA LEU D 304 18.86 38.12 50.38
C LEU D 304 17.39 37.87 50.63
N ASP D 305 17.07 36.66 51.09
CA ASP D 305 15.69 36.30 51.43
C ASP D 305 15.08 37.31 52.41
N LYS D 306 15.81 37.61 53.47
CA LYS D 306 15.33 38.56 54.48
C LYS D 306 15.16 39.96 53.91
N ALA D 307 16.12 40.40 53.10
CA ALA D 307 16.04 41.73 52.52
C ALA D 307 14.83 41.84 51.57
N LEU D 308 14.56 40.77 50.82
CA LEU D 308 13.44 40.75 49.89
C LEU D 308 12.10 40.73 50.59
N LEU D 309 12.01 39.95 51.66
CA LEU D 309 10.77 39.92 52.45
C LEU D 309 10.48 41.30 53.03
N LYS D 310 11.51 41.96 53.55
CA LYS D 310 11.36 43.31 54.09
C LYS D 310 10.98 44.29 53.01
N ALA D 311 11.70 44.26 51.89
CA ALA D 311 11.46 45.19 50.79
C ALA D 311 10.07 45.03 50.17
N SER D 312 9.55 43.80 50.15
CA SER D 312 8.28 43.51 49.51
C SER D 312 7.09 43.45 50.48
N GLN D 313 7.35 43.73 51.76
CA GLN D 313 6.31 43.56 52.76
C GLN D 313 5.06 44.41 52.49
N ASP D 314 5.27 45.68 52.15
CA ASP D 314 4.15 46.57 51.86
CA ASP D 314 4.15 46.57 51.87
C ASP D 314 3.35 46.09 50.66
N MET D 315 4.04 45.70 49.59
CA MET D 315 3.34 45.21 48.40
C MET D 315 2.58 43.92 48.74
N PHE D 316 3.20 43.05 49.53
CA PHE D 316 2.52 41.82 49.94
C PHE D 316 1.24 42.15 50.72
N ASP D 317 1.33 43.06 51.68
CA ASP D 317 0.17 43.42 52.48
C ASP D 317 -0.95 44.01 51.61
N LYS D 318 -0.57 44.79 50.61
CA LYS D 318 -1.56 45.47 49.77
C LYS D 318 -2.15 44.60 48.65
N LYS D 319 -1.30 43.79 48.03
CA LYS D 319 -1.68 43.12 46.79
C LYS D 319 -2.07 41.64 46.97
N THR D 320 -1.58 41.01 48.03
CA THR D 320 -1.61 39.55 48.08
C THR D 320 -2.14 38.96 49.39
N LYS D 321 -1.88 39.62 50.51
CA LYS D 321 -2.21 39.06 51.81
C LYS D 321 -3.69 38.67 51.95
N ALA D 322 -4.59 39.56 51.54
CA ALA D 322 -6.01 39.28 51.70
C ALA D 322 -6.43 38.04 50.91
N SER D 323 -5.76 37.79 49.79
CA SER D 323 -6.14 36.67 48.94
C SER D 323 -5.84 35.32 49.59
N LEU D 324 -5.11 35.33 50.69
CA LEU D 324 -4.66 34.10 51.34
C LEU D 324 -5.59 33.59 52.44
N TYR D 325 -6.70 34.27 52.67
CA TYR D 325 -7.56 33.90 53.81
C TYR D 325 -8.07 32.46 53.71
N LEU D 326 -8.68 32.11 52.59
CA LEU D 326 -9.20 30.75 52.45
C LEU D 326 -8.06 29.73 52.59
N SER D 327 -6.92 30.01 51.95
CA SER D 327 -5.79 29.09 52.01
C SER D 327 -5.29 28.86 53.43
N THR D 328 -5.19 29.92 54.22
CA THR D 328 -4.65 29.72 55.55
C THR D 328 -5.66 28.96 56.41
N HIS D 329 -6.93 29.05 56.04
CA HIS D 329 -7.97 28.37 56.81
C HIS D 329 -8.41 27.01 56.27
N ASN D 330 -7.98 26.65 55.07
CA ASN D 330 -8.44 25.41 54.45
C ASN D 330 -7.28 24.56 53.91
N GLY D 331 -6.17 25.20 53.55
CA GLY D 331 -5.02 24.49 53.03
C GLY D 331 -4.92 24.48 51.52
N ASN D 332 -4.10 23.57 51.00
CA ASN D 332 -3.86 23.45 49.57
C ASN D 332 -4.94 22.58 48.98
N MET D 333 -5.80 23.14 48.15
CA MET D 333 -6.75 22.29 47.43
C MET D 333 -6.39 22.11 45.97
N TYR D 334 -5.08 22.15 45.71
CA TYR D 334 -4.51 21.80 44.40
C TYR D 334 -5.11 22.64 43.26
N THR D 335 -5.80 22.02 42.29
CA THR D 335 -6.25 22.81 41.13
C THR D 335 -7.08 24.03 41.49
N SER D 336 -7.86 23.96 42.57
CA SER D 336 -8.72 25.09 42.88
C SER D 336 -8.10 26.07 43.87
N SER D 337 -6.84 25.85 44.25
CA SER D 337 -6.19 26.72 45.22
C SER D 337 -6.14 28.18 44.73
N LEU D 338 -5.64 28.38 43.52
CA LEU D 338 -5.52 29.72 42.97
C LEU D 338 -6.89 30.40 42.94
N TYR D 339 -7.91 29.63 42.58
CA TYR D 339 -9.24 30.20 42.42
C TYR D 339 -9.92 30.46 43.76
N GLY D 340 -9.50 29.72 44.78
CA GLY D 340 -9.90 30.03 46.14
C GLY D 340 -9.28 31.35 46.58
N CYS D 341 -8.08 31.65 46.08
CA CYS D 341 -7.43 32.91 46.41
C CYS D 341 -8.18 34.05 45.74
N LEU D 342 -8.66 33.81 44.52
CA LEU D 342 -9.47 34.81 43.84
C LEU D 342 -10.73 35.08 44.66
N ALA D 343 -11.35 34.01 45.15
CA ALA D 343 -12.54 34.16 45.98
C ALA D 343 -12.25 34.97 47.24
N SER D 344 -11.10 34.71 47.85
CA SER D 344 -10.71 35.41 49.07
C SER D 344 -10.49 36.90 48.79
N LEU D 345 -9.89 37.19 47.65
CA LEU D 345 -9.67 38.57 47.24
C LEU D 345 -10.99 39.31 47.12
N LEU D 346 -11.94 38.70 46.40
CA LEU D 346 -13.26 39.27 46.20
C LEU D 346 -13.99 39.43 47.52
N SER D 347 -13.77 38.51 48.45
CA SER D 347 -14.48 38.55 49.72
CA SER D 347 -14.49 38.56 49.71
C SER D 347 -14.01 39.71 50.61
N HIS D 348 -12.76 40.10 50.46
CA HIS D 348 -12.16 41.11 51.32
C HIS D 348 -12.42 42.54 50.87
N HIS D 349 -12.42 42.75 49.56
CA HIS D 349 -12.50 44.09 48.99
C HIS D 349 -13.89 44.43 48.51
N SER D 350 -14.22 45.71 48.52
CA SER D 350 -15.48 46.17 47.92
C SER D 350 -15.31 46.23 46.40
N ALA D 351 -16.44 46.23 45.70
CA ALA D 351 -16.45 46.40 44.26
C ALA D 351 -15.80 47.72 43.87
N GLN D 352 -16.07 48.77 44.64
CA GLN D 352 -15.46 50.07 44.35
C GLN D 352 -13.93 50.04 44.45
N GLU D 353 -13.41 49.29 45.43
CA GLU D 353 -11.97 49.16 45.56
C GLU D 353 -11.34 48.42 44.38
N LEU D 354 -12.02 47.39 43.90
CA LEU D 354 -11.48 46.55 42.84
C LEU D 354 -11.64 47.18 41.45
N ALA D 355 -12.63 48.07 41.32
CA ALA D 355 -13.01 48.60 40.02
C ALA D 355 -11.82 49.12 39.22
N GLY D 356 -11.70 48.64 37.99
CA GLY D 356 -10.70 49.15 37.06
C GLY D 356 -9.31 48.60 37.24
N SER D 357 -9.12 47.72 38.22
CA SER D 357 -7.77 47.26 38.58
C SER D 357 -7.29 46.10 37.71
N ARG D 358 -5.98 45.82 37.79
CA ARG D 358 -5.41 44.62 37.19
C ARG D 358 -5.09 43.63 38.30
N ILE D 359 -5.57 42.41 38.15
CA ILE D 359 -5.25 41.31 39.05
C ILE D 359 -4.32 40.34 38.34
N GLY D 360 -3.08 40.22 38.79
CA GLY D 360 -2.18 39.21 38.24
C GLY D 360 -2.43 37.85 38.89
N ALA D 361 -2.18 36.78 38.15
CA ALA D 361 -2.45 35.43 38.63
C ALA D 361 -1.35 34.49 38.20
N PHE D 362 -0.84 33.70 39.14
CA PHE D 362 0.14 32.68 38.77
C PHE D 362 -0.37 31.29 39.09
N SER D 363 -0.44 30.43 38.08
CA SER D 363 -0.89 29.06 38.25
C SER D 363 0.27 28.11 38.00
N TYR D 364 0.47 27.17 38.91
CA TYR D 364 1.53 26.18 38.79
C TYR D 364 0.97 24.78 38.96
N GLY D 365 1.51 23.82 38.20
CA GLY D 365 1.27 22.43 38.50
C GLY D 365 2.59 21.70 38.38
N SER D 366 2.93 20.88 39.37
CA SER D 366 4.20 20.13 39.33
C SER D 366 4.28 19.27 38.07
N GLY D 367 5.49 19.00 37.62
CA GLY D 367 5.66 18.11 36.48
C GLY D 367 6.36 18.57 35.22
N LEU D 368 6.28 19.84 34.79
CA LEU D 368 5.48 20.90 35.38
C LEU D 368 4.80 21.70 34.25
N ALA D 369 3.72 22.38 34.59
CA ALA D 369 3.04 23.29 33.67
C ALA D 369 2.67 24.55 34.46
N ALA D 370 2.90 25.73 33.88
CA ALA D 370 2.64 26.96 34.62
C ALA D 370 2.26 28.11 33.69
N SER D 371 1.42 29.02 34.18
CA SER D 371 1.08 30.22 33.41
C SER D 371 0.91 31.41 34.35
N PHE D 372 1.41 32.56 33.91
CA PHE D 372 1.16 33.84 34.59
C PHE D 372 0.24 34.60 33.65
N PHE D 373 -0.89 35.09 34.17
CA PHE D 373 -1.87 35.79 33.34
C PHE D 373 -2.55 36.86 34.18
N SER D 374 -3.54 37.55 33.62
CA SER D 374 -4.15 38.63 34.40
C SER D 374 -5.60 38.90 34.03
N PHE D 375 -6.31 39.53 34.96
CA PHE D 375 -7.69 39.98 34.73
C PHE D 375 -7.74 41.48 34.80
N ARG D 376 -8.62 42.07 33.99
CA ARG D 376 -8.92 43.48 34.14
C ARG D 376 -10.32 43.57 34.75
N VAL D 377 -10.44 44.29 35.87
CA VAL D 377 -11.73 44.43 36.55
C VAL D 377 -12.51 45.56 35.93
N SER D 378 -13.81 45.34 35.71
CA SER D 378 -14.71 46.37 35.20
C SER D 378 -14.62 47.68 36.00
N GLN D 379 -14.85 48.80 35.32
CA GLN D 379 -14.95 50.11 35.97
C GLN D 379 -16.30 50.29 36.68
N ASP D 380 -17.28 49.46 36.33
CA ASP D 380 -18.63 49.63 36.86
C ASP D 380 -18.79 48.90 38.19
N ALA D 381 -18.91 49.67 39.27
CA ALA D 381 -19.04 49.10 40.60
C ALA D 381 -20.34 49.52 41.26
N ALA D 382 -21.29 50.00 40.47
CA ALA D 382 -22.57 50.42 40.99
C ALA D 382 -23.31 49.24 41.60
N PRO D 383 -24.20 49.51 42.57
CA PRO D 383 -25.01 48.44 43.14
C PRO D 383 -25.77 47.70 42.05
N GLY D 384 -25.74 46.38 42.06
CA GLY D 384 -26.46 45.60 41.07
C GLY D 384 -25.68 45.34 39.80
N SER D 385 -24.50 45.95 39.68
CA SER D 385 -23.61 45.70 38.55
C SER D 385 -23.08 44.27 38.59
N PRO D 386 -22.60 43.76 37.45
CA PRO D 386 -22.02 42.42 37.43
C PRO D 386 -20.90 42.29 38.46
N LEU D 387 -20.08 43.33 38.61
CA LEU D 387 -18.99 43.29 39.58
C LEU D 387 -19.53 43.22 41.00
N ASP D 388 -20.51 44.07 41.30
CA ASP D 388 -21.12 44.08 42.63
C ASP D 388 -21.71 42.72 42.98
N LYS D 389 -22.41 42.12 42.01
CA LYS D 389 -22.99 40.79 42.20
C LYS D 389 -21.91 39.76 42.51
N LEU D 390 -20.83 39.78 41.74
CA LEU D 390 -19.74 38.83 41.93
C LEU D 390 -19.09 39.01 43.31
N VAL D 391 -18.75 40.24 43.65
CA VAL D 391 -18.14 40.53 44.94
C VAL D 391 -19.05 40.12 46.09
N SER D 392 -20.30 40.54 46.01
CA SER D 392 -21.27 40.23 47.06
CA SER D 392 -21.29 40.23 47.05
C SER D 392 -21.42 38.73 47.29
N SER D 393 -21.34 37.94 46.22
CA SER D 393 -21.50 36.49 46.32
C SER D 393 -20.41 35.83 47.15
N THR D 394 -19.32 36.55 47.43
CA THR D 394 -18.21 35.96 48.17
C THR D 394 -18.10 36.51 49.59
N SER D 395 -18.94 37.48 49.93
CA SER D 395 -18.78 38.22 51.18
CA SER D 395 -18.75 38.21 51.19
C SER D 395 -18.87 37.34 52.43
N ASP D 396 -19.63 36.25 52.34
CA ASP D 396 -19.82 35.41 53.52
C ASP D 396 -18.78 34.30 53.69
N LEU D 397 -17.71 34.36 52.91
CA LEU D 397 -16.69 33.31 52.96
C LEU D 397 -16.13 33.06 54.37
N PRO D 398 -15.72 34.12 55.09
CA PRO D 398 -15.24 33.88 56.45
C PRO D 398 -16.30 33.27 57.38
N LYS D 399 -17.56 33.70 57.27
CA LYS D 399 -18.62 33.11 58.07
C LYS D 399 -18.77 31.62 57.74
N ARG D 400 -18.72 31.29 56.46
CA ARG D 400 -18.82 29.89 56.04
C ARG D 400 -17.68 29.05 56.59
N LEU D 401 -16.46 29.57 56.51
CA LEU D 401 -15.33 28.87 57.10
C LEU D 401 -15.52 28.67 58.61
N ALA D 402 -16.04 29.69 59.27
CA ALA D 402 -16.20 29.63 60.73
C ALA D 402 -17.25 28.61 61.15
N SER D 403 -18.13 28.25 60.22
CA SER D 403 -19.22 27.33 60.54
C SER D 403 -18.81 25.86 60.51
N ARG D 404 -17.57 25.60 60.11
CA ARG D 404 -17.05 24.23 60.06
C ARG D 404 -16.79 23.74 61.49
N LYS D 405 -16.64 22.42 61.63
CA LYS D 405 -16.37 21.80 62.93
C LYS D 405 -14.88 21.47 63.07
N CYS D 406 -14.31 21.82 64.22
CA CYS D 406 -12.92 21.46 64.49
CA CYS D 406 -12.92 21.46 64.49
C CYS D 406 -12.85 20.00 64.91
N VAL D 407 -11.92 19.25 64.32
CA VAL D 407 -11.72 17.85 64.66
C VAL D 407 -10.34 17.66 65.26
N SER D 408 -10.22 16.84 66.31
CA SER D 408 -8.91 16.59 66.94
C SER D 408 -7.94 15.96 65.95
N PRO D 409 -6.63 16.20 66.15
CA PRO D 409 -5.63 15.56 65.30
C PRO D 409 -5.72 14.03 65.37
N GLU D 410 -6.10 13.49 66.52
CA GLU D 410 -6.29 12.05 66.64
C GLU D 410 -7.38 11.53 65.71
N GLU D 411 -8.55 12.17 65.74
CA GLU D 411 -9.66 11.73 64.89
C GLU D 411 -9.37 12.00 63.41
N PHE D 412 -8.72 13.13 63.14
CA PHE D 412 -8.30 13.47 61.78
C PHE D 412 -7.41 12.36 61.23
N THR D 413 -6.48 11.90 62.04
CA THR D 413 -5.55 10.85 61.63
C THR D 413 -6.29 9.55 61.35
N GLU D 414 -7.25 9.23 62.21
CA GLU D 414 -8.07 8.04 61.99
C GLU D 414 -8.82 8.13 60.67
N ILE D 415 -9.37 9.31 60.38
CA ILE D 415 -10.09 9.52 59.12
C ILE D 415 -9.16 9.39 57.90
N MET D 416 -7.94 9.91 58.00
CA MET D 416 -6.94 9.71 56.95
C MET D 416 -6.59 8.24 56.77
N ASN D 417 -6.43 7.52 57.88
CA ASN D 417 -6.14 6.09 57.81
C ASN D 417 -7.29 5.35 57.14
N GLN D 418 -8.50 5.80 57.43
CA GLN D 418 -9.71 5.27 56.82
CA GLN D 418 -9.70 5.26 56.82
C GLN D 418 -9.69 5.46 55.30
N ARG D 419 -9.21 6.63 54.86
CA ARG D 419 -9.10 6.87 53.42
C ARG D 419 -8.22 5.80 52.76
N GLU D 420 -7.11 5.46 53.42
CA GLU D 420 -6.21 4.44 52.90
C GLU D 420 -6.89 3.08 52.84
N GLN D 421 -7.60 2.74 53.91
CA GLN D 421 -8.24 1.44 54.02
C GLN D 421 -9.32 1.23 52.98
N PHE D 422 -10.07 2.29 52.67
CA PHE D 422 -11.23 2.18 51.80
C PHE D 422 -10.96 2.55 50.34
N TYR D 423 -9.74 2.99 50.07
CA TYR D 423 -9.38 3.50 48.74
C TYR D 423 -9.87 2.61 47.59
N HIS D 424 -9.65 1.32 47.71
CA HIS D 424 -9.92 0.37 46.62
C HIS D 424 -11.17 -0.49 46.86
N LYS D 425 -11.82 -0.30 48.00
CA LYS D 425 -12.93 -1.16 48.40
C LYS D 425 -14.12 -1.08 47.44
N VAL D 426 -14.83 -2.20 47.30
CA VAL D 426 -16.06 -2.22 46.54
C VAL D 426 -17.18 -2.78 47.40
N ASN D 427 -18.40 -2.68 46.90
CA ASN D 427 -19.57 -3.18 47.60
C ASN D 427 -19.65 -2.66 49.03
N PHE D 428 -19.66 -1.35 49.20
CA PHE D 428 -19.77 -0.77 50.53
C PHE D 428 -20.36 0.65 50.53
N SER D 429 -20.87 1.05 51.69
CA SER D 429 -21.39 2.40 51.87
C SER D 429 -20.46 3.13 52.82
N PRO D 430 -19.89 4.24 52.35
CA PRO D 430 -18.95 5.00 53.16
C PRO D 430 -19.57 5.38 54.51
N PRO D 431 -18.86 5.08 55.60
CA PRO D 431 -19.35 5.43 56.93
C PRO D 431 -19.33 6.94 57.12
N GLY D 432 -20.12 7.43 58.07
CA GLY D 432 -20.16 8.85 58.35
C GLY D 432 -21.57 9.39 58.39
N ASP D 433 -21.83 10.26 59.35
CA ASP D 433 -23.15 10.84 59.50
C ASP D 433 -23.34 11.96 58.48
N THR D 434 -24.31 11.81 57.59
CA THR D 434 -24.58 12.82 56.57
C THR D 434 -24.99 14.16 57.20
N ASN D 435 -25.41 14.13 58.45
CA ASN D 435 -25.72 15.36 59.18
C ASN D 435 -24.47 16.21 59.41
N SER D 436 -23.31 15.59 59.25
CA SER D 436 -22.05 16.30 59.41
C SER D 436 -21.63 17.03 58.14
N LEU D 437 -22.41 16.85 57.07
CA LEU D 437 -22.16 17.53 55.80
C LEU D 437 -22.95 18.83 55.74
N PHE D 438 -22.42 19.84 55.04
CA PHE D 438 -23.18 21.06 54.80
C PHE D 438 -24.43 20.74 54.00
N PRO D 439 -25.52 21.46 54.28
CA PRO D 439 -26.71 21.32 53.45
C PRO D 439 -26.37 21.49 51.98
N GLY D 440 -26.97 20.65 51.13
CA GLY D 440 -26.76 20.74 49.70
C GLY D 440 -25.54 19.98 49.21
N THR D 441 -24.84 19.30 50.10
CA THR D 441 -23.63 18.58 49.71
C THR D 441 -23.95 17.21 49.11
N TRP D 442 -23.41 16.95 47.92
CA TRP D 442 -23.44 15.60 47.36
C TRP D 442 -22.42 14.71 48.08
N TYR D 443 -22.75 13.44 48.24
CA TYR D 443 -21.85 12.52 48.90
C TYR D 443 -21.94 11.13 48.29
N LEU D 444 -20.91 10.32 48.53
CA LEU D 444 -20.85 8.97 47.99
C LEU D 444 -21.71 8.07 48.87
N GLU D 445 -22.78 7.55 48.28
CA GLU D 445 -23.73 6.74 49.02
C GLU D 445 -23.31 5.27 49.00
N ARG D 446 -22.77 4.82 47.87
CA ARG D 446 -22.40 3.43 47.75
C ARG D 446 -21.48 3.19 46.57
N VAL D 447 -20.53 2.29 46.76
CA VAL D 447 -19.73 1.74 45.67
C VAL D 447 -20.21 0.29 45.50
N ASP D 448 -20.73 -0.05 44.33
CA ASP D 448 -21.31 -1.38 44.19
C ASP D 448 -20.25 -2.43 43.84
N GLU D 449 -20.69 -3.66 43.63
CA GLU D 449 -19.79 -4.77 43.38
C GLU D 449 -18.99 -4.59 42.10
N GLN D 450 -19.50 -3.76 41.18
CA GLN D 450 -18.80 -3.51 39.92
C GLN D 450 -18.04 -2.19 39.97
N HIS D 451 -17.82 -1.68 41.17
CA HIS D 451 -17.02 -0.47 41.37
C HIS D 451 -17.72 0.77 40.83
N ARG D 452 -19.03 0.69 40.66
CA ARG D 452 -19.80 1.86 40.22
C ARG D 452 -20.20 2.70 41.44
N ARG D 453 -19.95 4.00 41.35
CA ARG D 453 -20.26 4.90 42.46
C ARG D 453 -21.62 5.56 42.31
N LYS D 454 -22.40 5.50 43.38
CA LYS D 454 -23.71 6.13 43.42
C LYS D 454 -23.69 7.28 44.42
N TYR D 455 -24.21 8.43 44.01
CA TYR D 455 -24.21 9.64 44.85
C TYR D 455 -25.62 10.03 45.29
N ALA D 456 -25.69 10.68 46.45
CA ALA D 456 -26.92 11.24 46.96
C ALA D 456 -26.61 12.64 47.44
N ARG D 457 -27.65 13.43 47.75
CA ARG D 457 -27.43 14.82 48.12
C ARG D 457 -28.12 15.16 49.42
N ARG D 458 -27.39 15.78 50.35
CA ARG D 458 -28.02 16.28 51.56
C ARG D 458 -28.92 17.44 51.15
N PRO D 459 -30.16 17.45 51.62
CA PRO D 459 -31.09 18.49 51.18
C PRO D 459 -30.56 19.89 51.41
N VAL D 460 -30.89 20.79 50.49
CA VAL D 460 -30.80 22.23 50.71
C VAL D 460 -29.65 22.88 49.94
#